data_6OHY
#
_entry.id   6OHY
#
_cell.length_a   1.00
_cell.length_b   1.00
_cell.length_c   1.00
_cell.angle_alpha   90.00
_cell.angle_beta   90.00
_cell.angle_gamma   90.00
#
_symmetry.space_group_name_H-M   'P 1'
#
loop_
_entity.id
_entity.type
_entity.pdbx_description
1 polymer 'Envelope glycoprotein gp160'
2 polymer 'Envelope glycoprotein gp160'
3 branched alpha-L-fucopyranose-(1-6)-2-acetamido-2-deoxy-beta-D-glucopyranose
4 branched 2-acetamido-2-deoxy-beta-D-glucopyranose-(1-4)-2-acetamido-2-deoxy-beta-D-glucopyranose
5 branched 2-acetamido-2-deoxy-beta-D-glucopyranose-(1-4)-[alpha-L-fucopyranose-(1-6)]2-acetamido-2-deoxy-beta-D-glucopyranose
6 branched alpha-D-mannopyranose-(1-3)-[alpha-D-mannopyranose-(1-6)]alpha-D-mannopyranose-(1-3)-[alpha-D-mannopyranose-(1-6)]beta-D-mannopyranose-(1-4)-2-acetamido-2-deoxy-beta-D-glucopyranose-(1-4)-2-acetamido-2-deoxy-beta-D-glucopyranose
7 non-polymer 2-acetamido-2-deoxy-beta-D-glucopyranose
#
loop_
_entity_poly.entity_id
_entity_poly.type
_entity_poly.pdbx_seq_one_letter_code
_entity_poly.pdbx_strand_id
1 'polypeptide(L)'
;ENWWVTVYYGVPVWREAKTTLFCASDAKSYSTEAHNIWATQACVPTDPTPQEVLLPNVTEEFNMWENYMVDQMQEDIISL
WEQSLKPCVKLTPLCVTLTCNNPTNTSCTNSTDDRLGDMRNCSFNVTTELRDKKRKVYSLFYVEDITAIGNNSTYRLINC
NTTAITQACPKTSFEPIPIHYCAPAGFALLKCNDIDYKGNETCKNVSTVHCTHGIKPVATTQLILNGSTADNQTVARIDP
SENLAIIQLKDPVKITCRRPGNNTRGQIQIGPAMTFYNIENVVGDTRKAYCEINGTQWAKALNETKEVLRNILRKNISFM
VPSGGDPEVTNHHFNCGGEFFYCNTSEIINITKINKTENMTIIPCRIRQIVNSWMRVGKGIFAPPIRGNITCTSNITGML
LEIHKNREDQGEDQDQNNTYVCLTGGNMKDIWRSELYKYKIVEIQPLGVAPTKCRRY
;
A,C,D
2 'polypeptide(L)'
;LGALFLGFLGAAGSTMGAASVVLTVQARQLLTGIVQQQNNLLRAPEAQQHLLQLSVWGIKQLQARVLAVERYLRDQQLLG
LWGCTGKTICCTAVRWNKTWGNISDYQVIWNNYTWQQWDREVNNYTGLIYTLLEEANTQQEKNEKELLELD
;
B,E,F
#
# COMPACT_ATOMS: atom_id res chain seq x y z
N GLU A 1 -28.62 -37.58 -34.52
CA GLU A 1 -28.87 -37.09 -33.18
C GLU A 1 -28.29 -35.72 -32.93
N ASN A 2 -28.83 -35.03 -31.94
CA ASN A 2 -28.23 -33.80 -31.45
C ASN A 2 -26.95 -34.17 -30.70
N TRP A 3 -25.81 -33.76 -31.25
CA TRP A 3 -24.53 -34.13 -30.65
C TRP A 3 -24.34 -33.35 -29.36
N TRP A 4 -24.26 -34.06 -28.24
CA TRP A 4 -24.40 -33.47 -26.92
C TRP A 4 -23.21 -32.58 -26.57
N VAL A 5 -23.40 -31.79 -25.52
CA VAL A 5 -22.46 -30.72 -25.17
C VAL A 5 -21.22 -31.33 -24.55
N THR A 6 -20.05 -30.92 -25.02
CA THR A 6 -18.81 -31.18 -24.31
C THR A 6 -18.21 -29.86 -23.84
N VAL A 7 -17.41 -29.96 -22.79
CA VAL A 7 -16.71 -28.83 -22.20
C VAL A 7 -15.24 -29.19 -22.15
N TYR A 8 -14.44 -28.56 -22.98
CA TYR A 8 -13.00 -28.74 -22.90
C TYR A 8 -12.43 -27.81 -21.84
N TYR A 9 -11.12 -27.85 -21.66
CA TYR A 9 -10.51 -26.82 -20.82
C TYR A 9 -9.21 -26.25 -21.37
N GLY A 10 -8.47 -26.96 -22.21
CA GLY A 10 -7.30 -26.40 -22.84
C GLY A 10 -7.67 -25.65 -24.09
N VAL A 11 -8.28 -24.48 -23.92
CA VAL A 11 -8.99 -23.83 -25.02
C VAL A 11 -8.32 -22.51 -25.38
N PRO A 12 -7.68 -22.41 -26.54
CA PRO A 12 -7.08 -21.14 -26.96
C PRO A 12 -8.04 -20.16 -27.61
N VAL A 13 -8.73 -19.34 -26.81
CA VAL A 13 -9.63 -18.31 -27.31
C VAL A 13 -9.14 -16.95 -26.84
N TRP A 14 -9.04 -16.00 -27.78
CA TRP A 14 -8.54 -14.65 -27.52
C TRP A 14 -9.67 -13.68 -27.26
N ARG A 15 -9.41 -12.74 -26.34
CA ARG A 15 -10.19 -11.52 -26.22
C ARG A 15 -9.21 -10.37 -26.00
N GLU A 16 -9.41 -9.28 -26.72
CA GLU A 16 -8.58 -8.10 -26.49
C GLU A 16 -8.97 -7.45 -25.18
N ALA A 17 -7.99 -7.20 -24.32
CA ALA A 17 -8.25 -6.63 -23.01
C ALA A 17 -7.10 -5.72 -22.61
N LYS A 18 -7.29 -5.03 -21.50
CA LYS A 18 -6.29 -4.14 -20.94
C LYS A 18 -5.99 -4.58 -19.52
N THR A 19 -4.71 -4.65 -19.18
CA THR A 19 -4.30 -5.09 -17.86
C THR A 19 -2.93 -4.50 -17.54
N THR A 20 -2.38 -4.89 -16.40
CA THR A 20 -1.13 -4.35 -15.89
C THR A 20 0.01 -5.31 -16.21
N LEU A 21 1.07 -4.80 -16.83
CA LEU A 21 2.25 -5.58 -17.14
C LEU A 21 3.23 -5.51 -15.98
N PHE A 22 4.44 -6.08 -16.15
CA PHE A 22 5.43 -6.04 -15.08
C PHE A 22 6.83 -6.19 -15.67
N CYS A 23 7.82 -6.09 -14.77
CA CYS A 23 9.23 -5.98 -15.12
C CYS A 23 9.85 -7.30 -15.58
N ALA A 24 10.90 -7.19 -16.37
CA ALA A 24 11.93 -8.23 -16.48
C ALA A 24 13.23 -7.52 -16.78
N SER A 25 14.17 -7.59 -15.85
CA SER A 25 15.44 -6.90 -15.99
C SER A 25 16.58 -7.91 -16.04
N ASP A 26 17.65 -7.54 -16.75
CA ASP A 26 18.85 -8.33 -16.71
C ASP A 26 19.52 -8.19 -15.35
N ALA A 27 20.26 -9.22 -14.95
CA ALA A 27 20.86 -9.28 -13.61
C ALA A 27 22.13 -8.45 -13.56
N LYS A 28 21.96 -7.13 -13.64
CA LYS A 28 23.05 -6.16 -13.53
C LYS A 28 22.60 -5.15 -12.48
N SER A 29 22.85 -5.46 -11.21
CA SER A 29 22.40 -4.63 -10.09
C SER A 29 23.58 -4.35 -9.18
N TYR A 30 24.10 -3.13 -9.25
CA TYR A 30 25.20 -2.69 -8.40
C TYR A 30 25.23 -1.16 -8.29
N HIS A 35 22.42 4.95 -7.43
CA HIS A 35 21.47 3.85 -7.56
C HIS A 35 20.86 3.69 -8.94
N ASN A 36 21.26 4.54 -9.90
CA ASN A 36 20.95 4.37 -11.32
C ASN A 36 19.45 4.35 -11.62
N ILE A 37 18.81 5.53 -11.62
CA ILE A 37 17.44 5.86 -11.26
C ILE A 37 16.40 4.76 -11.46
N TRP A 38 16.46 4.06 -12.60
CA TRP A 38 15.58 2.91 -12.84
C TRP A 38 15.92 1.71 -11.96
N ALA A 39 17.10 1.73 -11.33
CA ALA A 39 17.45 1.10 -10.06
C ALA A 39 17.68 -0.41 -10.07
N THR A 40 17.23 -1.10 -11.14
CA THR A 40 17.28 -2.56 -11.28
C THR A 40 16.82 -3.24 -9.98
N GLN A 41 15.76 -2.72 -9.36
CA GLN A 41 15.47 -3.02 -7.97
C GLN A 41 13.96 -2.98 -7.79
N ALA A 42 13.47 -3.93 -6.97
CA ALA A 42 12.06 -4.33 -6.93
C ALA A 42 11.54 -4.60 -8.33
N CYS A 43 12.35 -5.31 -9.12
CA CYS A 43 12.12 -5.48 -10.54
C CYS A 43 12.49 -6.93 -10.81
N VAL A 44 11.62 -7.63 -11.53
CA VAL A 44 11.72 -9.10 -11.63
C VAL A 44 12.94 -9.46 -12.47
N PRO A 45 13.77 -10.41 -12.03
CA PRO A 45 14.88 -10.86 -12.87
C PRO A 45 14.37 -11.66 -14.06
N THR A 46 15.11 -11.59 -15.16
CA THR A 46 14.67 -12.16 -16.41
C THR A 46 14.76 -13.68 -16.38
N ASP A 47 14.01 -14.30 -17.28
CA ASP A 47 14.20 -15.73 -17.50
C ASP A 47 15.31 -15.95 -18.52
N PRO A 48 16.20 -16.91 -18.28
CA PRO A 48 17.30 -17.15 -19.22
C PRO A 48 16.86 -17.69 -20.57
N THR A 49 15.68 -18.29 -20.65
CA THR A 49 15.18 -18.82 -21.92
C THR A 49 14.12 -17.87 -22.47
N PRO A 50 14.36 -17.21 -23.60
CA PRO A 50 13.29 -16.43 -24.24
C PRO A 50 12.24 -17.36 -24.83
N GLN A 51 11.08 -17.44 -24.19
CA GLN A 51 10.07 -18.44 -24.53
C GLN A 51 9.06 -17.80 -25.48
N GLU A 52 9.08 -18.22 -26.74
CA GLU A 52 8.05 -17.84 -27.70
C GLU A 52 7.56 -19.09 -28.41
N VAL A 53 6.37 -18.98 -29.00
CA VAL A 53 5.76 -20.05 -29.79
C VAL A 53 5.16 -19.42 -31.04
N LEU A 54 5.50 -19.99 -32.20
CA LEU A 54 4.94 -19.54 -33.47
C LEU A 54 3.46 -19.87 -33.56
N LEU A 55 2.75 -19.15 -34.42
CA LEU A 55 1.31 -19.33 -34.59
C LEU A 55 0.95 -19.26 -36.06
N PRO A 56 1.03 -20.38 -36.78
CA PRO A 56 0.67 -20.38 -38.20
C PRO A 56 -0.83 -20.32 -38.39
N ASN A 57 -1.23 -19.95 -39.61
CA ASN A 57 -2.63 -19.74 -40.01
C ASN A 57 -3.37 -18.78 -39.08
N VAL A 58 -2.70 -17.72 -38.66
CA VAL A 58 -3.29 -16.75 -37.75
C VAL A 58 -3.33 -15.41 -38.47
N THR A 59 -4.52 -14.84 -38.58
CA THR A 59 -4.71 -13.53 -39.18
C THR A 59 -5.23 -12.60 -38.09
N GLU A 60 -4.35 -11.76 -37.55
CA GLU A 60 -4.67 -10.92 -36.40
C GLU A 60 -4.40 -9.46 -36.74
N GLU A 61 -5.38 -8.61 -36.43
CA GLU A 61 -5.27 -7.17 -36.56
C GLU A 61 -4.97 -6.56 -35.20
N PHE A 62 -4.04 -5.61 -35.16
CA PHE A 62 -3.79 -4.86 -33.95
C PHE A 62 -3.28 -3.46 -34.31
N ASN A 63 -3.72 -2.47 -33.54
CA ASN A 63 -3.53 -1.07 -33.87
C ASN A 63 -2.36 -0.50 -33.07
N MET A 64 -1.43 0.15 -33.78
CA MET A 64 -0.34 0.83 -33.11
C MET A 64 -0.81 2.07 -32.38
N TRP A 65 -1.70 2.84 -32.99
CA TRP A 65 -2.05 4.15 -32.45
C TRP A 65 -3.07 4.09 -31.32
N GLU A 66 -3.41 2.91 -30.82
CA GLU A 66 -4.29 2.78 -29.66
C GLU A 66 -3.70 1.81 -28.64
N ASN A 67 -2.38 1.66 -28.64
CA ASN A 67 -1.73 0.63 -27.84
C ASN A 67 -1.67 1.07 -26.39
N TYR A 68 -2.24 0.24 -25.50
CA TYR A 68 -2.32 0.58 -24.09
C TYR A 68 -0.98 0.48 -23.39
N MET A 69 -0.06 -0.33 -23.93
CA MET A 69 1.25 -0.52 -23.33
C MET A 69 2.06 0.76 -23.30
N VAL A 70 1.81 1.66 -24.26
CA VAL A 70 2.56 2.90 -24.33
C VAL A 70 2.19 3.81 -23.16
N ASP A 71 0.89 3.97 -22.90
CA ASP A 71 0.47 4.79 -21.78
C ASP A 71 0.82 4.14 -20.45
N GLN A 72 0.79 2.80 -20.41
CA GLN A 72 1.26 2.06 -19.23
C GLN A 72 2.72 2.40 -18.93
N MET A 73 3.56 2.37 -19.94
CA MET A 73 4.98 2.57 -19.68
C MET A 73 5.32 4.03 -19.46
N GLN A 74 4.55 4.95 -20.04
CA GLN A 74 4.72 6.36 -19.70
C GLN A 74 4.39 6.63 -18.25
N GLU A 75 3.28 6.06 -17.75
CA GLU A 75 2.94 6.23 -16.35
C GLU A 75 3.96 5.57 -15.43
N ASP A 76 4.53 4.44 -15.87
CA ASP A 76 5.60 3.79 -15.09
C ASP A 76 6.83 4.68 -14.98
N ILE A 77 7.25 5.29 -16.09
CA ILE A 77 8.45 6.12 -16.08
C ILE A 77 8.21 7.40 -15.27
N ILE A 78 7.01 7.97 -15.35
CA ILE A 78 6.73 9.19 -14.59
C ILE A 78 6.68 8.89 -13.10
N SER A 79 6.04 7.79 -12.69
CA SER A 79 6.00 7.46 -11.28
C SER A 79 7.37 7.07 -10.73
N LEU A 80 8.20 6.42 -11.56
CA LEU A 80 9.55 6.07 -11.14
C LEU A 80 10.42 7.31 -10.97
N TRP A 81 10.31 8.24 -11.93
CA TRP A 81 11.04 9.51 -11.85
C TRP A 81 10.61 10.32 -10.63
N GLU A 82 9.32 10.24 -10.28
CA GLU A 82 8.86 10.96 -9.10
C GLU A 82 9.35 10.31 -7.81
N GLN A 83 9.37 8.97 -7.77
CA GLN A 83 9.86 8.28 -6.59
C GLN A 83 11.35 8.50 -6.38
N SER A 84 12.12 8.58 -7.47
CA SER A 84 13.56 8.70 -7.35
C SER A 84 14.02 10.07 -6.86
N LEU A 85 13.21 11.11 -7.03
CA LEU A 85 13.55 12.43 -6.51
C LEU A 85 12.95 12.72 -5.15
N LYS A 86 12.25 11.75 -4.57
CA LYS A 86 11.66 11.98 -3.24
C LYS A 86 12.69 12.11 -2.12
N PRO A 87 13.65 11.19 -1.91
CA PRO A 87 14.51 11.35 -0.74
C PRO A 87 15.59 12.41 -0.89
N CYS A 88 15.77 12.99 -2.07
CA CYS A 88 16.79 14.01 -2.23
C CYS A 88 16.30 15.33 -1.62
N VAL A 89 17.23 16.26 -1.48
CA VAL A 89 16.97 17.50 -0.77
C VAL A 89 16.23 18.47 -1.68
N LYS A 90 15.34 19.27 -1.07
CA LYS A 90 14.76 20.38 -1.80
C LYS A 90 15.79 21.49 -1.97
N LEU A 91 15.51 22.39 -2.90
CA LEU A 91 16.38 23.52 -3.15
C LEU A 91 15.57 24.81 -3.04
N THR A 92 14.70 24.86 -2.03
CA THR A 92 13.87 26.03 -1.83
C THR A 92 14.63 27.28 -1.37
N PRO A 93 15.49 27.25 -0.34
CA PRO A 93 16.08 28.52 0.12
C PRO A 93 17.12 29.13 -0.81
N LEU A 94 17.41 28.52 -1.95
CA LEU A 94 18.38 29.10 -2.85
C LEU A 94 17.79 30.27 -3.65
N CYS A 95 16.47 30.37 -3.74
CA CYS A 95 15.83 31.50 -4.40
C CYS A 95 16.09 32.78 -3.63
N VAL A 96 16.98 33.63 -4.17
CA VAL A 96 17.44 34.82 -3.47
C VAL A 96 18.01 35.75 -4.52
N THR A 97 18.07 37.04 -4.21
CA THR A 97 18.66 38.01 -5.11
C THR A 97 20.14 37.74 -5.29
N LEU A 98 20.58 37.69 -6.54
CA LEU A 98 21.92 37.25 -6.88
C LEU A 98 22.73 38.44 -7.40
N THR A 99 23.86 38.71 -6.78
CA THR A 99 24.79 39.72 -7.25
C THR A 99 25.79 39.03 -8.18
N CYS A 100 25.66 39.28 -9.48
CA CYS A 100 26.41 38.53 -10.46
C CYS A 100 27.26 39.46 -11.32
N ASN A 101 28.25 38.88 -11.99
CA ASN A 101 29.08 39.56 -12.95
C ASN A 101 29.75 38.53 -13.85
N ASN A 102 30.59 39.00 -14.76
CA ASN A 102 31.43 38.11 -15.54
C ASN A 102 32.47 37.50 -14.61
N PRO A 103 32.85 36.23 -14.83
CA PRO A 103 33.77 35.55 -13.90
C PRO A 103 35.16 36.18 -13.80
N THR A 104 35.92 36.18 -14.89
CA THR A 104 37.20 36.85 -15.18
C THR A 104 37.60 36.49 -16.60
N ASN A 105 38.36 37.40 -17.21
CA ASN A 105 39.03 37.15 -18.48
C ASN A 105 40.38 37.84 -18.49
N THR A 112 35.76 33.49 -28.61
CA THR A 112 35.10 32.47 -29.40
C THR A 112 35.38 31.10 -28.80
N ASP A 113 34.31 30.31 -28.62
CA ASP A 113 34.34 28.95 -28.06
C ASP A 113 34.95 28.97 -26.65
N ASP A 114 34.25 29.67 -25.76
CA ASP A 114 34.69 29.83 -24.38
C ASP A 114 33.50 29.54 -23.48
N ARG A 115 33.62 28.53 -22.62
CA ARG A 115 32.53 28.20 -21.70
C ARG A 115 32.35 29.27 -20.64
N LEU A 116 33.42 29.99 -20.29
CA LEU A 116 33.32 31.03 -19.28
C LEU A 116 32.51 32.22 -19.75
N GLY A 117 32.41 32.44 -21.07
CA GLY A 117 31.55 33.48 -21.58
C GLY A 117 30.08 33.16 -21.40
N ASP A 118 29.73 31.89 -21.32
CA ASP A 118 28.36 31.47 -21.04
C ASP A 118 28.15 31.11 -19.59
N MET A 119 29.04 31.56 -18.71
CA MET A 119 28.88 31.35 -17.28
C MET A 119 28.99 32.68 -16.54
N ARG A 120 28.27 32.79 -15.44
CA ARG A 120 28.27 34.00 -14.63
C ARG A 120 28.71 33.64 -13.22
N ASN A 121 29.42 34.58 -12.60
CA ASN A 121 29.86 34.43 -11.22
C ASN A 121 28.91 35.19 -10.33
N CYS A 122 28.22 34.47 -9.45
CA CYS A 122 27.12 35.03 -8.67
C CYS A 122 27.39 34.81 -7.18
N SER A 123 27.49 35.90 -6.43
CA SER A 123 27.58 35.84 -4.99
C SER A 123 26.24 36.22 -4.38
N PHE A 124 25.93 35.62 -3.24
CA PHE A 124 24.62 35.80 -2.63
C PHE A 124 24.68 35.42 -1.16
N ASN A 125 23.72 35.93 -0.39
CA ASN A 125 23.58 35.59 1.01
C ASN A 125 22.71 34.35 1.18
N VAL A 126 23.22 33.37 1.92
CA VAL A 126 22.49 32.15 2.22
C VAL A 126 22.41 32.00 3.74
N THR A 127 21.29 31.47 4.21
CA THR A 127 21.14 31.19 5.64
C THR A 127 21.96 29.96 6.00
N THR A 128 22.76 30.06 7.06
CA THR A 128 23.55 28.94 7.52
C THR A 128 22.69 28.00 8.38
N GLU A 129 23.36 27.10 9.09
CA GLU A 129 22.73 26.18 10.03
C GLU A 129 22.30 26.84 11.32
N LEU A 130 22.61 28.12 11.52
CA LEU A 130 22.29 28.82 12.76
C LEU A 130 20.98 29.57 12.71
N ARG A 131 20.34 29.69 11.54
CA ARG A 131 19.06 30.35 11.29
C ARG A 131 19.06 31.85 11.56
N ASP A 132 20.18 32.42 11.94
CA ASP A 132 20.33 33.86 12.08
C ASP A 132 21.48 34.42 11.26
N LYS A 133 22.63 33.75 11.26
CA LYS A 133 23.84 34.33 10.68
C LYS A 133 23.89 33.95 9.21
N LYS A 134 23.35 34.83 8.37
CA LYS A 134 23.52 34.68 6.94
C LYS A 134 24.95 35.04 6.56
N ARG A 135 25.53 34.30 5.62
CA ARG A 135 26.86 34.59 5.14
C ARG A 135 26.86 34.67 3.62
N LYS A 136 27.91 35.27 3.09
CA LYS A 136 28.04 35.48 1.65
C LYS A 136 28.85 34.34 1.05
N VAL A 137 28.20 33.55 0.20
CA VAL A 137 28.91 32.53 -0.56
C VAL A 137 28.84 32.93 -2.02
N TYR A 138 29.49 32.17 -2.90
CA TYR A 138 29.49 32.47 -4.32
C TYR A 138 29.36 31.19 -5.11
N SER A 139 29.04 31.34 -6.38
CA SER A 139 28.76 30.20 -7.24
C SER A 139 28.99 30.61 -8.68
N LEU A 140 28.95 29.61 -9.56
CA LEU A 140 28.95 29.82 -10.99
C LEU A 140 27.66 29.23 -11.56
N PHE A 141 27.08 29.90 -12.54
CA PHE A 141 25.88 29.38 -13.17
C PHE A 141 25.91 29.68 -14.65
N TYR A 142 25.26 28.81 -15.43
CA TYR A 142 25.09 29.06 -16.84
C TYR A 142 24.01 30.11 -17.05
N VAL A 143 24.17 30.88 -18.13
CA VAL A 143 23.38 32.09 -18.33
C VAL A 143 21.93 31.75 -18.62
N GLU A 144 21.66 30.58 -19.20
CA GLU A 144 20.29 30.18 -19.49
C GLU A 144 19.54 29.65 -18.26
N ASP A 145 20.06 29.84 -17.05
CA ASP A 145 19.31 29.56 -15.83
C ASP A 145 19.16 30.79 -14.94
N ILE A 146 19.33 31.98 -15.50
CA ILE A 146 19.34 33.23 -14.75
C ILE A 146 18.65 34.31 -15.57
N THR A 147 17.70 35.01 -14.97
CA THR A 147 17.06 36.17 -15.58
C THR A 147 17.26 37.40 -14.71
N ALA A 148 16.82 38.55 -15.22
CA ALA A 148 17.17 39.85 -14.68
C ALA A 148 16.05 40.44 -13.84
N ILE A 149 16.42 41.42 -13.01
CA ILE A 149 15.45 42.21 -12.26
C ILE A 149 15.60 43.68 -12.62
N GLY A 150 16.76 44.24 -12.27
CA GLY A 150 16.97 45.66 -12.31
C GLY A 150 17.94 46.09 -13.38
N ASN A 151 18.48 47.29 -13.22
CA ASN A 151 19.34 47.90 -14.22
C ASN A 151 20.81 47.62 -13.99
N ASN A 152 21.16 46.99 -12.88
CA ASN A 152 22.48 46.41 -12.68
C ASN A 152 22.24 45.01 -12.13
N SER A 153 23.29 44.41 -11.55
CA SER A 153 23.54 42.97 -11.47
C SER A 153 22.34 42.07 -11.13
N THR A 154 21.84 42.17 -9.89
CA THR A 154 20.46 41.94 -9.44
C THR A 154 19.73 40.83 -10.20
N TYR A 155 20.24 39.61 -10.08
CA TYR A 155 19.76 38.50 -10.88
C TYR A 155 18.88 37.53 -10.09
N ARG A 156 17.94 36.92 -10.80
CA ARG A 156 17.08 35.87 -10.26
C ARG A 156 17.52 34.51 -10.75
N LEU A 157 17.58 33.57 -9.83
CA LEU A 157 17.63 32.16 -10.22
C LEU A 157 16.29 31.81 -10.84
N ILE A 158 16.33 31.14 -12.00
CA ILE A 158 15.11 30.89 -12.76
C ILE A 158 14.25 29.85 -12.03
N ASN A 159 12.95 29.86 -12.34
CA ASN A 159 11.94 28.95 -11.80
C ASN A 159 11.80 29.10 -10.30
N CYS A 160 11.84 30.34 -9.82
CA CYS A 160 11.42 30.63 -8.47
C CYS A 160 9.99 31.14 -8.41
N ASN A 161 9.37 31.44 -9.56
CA ASN A 161 7.96 31.74 -9.60
C ASN A 161 7.11 30.64 -10.20
N THR A 162 7.70 29.71 -10.94
CA THR A 162 6.92 28.67 -11.63
C THR A 162 6.70 27.45 -10.75
N THR A 163 7.77 26.79 -10.33
CA THR A 163 7.64 25.51 -9.66
C THR A 163 8.82 25.30 -8.71
N ALA A 164 8.64 24.37 -7.79
CA ALA A 164 9.69 24.05 -6.84
C ALA A 164 10.78 23.24 -7.52
N ILE A 165 12.01 23.41 -7.02
CA ILE A 165 13.19 22.78 -7.60
C ILE A 165 13.83 21.92 -6.53
N THR A 166 14.10 20.66 -6.86
CA THR A 166 14.86 19.77 -5.99
C THR A 166 16.07 19.26 -6.76
N GLN A 167 17.24 19.28 -6.14
CA GLN A 167 18.37 18.73 -6.86
C GLN A 167 18.38 17.21 -6.73
N ALA A 168 19.11 16.57 -7.63
CA ALA A 168 19.22 15.13 -7.59
C ALA A 168 20.32 14.71 -6.64
N CYS A 169 20.18 13.52 -6.08
CA CYS A 169 21.25 12.98 -5.27
C CYS A 169 22.40 12.56 -6.18
N PRO A 170 23.65 12.88 -5.82
CA PRO A 170 24.76 12.72 -6.77
C PRO A 170 25.14 11.27 -7.03
N LYS A 171 24.76 10.35 -6.15
CA LYS A 171 25.11 8.95 -6.33
C LYS A 171 24.26 8.27 -7.39
N THR A 172 23.16 8.88 -7.78
CA THR A 172 22.31 8.29 -8.79
C THR A 172 22.92 8.47 -10.18
N SER A 173 22.48 7.63 -11.10
CA SER A 173 22.90 7.71 -12.49
C SER A 173 21.67 7.76 -13.38
N PHE A 174 21.77 8.50 -14.47
CA PHE A 174 20.68 8.64 -15.41
C PHE A 174 20.78 7.64 -16.56
N GLU A 175 21.52 6.57 -16.37
CA GLU A 175 21.82 5.65 -17.46
C GLU A 175 20.60 4.80 -17.78
N PRO A 176 20.17 4.76 -19.04
CA PRO A 176 19.02 3.92 -19.40
C PRO A 176 19.37 2.45 -19.40
N ILE A 177 18.86 1.70 -18.42
CA ILE A 177 19.03 0.26 -18.38
C ILE A 177 17.99 -0.34 -19.32
N PRO A 178 18.19 -1.56 -19.83
CA PRO A 178 17.11 -2.20 -20.59
C PRO A 178 16.06 -2.78 -19.67
N ILE A 179 14.80 -2.65 -20.08
CA ILE A 179 13.67 -3.19 -19.33
C ILE A 179 12.81 -4.00 -20.29
N HIS A 180 12.59 -5.26 -19.95
CA HIS A 180 11.61 -6.06 -20.67
C HIS A 180 10.26 -5.94 -19.97
N TYR A 181 9.19 -6.00 -20.76
CA TYR A 181 7.84 -6.11 -20.22
C TYR A 181 7.27 -7.50 -20.47
N CYS A 182 6.61 -8.03 -19.45
CA CYS A 182 6.02 -9.36 -19.51
C CYS A 182 4.58 -9.28 -19.05
N ALA A 183 3.77 -10.20 -19.53
CA ALA A 183 2.39 -10.26 -19.10
C ALA A 183 2.24 -11.22 -17.93
N PRO A 184 1.31 -10.94 -17.01
CA PRO A 184 1.03 -11.90 -15.94
C PRO A 184 0.41 -13.17 -16.50
N ALA A 185 0.44 -14.20 -15.67
CA ALA A 185 -0.12 -15.49 -16.06
C ALA A 185 -1.64 -15.38 -16.17
N GLY A 186 -2.16 -15.78 -17.32
CA GLY A 186 -3.52 -15.48 -17.70
C GLY A 186 -3.65 -14.45 -18.79
N PHE A 187 -2.53 -13.95 -19.31
CA PHE A 187 -2.54 -13.06 -20.46
C PHE A 187 -1.38 -13.43 -21.37
N ALA A 188 -1.51 -13.08 -22.63
CA ALA A 188 -0.49 -13.40 -23.63
C ALA A 188 -0.15 -12.16 -24.43
N LEU A 189 1.05 -12.17 -25.01
CA LEU A 189 1.56 -11.04 -25.77
C LEU A 189 1.76 -11.47 -27.21
N LEU A 190 0.93 -10.94 -28.10
CA LEU A 190 1.07 -11.25 -29.52
C LEU A 190 2.10 -10.34 -30.16
N LYS A 191 2.97 -10.92 -30.96
CA LYS A 191 4.07 -10.21 -31.60
C LYS A 191 4.02 -10.44 -33.10
N CYS A 192 4.04 -9.37 -33.88
CA CYS A 192 4.16 -9.55 -35.32
C CYS A 192 5.61 -9.75 -35.69
N ASN A 193 5.81 -10.37 -36.85
CA ASN A 193 7.16 -10.65 -37.34
C ASN A 193 7.32 -10.31 -38.82
N ASP A 194 6.42 -9.49 -39.35
CA ASP A 194 6.58 -9.05 -40.73
C ASP A 194 7.77 -8.11 -40.86
N ILE A 195 8.34 -8.07 -42.05
CA ILE A 195 9.54 -7.25 -42.27
C ILE A 195 9.19 -5.77 -42.35
N ASP A 196 7.92 -5.44 -42.56
CA ASP A 196 7.42 -4.08 -42.53
C ASP A 196 6.03 -4.12 -41.90
N TYR A 197 5.62 -3.00 -41.33
CA TYR A 197 4.28 -2.92 -40.76
C TYR A 197 3.76 -1.50 -40.95
N LYS A 198 2.65 -1.38 -41.67
CA LYS A 198 2.10 -0.07 -42.02
C LYS A 198 1.61 0.69 -40.80
N GLY A 199 1.26 -0.01 -39.74
CA GLY A 199 0.78 0.64 -38.54
C GLY A 199 -0.57 0.11 -38.09
N ASN A 200 -1.49 -0.11 -39.04
CA ASN A 200 -2.82 -0.52 -38.61
C ASN A 200 -3.45 -1.42 -39.68
N GLU A 201 -3.10 -2.70 -39.64
CA GLU A 201 -3.61 -3.71 -40.56
C GLU A 201 -3.44 -5.07 -39.91
N THR A 202 -3.53 -6.12 -40.70
CA THR A 202 -3.48 -7.49 -40.22
C THR A 202 -2.10 -8.07 -40.48
N CYS A 203 -1.43 -8.54 -39.43
CA CYS A 203 -0.17 -9.22 -39.58
C CYS A 203 -0.40 -10.68 -39.99
N LYS A 204 0.64 -11.31 -40.50
CA LYS A 204 0.57 -12.70 -40.93
C LYS A 204 1.43 -13.62 -40.07
N ASN A 205 2.72 -13.37 -40.00
CA ASN A 205 3.61 -14.20 -39.19
C ASN A 205 3.53 -13.67 -37.77
N VAL A 206 2.61 -14.25 -36.99
CA VAL A 206 2.36 -13.82 -35.63
C VAL A 206 2.85 -14.90 -34.69
N SER A 207 3.51 -14.50 -33.61
CA SER A 207 3.94 -15.44 -32.60
C SER A 207 3.67 -14.86 -31.22
N THR A 208 3.27 -15.71 -30.29
CA THR A 208 3.12 -15.27 -28.91
C THR A 208 4.47 -15.35 -28.19
N VAL A 209 4.62 -14.54 -27.16
CA VAL A 209 5.85 -14.51 -26.38
C VAL A 209 5.49 -14.08 -24.98
N HIS A 210 6.26 -14.58 -24.01
CA HIS A 210 5.97 -14.24 -22.61
C HIS A 210 6.50 -12.87 -22.25
N CYS A 211 7.55 -12.40 -22.92
CA CYS A 211 8.20 -11.15 -22.56
C CYS A 211 8.64 -10.40 -23.81
N THR A 212 8.55 -9.08 -23.75
CA THR A 212 9.02 -8.23 -24.83
C THR A 212 10.54 -8.16 -24.83
N HIS A 213 11.08 -7.56 -25.89
CA HIS A 213 12.51 -7.33 -25.90
C HIS A 213 12.83 -6.11 -25.05
N GLY A 214 14.12 -5.86 -24.85
CA GLY A 214 14.55 -4.83 -23.92
C GLY A 214 14.31 -3.44 -24.47
N ILE A 215 13.72 -2.58 -23.64
CA ILE A 215 13.47 -1.19 -23.99
C ILE A 215 14.27 -0.31 -23.04
N LYS A 216 15.13 0.52 -23.60
CA LYS A 216 15.85 1.50 -22.82
C LYS A 216 15.05 2.79 -22.79
N PRO A 217 14.58 3.25 -21.64
CA PRO A 217 13.81 4.50 -21.60
C PRO A 217 14.69 5.72 -21.82
N VAL A 218 15.01 6.00 -23.08
CA VAL A 218 15.90 7.09 -23.43
C VAL A 218 15.02 8.31 -23.73
N ALA A 219 14.92 9.20 -22.75
CA ALA A 219 14.10 10.41 -22.91
C ALA A 219 14.85 11.41 -23.77
N THR A 220 14.26 11.77 -24.92
CA THR A 220 14.90 12.67 -25.86
C THR A 220 13.84 13.26 -26.79
N THR A 221 14.32 14.02 -27.77
CA THR A 221 13.48 14.58 -28.81
C THR A 221 14.38 14.91 -30.00
N GLN A 222 13.73 15.15 -31.15
CA GLN A 222 14.27 15.40 -32.49
C GLN A 222 14.90 14.18 -33.14
N LEU A 223 15.21 13.15 -32.36
CA LEU A 223 16.03 12.02 -32.78
C LEU A 223 15.88 10.94 -31.73
N ILE A 224 15.73 9.69 -32.17
CA ILE A 224 15.54 8.56 -31.28
C ILE A 224 16.87 7.85 -31.13
N LEU A 225 17.29 7.60 -29.89
CA LEU A 225 18.63 7.15 -29.61
C LEU A 225 18.63 5.76 -28.99
N ASN A 226 19.62 4.95 -29.37
CA ASN A 226 19.80 3.57 -28.92
C ASN A 226 18.54 2.73 -29.14
N GLY A 227 17.89 2.93 -30.29
CA GLY A 227 16.63 2.28 -30.58
C GLY A 227 16.77 1.08 -31.49
N SER A 228 15.63 0.51 -31.85
CA SER A 228 15.57 -0.64 -32.72
C SER A 228 15.51 -0.19 -34.18
N THR A 229 16.25 -0.87 -35.03
CA THR A 229 16.35 -0.53 -36.44
C THR A 229 15.49 -1.47 -37.27
N ALA A 230 14.99 -0.94 -38.38
CA ALA A 230 14.27 -1.79 -39.33
C ALA A 230 15.25 -2.67 -40.10
N ASP A 231 14.74 -3.72 -40.72
CA ASP A 231 15.59 -4.77 -41.24
C ASP A 231 15.59 -4.92 -42.75
N ASN A 232 14.67 -4.30 -43.48
CA ASN A 232 14.81 -4.23 -44.93
C ASN A 232 15.03 -2.80 -45.40
N GLN A 233 14.11 -1.89 -45.08
CA GLN A 233 14.22 -0.50 -45.49
C GLN A 233 13.75 0.40 -44.38
N THR A 234 14.14 1.66 -44.47
CA THR A 234 13.64 2.69 -43.56
C THR A 234 12.15 2.88 -43.75
N VAL A 235 11.40 2.90 -42.65
CA VAL A 235 9.96 2.89 -42.69
C VAL A 235 9.42 4.18 -42.09
N ALA A 236 8.19 4.51 -42.47
CA ALA A 236 7.53 5.76 -42.06
C ALA A 236 6.17 5.41 -41.47
N ARG A 237 6.11 5.28 -40.15
CA ARG A 237 4.86 5.00 -39.46
C ARG A 237 4.18 6.34 -39.22
N ILE A 238 3.02 6.54 -39.83
CA ILE A 238 2.38 7.85 -39.88
C ILE A 238 1.09 7.79 -39.07
N ASP A 239 0.81 8.84 -38.32
CA ASP A 239 -0.48 9.05 -37.70
C ASP A 239 -1.46 9.38 -38.84
N PRO A 240 -2.79 9.22 -38.64
CA PRO A 240 -3.72 9.53 -39.74
C PRO A 240 -3.77 10.99 -40.14
N SER A 241 -2.66 11.46 -40.75
CA SER A 241 -2.41 12.86 -41.11
C SER A 241 -2.64 13.81 -39.94
N GLU A 242 -2.36 13.35 -38.72
CA GLU A 242 -2.82 14.09 -37.55
C GLU A 242 -1.85 15.22 -37.22
N ASN A 243 -0.65 14.87 -36.76
CA ASN A 243 0.38 15.87 -36.59
C ASN A 243 1.76 15.41 -37.08
N LEU A 244 2.12 14.15 -36.84
CA LEU A 244 3.51 13.74 -36.91
C LEU A 244 3.62 12.38 -37.58
N ALA A 245 4.85 11.92 -37.72
CA ALA A 245 5.14 10.61 -38.28
C ALA A 245 6.50 10.16 -37.78
N ILE A 246 6.58 8.90 -37.37
CA ILE A 246 7.80 8.34 -36.81
C ILE A 246 8.58 7.70 -37.94
N ILE A 247 9.82 8.13 -38.13
CA ILE A 247 10.73 7.52 -39.09
C ILE A 247 11.62 6.56 -38.33
N GLN A 248 11.75 5.33 -38.81
CA GLN A 248 12.67 4.36 -38.24
C GLN A 248 13.69 3.98 -39.31
N LEU A 249 14.95 4.36 -39.10
CA LEU A 249 15.98 4.12 -40.08
C LEU A 249 16.38 2.64 -40.07
N LYS A 250 17.09 2.25 -41.13
CA LYS A 250 17.76 0.96 -41.16
C LYS A 250 19.19 1.07 -40.65
N ASP A 251 19.92 2.06 -41.12
CA ASP A 251 21.33 2.21 -40.79
C ASP A 251 21.47 3.00 -39.50
N PRO A 252 22.06 2.43 -38.45
CA PRO A 252 22.34 3.24 -37.27
C PRO A 252 23.48 4.22 -37.56
N VAL A 253 23.25 5.48 -37.22
CA VAL A 253 24.20 6.55 -37.49
C VAL A 253 24.90 6.91 -36.19
N LYS A 254 26.22 6.82 -36.20
CA LYS A 254 26.98 7.08 -34.99
C LYS A 254 26.99 8.57 -34.67
N ILE A 255 26.85 8.88 -33.39
CA ILE A 255 26.91 10.25 -32.90
C ILE A 255 27.74 10.27 -31.62
N THR A 256 28.69 11.19 -31.55
CA THR A 256 29.51 11.40 -30.37
C THR A 256 29.24 12.80 -29.84
N CYS A 257 29.30 12.94 -28.52
CA CYS A 257 29.10 14.24 -27.89
C CYS A 257 30.13 14.40 -26.78
N ARG A 258 30.66 15.61 -26.64
CA ARG A 258 31.82 15.85 -25.79
C ARG A 258 31.59 17.10 -24.94
N ARG A 259 32.01 17.03 -23.68
CA ARG A 259 32.24 18.23 -22.88
C ARG A 259 33.62 18.09 -22.26
N PRO A 260 34.61 18.83 -22.72
CA PRO A 260 35.98 18.64 -22.24
C PRO A 260 36.26 19.40 -20.95
N GLY A 261 37.22 18.88 -20.20
CA GLY A 261 37.71 19.56 -19.02
C GLY A 261 37.06 19.08 -17.74
N ASN A 262 37.66 19.48 -16.63
CA ASN A 262 37.15 19.19 -15.30
C ASN A 262 36.31 20.35 -14.78
N ASN A 263 35.64 20.09 -13.66
CA ASN A 263 34.91 21.13 -12.93
C ASN A 263 35.19 20.94 -11.45
N THR A 264 35.90 21.91 -10.85
CA THR A 264 36.10 21.90 -9.41
C THR A 264 34.77 22.12 -8.72
N ARG A 265 34.46 21.24 -7.77
CA ARG A 265 33.17 21.23 -7.10
C ARG A 265 33.34 21.51 -5.62
N GLY A 266 32.51 22.39 -5.09
CA GLY A 266 32.50 22.70 -3.67
C GLY A 266 31.23 22.23 -2.99
N GLN A 267 31.12 22.58 -1.72
CA GLN A 267 29.94 22.26 -0.92
C GLN A 267 29.50 23.48 -0.14
N ILE A 268 28.18 23.64 -0.02
CA ILE A 268 27.59 24.72 0.76
C ILE A 268 26.47 24.12 1.60
N GLN A 269 26.56 24.32 2.92
CA GLN A 269 25.52 23.85 3.84
C GLN A 269 24.38 24.86 3.85
N ILE A 270 23.29 24.53 3.15
CA ILE A 270 22.10 25.37 3.22
C ILE A 270 21.43 25.19 4.58
N GLY A 271 21.19 23.95 4.97
CA GLY A 271 20.57 23.66 6.23
C GLY A 271 21.08 22.36 6.81
N PRO A 272 20.33 21.76 7.72
CA PRO A 272 20.72 20.46 8.28
C PRO A 272 20.63 19.36 7.23
N ALA A 273 21.81 18.83 6.86
CA ALA A 273 21.98 17.84 5.78
C ALA A 273 21.41 18.32 4.45
N MET A 274 21.43 19.62 4.23
CA MET A 274 20.96 20.23 2.98
C MET A 274 22.22 20.73 2.28
N THR A 275 22.87 19.84 1.55
CA THR A 275 24.22 20.05 1.07
C THR A 275 24.16 20.37 -0.42
N PHE A 276 24.15 21.66 -0.74
CA PHE A 276 24.17 22.09 -2.12
C PHE A 276 25.55 21.85 -2.72
N TYR A 277 25.56 21.42 -3.98
CA TYR A 277 26.81 21.24 -4.69
C TYR A 277 27.00 22.37 -5.69
N ASN A 278 28.18 22.95 -5.69
CA ASN A 278 28.47 24.19 -6.38
C ASN A 278 29.51 23.94 -7.46
N ILE A 279 29.28 24.49 -8.65
CA ILE A 279 30.30 24.54 -9.68
C ILE A 279 31.28 25.63 -9.26
N GLU A 280 32.38 25.23 -8.64
CA GLU A 280 33.31 26.21 -8.09
C GLU A 280 34.18 26.83 -9.17
N ASN A 281 34.76 26.01 -10.06
CA ASN A 281 35.66 26.55 -11.06
C ASN A 281 35.72 25.60 -12.26
N VAL A 282 35.99 26.18 -13.42
CA VAL A 282 36.26 25.43 -14.64
C VAL A 282 37.78 25.43 -14.85
N VAL A 283 38.36 24.26 -15.01
CA VAL A 283 39.81 24.06 -14.93
C VAL A 283 40.42 23.78 -16.30
N GLY A 284 40.04 22.67 -16.92
CA GLY A 284 40.80 22.11 -18.03
C GLY A 284 40.81 22.87 -19.33
N ASP A 285 39.68 22.89 -20.03
CA ASP A 285 39.61 23.50 -21.34
C ASP A 285 38.32 24.30 -21.45
N THR A 286 38.39 25.37 -22.22
CA THR A 286 37.29 26.31 -22.34
C THR A 286 36.35 25.99 -23.50
N ARG A 287 36.61 24.94 -24.26
CA ARG A 287 35.81 24.65 -25.45
C ARG A 287 34.40 24.23 -25.09
N LYS A 288 33.43 24.73 -25.85
CA LYS A 288 32.03 24.47 -25.58
C LYS A 288 31.69 23.01 -25.85
N ALA A 289 30.58 22.57 -25.28
CA ALA A 289 30.13 21.21 -25.49
C ALA A 289 29.59 21.06 -26.91
N TYR A 290 30.05 20.02 -27.61
CA TYR A 290 29.70 19.90 -29.01
C TYR A 290 29.49 18.43 -29.35
N CYS A 291 28.71 18.20 -30.39
CA CYS A 291 28.44 16.87 -30.90
C CYS A 291 28.94 16.75 -32.33
N GLU A 292 29.21 15.52 -32.75
CA GLU A 292 29.91 15.27 -34.00
C GLU A 292 29.36 14.03 -34.66
N ILE A 293 28.97 14.14 -35.94
CA ILE A 293 28.44 13.03 -36.71
C ILE A 293 29.15 12.97 -38.06
N ASN A 294 29.11 11.78 -38.66
CA ASN A 294 29.60 11.59 -40.02
C ASN A 294 28.58 12.14 -41.00
N GLY A 295 29.04 12.99 -41.92
CA GLY A 295 28.11 13.67 -42.82
C GLY A 295 27.58 12.79 -43.93
N THR A 296 28.37 11.81 -44.38
CA THR A 296 27.93 10.97 -45.49
C THR A 296 26.81 10.03 -45.07
N GLN A 297 26.93 9.46 -43.87
CA GLN A 297 25.89 8.59 -43.34
C GLN A 297 24.60 9.37 -43.14
N TRP A 298 24.71 10.61 -42.68
CA TRP A 298 23.54 11.45 -42.48
C TRP A 298 22.93 11.87 -43.82
N ALA A 299 23.78 12.05 -44.84
CA ALA A 299 23.29 12.32 -46.19
C ALA A 299 22.48 11.16 -46.73
N LYS A 300 23.00 9.95 -46.56
CA LYS A 300 22.29 8.74 -47.00
C LYS A 300 20.99 8.57 -46.23
N ALA A 301 21.00 8.87 -44.93
CA ALA A 301 19.79 8.71 -44.12
C ALA A 301 18.71 9.70 -44.51
N LEU A 302 19.07 10.96 -44.73
CA LEU A 302 18.07 11.94 -45.16
C LEU A 302 17.58 11.67 -46.57
N ASN A 303 18.48 11.25 -47.47
CA ASN A 303 18.08 10.99 -48.84
C ASN A 303 17.21 9.75 -48.93
N GLU A 304 17.36 8.83 -47.98
CA GLU A 304 16.43 7.71 -47.89
C GLU A 304 15.09 8.14 -47.32
N THR A 305 15.11 8.99 -46.28
CA THR A 305 13.89 9.39 -45.58
C THR A 305 13.00 10.22 -46.49
N LYS A 306 13.60 11.04 -47.36
CA LYS A 306 12.83 11.83 -48.33
C LYS A 306 12.02 10.94 -49.26
N GLU A 307 12.64 9.86 -49.77
CA GLU A 307 11.92 8.99 -50.68
C GLU A 307 10.89 8.12 -49.97
N VAL A 308 11.18 7.72 -48.73
CA VAL A 308 10.22 6.92 -47.97
C VAL A 308 8.97 7.73 -47.64
N LEU A 309 9.14 9.01 -47.34
CA LEU A 309 7.96 9.86 -47.19
C LEU A 309 7.34 10.23 -48.53
N ARG A 310 8.15 10.28 -49.59
CA ARG A 310 7.67 10.76 -50.87
C ARG A 310 6.76 9.75 -51.54
N ASN A 311 7.09 8.45 -51.43
CA ASN A 311 6.28 7.43 -52.07
C ASN A 311 4.91 7.31 -51.42
N ILE A 312 4.80 7.62 -50.14
CA ILE A 312 3.55 7.47 -49.42
C ILE A 312 2.71 8.74 -49.51
N LEU A 313 3.29 9.90 -49.26
CA LEU A 313 2.51 11.14 -49.31
C LEU A 313 2.41 11.73 -50.70
N ARG A 314 2.97 11.06 -51.73
CA ARG A 314 2.84 11.36 -53.15
C ARG A 314 3.35 12.75 -53.54
N LYS A 315 4.10 13.41 -52.66
CA LYS A 315 4.52 14.78 -52.89
C LYS A 315 6.01 14.90 -52.61
N ASN A 316 6.66 15.80 -53.32
CA ASN A 316 8.09 16.01 -53.16
C ASN A 316 8.39 16.76 -51.87
N ILE A 317 9.47 16.35 -51.20
CA ILE A 317 9.72 16.60 -49.78
C ILE A 317 10.62 17.83 -49.62
N SER A 318 10.24 18.71 -48.70
CA SER A 318 11.07 19.81 -48.26
C SER A 318 11.30 19.74 -46.75
N PHE A 319 12.23 20.56 -46.27
CA PHE A 319 12.46 20.75 -44.84
C PHE A 319 12.47 22.24 -44.53
N MET A 320 12.09 22.58 -43.31
CA MET A 320 12.13 23.97 -42.86
C MET A 320 12.71 24.01 -41.46
N VAL A 321 13.56 25.01 -41.22
CA VAL A 321 14.14 25.29 -39.91
C VAL A 321 13.01 25.57 -38.91
N PRO A 322 13.05 25.05 -37.70
CA PRO A 322 11.98 25.32 -36.73
C PRO A 322 11.93 26.79 -36.33
N SER A 323 10.72 27.24 -35.98
CA SER A 323 10.48 28.63 -35.64
C SER A 323 11.03 28.94 -34.25
N GLY A 324 10.96 30.21 -33.89
CA GLY A 324 11.48 30.64 -32.59
C GLY A 324 10.55 30.20 -31.47
N GLY A 325 11.16 29.82 -30.35
CA GLY A 325 10.38 29.43 -29.18
C GLY A 325 11.08 28.53 -28.20
N ASP A 326 10.40 27.48 -27.79
CA ASP A 326 10.77 26.61 -26.69
C ASP A 326 11.90 25.68 -27.11
N PRO A 327 12.94 25.51 -26.27
CA PRO A 327 13.92 24.44 -26.51
C PRO A 327 13.38 23.02 -26.39
N GLU A 328 12.11 22.85 -26.00
CA GLU A 328 11.38 21.61 -26.28
C GLU A 328 11.42 21.26 -27.77
N VAL A 329 11.20 22.27 -28.62
CA VAL A 329 11.04 22.01 -30.05
C VAL A 329 12.18 22.60 -30.88
N THR A 330 12.84 23.67 -30.43
CA THR A 330 13.86 24.25 -31.27
C THR A 330 15.15 23.46 -31.24
N ASN A 331 15.42 22.75 -30.15
CA ASN A 331 16.71 22.14 -29.93
C ASN A 331 16.61 20.63 -29.82
N HIS A 332 17.76 19.99 -29.84
CA HIS A 332 17.88 18.60 -29.44
C HIS A 332 18.00 18.54 -27.92
N HIS A 333 17.65 17.38 -27.36
CA HIS A 333 17.64 17.22 -25.90
C HIS A 333 18.21 15.85 -25.55
N PHE A 334 19.50 15.80 -25.25
CA PHE A 334 20.15 14.57 -24.83
C PHE A 334 19.90 14.28 -23.36
N ASN A 335 20.55 13.24 -22.87
CA ASN A 335 20.92 13.07 -21.47
C ASN A 335 22.19 12.24 -21.49
N CYS A 336 23.34 12.92 -21.49
CA CYS A 336 24.60 12.25 -21.76
C CYS A 336 25.10 11.49 -20.53
N GLY A 337 25.44 12.22 -19.48
CA GLY A 337 25.81 11.63 -18.22
C GLY A 337 24.88 12.16 -17.15
N GLY A 338 25.43 12.89 -16.19
CA GLY A 338 24.59 13.63 -15.28
C GLY A 338 24.37 15.05 -15.76
N GLU A 339 24.35 15.24 -17.08
CA GLU A 339 24.20 16.55 -17.68
C GLU A 339 23.01 16.54 -18.64
N PHE A 340 22.60 17.74 -19.04
CA PHE A 340 21.49 17.90 -19.98
C PHE A 340 21.97 18.79 -21.11
N PHE A 341 22.05 18.24 -22.32
CA PHE A 341 22.54 18.99 -23.46
C PHE A 341 21.36 19.54 -24.22
N TYR A 342 21.42 20.82 -24.58
CA TYR A 342 20.51 21.40 -25.56
C TYR A 342 21.34 21.73 -26.79
N CYS A 343 21.05 21.06 -27.89
CA CYS A 343 21.89 21.12 -29.09
C CYS A 343 21.13 21.77 -30.23
N ASN A 344 21.83 22.60 -30.99
CA ASN A 344 21.25 23.42 -32.05
C ASN A 344 21.36 22.66 -33.36
N THR A 345 20.26 22.02 -33.77
CA THR A 345 20.25 21.20 -34.97
C THR A 345 19.70 21.92 -36.19
N SER A 346 19.60 23.24 -36.13
CA SER A 346 19.06 23.97 -37.27
C SER A 346 20.04 24.05 -38.44
N GLU A 347 21.30 23.70 -38.23
CA GLU A 347 22.28 23.67 -39.30
C GLU A 347 22.36 22.32 -39.98
N ILE A 348 22.10 21.23 -39.24
CA ILE A 348 22.40 19.90 -39.75
C ILE A 348 21.40 19.42 -40.80
N ILE A 349 20.20 20.01 -40.87
CA ILE A 349 19.28 19.63 -41.94
C ILE A 349 19.52 20.57 -43.14
N ASN A 350 20.69 20.42 -43.77
CA ASN A 350 21.02 21.14 -45.00
C ASN A 350 22.07 20.39 -45.81
N ILE A 351 22.00 19.05 -45.83
CA ILE A 351 23.15 18.20 -46.07
C ILE A 351 23.82 18.37 -47.45
N THR A 352 23.18 19.08 -48.38
CA THR A 352 23.79 19.40 -49.67
C THR A 352 25.06 20.24 -49.50
N LYS A 353 25.02 21.22 -48.60
CA LYS A 353 26.23 21.98 -48.26
C LYS A 353 27.16 21.15 -47.38
N ILE A 354 26.58 20.33 -46.50
CA ILE A 354 27.34 19.75 -45.40
C ILE A 354 28.25 18.61 -45.87
N ASN A 355 27.78 17.82 -46.84
CA ASN A 355 28.53 16.63 -47.28
C ASN A 355 29.78 16.97 -48.09
N LYS A 356 30.02 18.24 -48.40
CA LYS A 356 31.27 18.61 -49.07
C LYS A 356 32.46 18.42 -48.15
N THR A 357 32.33 18.83 -46.89
CA THR A 357 33.42 18.69 -45.92
C THR A 357 33.57 17.22 -45.56
N GLU A 358 34.66 16.63 -46.01
CA GLU A 358 34.97 15.23 -45.78
C GLU A 358 35.65 14.99 -44.44
N ASN A 359 35.72 16.01 -43.57
CA ASN A 359 36.50 15.88 -42.35
C ASN A 359 35.65 15.35 -41.20
N MET A 360 34.63 16.13 -40.79
CA MET A 360 33.42 15.82 -40.02
C MET A 360 32.65 17.12 -39.83
N THR A 361 31.47 17.04 -39.24
CA THR A 361 30.70 18.23 -38.94
C THR A 361 30.48 18.36 -37.44
N ILE A 362 30.19 19.58 -37.00
CA ILE A 362 30.13 19.93 -35.58
C ILE A 362 28.79 20.60 -35.29
N ILE A 363 28.08 20.07 -34.30
CA ILE A 363 26.88 20.70 -33.77
C ILE A 363 27.23 21.32 -32.43
N PRO A 364 27.04 22.62 -32.23
CA PRO A 364 27.28 23.22 -30.92
C PRO A 364 26.16 22.91 -29.95
N CYS A 365 26.51 22.77 -28.68
CA CYS A 365 25.53 22.43 -27.66
C CYS A 365 25.79 23.28 -26.42
N ARG A 366 24.76 23.42 -25.60
CA ARG A 366 24.85 24.18 -24.37
C ARG A 366 24.42 23.32 -23.18
N ILE A 367 24.98 23.64 -22.04
CA ILE A 367 24.72 22.88 -20.82
C ILE A 367 23.61 23.56 -20.06
N ARG A 368 22.72 22.78 -19.47
CA ARG A 368 21.67 23.32 -18.62
C ARG A 368 21.69 22.62 -17.27
N GLN A 369 21.63 23.40 -16.21
CA GLN A 369 21.57 22.84 -14.86
C GLN A 369 20.15 22.66 -14.36
N ILE A 370 19.22 23.52 -14.79
CA ILE A 370 17.87 23.53 -14.28
C ILE A 370 16.93 23.06 -15.38
N VAL A 371 16.23 21.96 -15.14
CA VAL A 371 15.32 21.38 -16.13
C VAL A 371 13.98 21.18 -15.47
N ASN A 372 12.94 21.80 -16.04
CA ASN A 372 11.57 21.39 -15.76
C ASN A 372 11.32 20.14 -16.57
N SER A 373 11.20 18.99 -15.89
CA SER A 373 11.59 17.69 -16.44
C SER A 373 10.72 17.27 -17.60
N TRP A 374 11.35 17.14 -18.78
CA TRP A 374 10.90 16.38 -19.93
C TRP A 374 9.67 16.99 -20.60
N MET A 375 9.29 18.21 -20.22
CA MET A 375 8.23 19.03 -20.77
C MET A 375 6.83 18.43 -20.64
N ARG A 376 6.72 17.29 -19.97
CA ARG A 376 5.44 16.67 -19.62
C ARG A 376 5.36 16.34 -18.15
N VAL A 377 6.46 15.94 -17.53
CA VAL A 377 6.51 15.83 -16.08
C VAL A 377 6.61 17.20 -15.44
N GLY A 378 7.63 17.95 -15.81
CA GLY A 378 7.83 19.29 -15.30
C GLY A 378 8.33 19.37 -13.88
N LYS A 379 8.65 18.24 -13.26
CA LYS A 379 9.14 18.24 -11.88
C LYS A 379 10.56 18.78 -11.87
N GLY A 380 10.72 20.02 -11.39
CA GLY A 380 11.95 20.77 -11.53
C GLY A 380 13.16 20.16 -10.85
N ILE A 381 14.07 19.63 -11.66
CA ILE A 381 15.25 18.95 -11.18
C ILE A 381 16.47 19.83 -11.44
N PHE A 382 17.25 20.07 -10.38
CA PHE A 382 18.52 20.76 -10.51
C PHE A 382 19.59 19.71 -10.76
N ALA A 383 20.32 19.85 -11.84
CA ALA A 383 21.32 18.86 -12.18
C ALA A 383 22.52 18.98 -11.24
N PRO A 384 22.99 17.87 -10.68
CA PRO A 384 24.22 17.95 -9.90
C PRO A 384 25.42 18.14 -10.81
N PRO A 385 26.44 18.87 -10.37
CA PRO A 385 27.61 19.09 -11.22
C PRO A 385 28.42 17.80 -11.34
N ILE A 386 28.79 17.47 -12.57
CA ILE A 386 29.61 16.30 -12.84
C ILE A 386 31.06 16.74 -12.95
N ARG A 387 31.86 16.34 -11.97
CA ARG A 387 33.30 16.54 -12.05
C ARG A 387 33.86 15.64 -13.13
N GLY A 388 34.51 16.22 -14.12
CA GLY A 388 35.22 15.37 -15.05
C GLY A 388 35.03 15.63 -16.52
N ASN A 389 36.13 15.46 -17.24
CA ASN A 389 36.18 15.18 -18.66
C ASN A 389 35.13 14.12 -19.01
N ILE A 390 34.20 14.48 -19.89
CA ILE A 390 33.05 13.61 -20.14
C ILE A 390 32.74 13.58 -21.63
N THR A 391 32.57 12.37 -22.15
CA THR A 391 32.06 12.13 -23.49
C THR A 391 31.00 11.04 -23.41
N CYS A 392 30.19 10.95 -24.46
CA CYS A 392 29.28 9.83 -24.63
C CYS A 392 28.95 9.67 -26.10
N THR A 393 28.92 8.43 -26.56
CA THR A 393 28.53 8.12 -27.93
C THR A 393 27.29 7.23 -27.91
N SER A 394 26.56 7.26 -29.02
CA SER A 394 25.31 6.55 -29.14
C SER A 394 24.97 6.38 -30.61
N ASN A 395 23.84 5.73 -30.88
CA ASN A 395 23.37 5.49 -32.22
C ASN A 395 22.14 6.34 -32.51
N ILE A 396 21.99 6.71 -33.78
CA ILE A 396 20.79 7.36 -34.28
C ILE A 396 20.00 6.33 -35.05
N THR A 397 18.84 5.97 -34.54
CA THR A 397 18.01 4.98 -35.19
C THR A 397 16.70 5.52 -35.72
N GLY A 398 16.18 6.58 -35.12
CA GLY A 398 14.87 7.07 -35.50
C GLY A 398 14.74 8.56 -35.30
N MET A 399 13.73 9.11 -35.98
CA MET A 399 13.43 10.52 -35.91
C MET A 399 11.94 10.69 -35.69
N LEU A 400 11.54 11.86 -35.19
CA LEU A 400 10.13 12.16 -34.97
C LEU A 400 9.77 13.38 -35.82
N LEU A 401 9.48 13.15 -37.09
CA LEU A 401 9.15 14.26 -37.97
C LEU A 401 7.70 14.68 -37.80
N GLU A 402 7.45 15.97 -37.99
CA GLU A 402 6.12 16.52 -37.99
C GLU A 402 5.64 16.70 -39.43
N ILE A 403 4.36 16.34 -39.66
CA ILE A 403 3.79 16.42 -41.00
C ILE A 403 3.73 17.88 -41.44
N HIS A 404 3.97 18.11 -42.73
CA HIS A 404 3.97 19.46 -43.27
C HIS A 404 2.58 20.07 -43.21
N LYS A 405 2.54 21.39 -43.27
CA LYS A 405 1.27 22.09 -43.29
C LYS A 405 0.70 22.07 -44.70
N ASN A 406 -0.62 21.99 -44.80
CA ASN A 406 -1.29 21.68 -46.05
C ASN A 406 -1.25 22.87 -47.01
N ARG A 407 -1.92 22.74 -48.15
CA ARG A 407 -2.01 23.81 -49.13
C ARG A 407 -3.19 24.73 -48.81
N GLU A 408 -3.24 25.16 -47.55
CA GLU A 408 -4.16 26.18 -47.06
C GLU A 408 -3.52 27.17 -46.12
N ASP A 409 -2.35 26.86 -45.54
CA ASP A 409 -1.72 27.70 -44.53
C ASP A 409 -0.47 28.42 -45.01
N GLN A 410 0.19 27.90 -46.04
CA GLN A 410 1.49 28.41 -46.46
C GLN A 410 1.40 29.33 -47.68
N GLY A 411 0.22 29.49 -48.28
CA GLY A 411 0.07 30.41 -49.39
C GLY A 411 0.62 29.91 -50.71
N GLU A 412 1.91 29.61 -50.75
CA GLU A 412 2.55 29.04 -51.93
C GLU A 412 2.11 27.58 -52.08
N ASP A 413 2.49 26.97 -53.21
CA ASP A 413 2.18 25.57 -53.50
C ASP A 413 2.71 24.66 -52.40
N GLN A 414 1.92 23.62 -52.09
CA GLN A 414 2.37 22.57 -51.19
C GLN A 414 2.45 21.21 -51.85
N ASP A 415 1.94 21.06 -53.08
CA ASP A 415 2.54 20.09 -53.98
C ASP A 415 3.99 20.48 -54.19
N GLN A 416 4.86 19.48 -54.22
CA GLN A 416 6.32 19.53 -54.39
C GLN A 416 7.03 20.39 -53.33
N ASN A 417 6.36 20.87 -52.30
CA ASN A 417 6.92 21.80 -51.34
C ASN A 417 6.49 21.45 -49.91
N ASN A 418 6.69 20.19 -49.51
CA ASN A 418 6.21 19.72 -48.21
C ASN A 418 6.98 20.41 -47.09
N THR A 419 6.39 21.47 -46.56
CA THR A 419 7.06 22.40 -45.67
C THR A 419 7.02 21.83 -44.24
N TYR A 420 8.07 21.08 -43.89
CA TYR A 420 8.24 20.58 -42.53
C TYR A 420 8.73 21.72 -41.65
N VAL A 421 7.77 22.52 -41.17
CA VAL A 421 8.09 23.73 -40.40
C VAL A 421 8.72 23.38 -39.06
N CYS A 422 8.46 22.18 -38.54
CA CYS A 422 9.18 21.66 -37.39
C CYS A 422 9.47 20.19 -37.63
N LEU A 423 10.36 19.63 -36.81
CA LEU A 423 10.77 18.24 -36.91
C LEU A 423 10.65 17.55 -35.57
N THR A 424 9.65 17.93 -34.78
CA THR A 424 9.70 17.69 -33.35
C THR A 424 8.61 16.74 -32.91
N GLY A 425 8.79 16.23 -31.69
CA GLY A 425 7.69 15.77 -30.89
C GLY A 425 8.02 16.07 -29.44
N GLY A 426 7.17 16.84 -28.78
CA GLY A 426 7.42 17.14 -27.39
C GLY A 426 7.06 16.03 -26.45
N ASN A 427 6.26 15.07 -26.92
CA ASN A 427 5.83 13.96 -26.09
C ASN A 427 6.95 12.95 -25.93
N MET A 428 7.21 12.53 -24.70
CA MET A 428 8.07 11.38 -24.49
C MET A 428 7.34 10.09 -24.84
N LYS A 429 6.01 10.17 -24.94
CA LYS A 429 5.17 9.03 -25.29
C LYS A 429 5.43 8.54 -26.71
N ASP A 430 5.76 9.45 -27.62
CA ASP A 430 5.86 9.08 -29.04
C ASP A 430 7.10 8.24 -29.32
N ILE A 431 8.15 8.38 -28.53
CA ILE A 431 9.28 7.45 -28.60
C ILE A 431 8.82 6.06 -28.23
N TRP A 432 7.99 5.97 -27.20
CA TRP A 432 7.54 4.70 -26.68
C TRP A 432 6.48 4.07 -27.58
N ARG A 433 5.88 4.85 -28.47
CA ARG A 433 5.13 4.25 -29.57
C ARG A 433 6.04 3.65 -30.62
N SER A 434 7.28 4.11 -30.72
CA SER A 434 8.19 3.60 -31.74
C SER A 434 8.94 2.36 -31.30
N GLU A 435 8.59 1.80 -30.14
CA GLU A 435 9.17 0.54 -29.71
C GLU A 435 8.11 -0.50 -29.37
N LEU A 436 6.85 -0.13 -29.28
CA LEU A 436 5.77 -1.05 -28.96
C LEU A 436 4.74 -1.07 -30.08
N TYR A 437 5.21 -1.09 -31.31
CA TYR A 437 4.35 -1.28 -32.47
C TYR A 437 4.12 -2.73 -32.80
N LYS A 438 4.68 -3.65 -32.01
CA LYS A 438 4.60 -5.06 -32.30
C LYS A 438 3.68 -5.83 -31.37
N TYR A 439 3.37 -5.28 -30.21
CA TYR A 439 2.86 -6.08 -29.11
C TYR A 439 1.40 -5.75 -28.80
N LYS A 440 0.62 -6.80 -28.56
CA LYS A 440 -0.78 -6.69 -28.19
C LYS A 440 -1.02 -7.56 -26.97
N ILE A 441 -1.82 -7.06 -26.03
CA ILE A 441 -2.21 -7.82 -24.86
C ILE A 441 -3.53 -8.51 -25.13
N VAL A 442 -3.57 -9.83 -24.98
CA VAL A 442 -4.80 -10.59 -25.14
C VAL A 442 -5.06 -11.41 -23.90
N GLU A 443 -6.33 -11.75 -23.70
CA GLU A 443 -6.79 -12.54 -22.57
C GLU A 443 -7.29 -13.87 -23.07
N ILE A 444 -6.90 -14.94 -22.40
CA ILE A 444 -7.26 -16.29 -22.79
C ILE A 444 -8.61 -16.63 -22.18
N GLN A 445 -9.52 -17.19 -22.99
CA GLN A 445 -10.81 -17.69 -22.54
C GLN A 445 -10.77 -19.20 -22.63
N PRO A 446 -10.42 -19.90 -21.55
CA PRO A 446 -10.18 -21.34 -21.66
C PRO A 446 -11.41 -22.21 -21.45
N LEU A 447 -12.62 -21.67 -21.54
CA LEU A 447 -13.78 -22.50 -21.19
C LEU A 447 -14.21 -23.41 -22.34
N GLY A 448 -14.73 -22.85 -23.42
CA GLY A 448 -15.08 -23.66 -24.58
C GLY A 448 -16.36 -24.47 -24.44
N VAL A 449 -17.18 -24.48 -25.49
CA VAL A 449 -18.40 -25.27 -25.55
C VAL A 449 -18.53 -25.81 -26.97
N ALA A 450 -18.71 -27.12 -27.11
CA ALA A 450 -18.80 -27.73 -28.42
C ALA A 450 -19.86 -28.84 -28.41
N PRO A 451 -20.41 -29.18 -29.56
CA PRO A 451 -21.18 -30.41 -29.70
C PRO A 451 -20.31 -31.60 -30.10
N THR A 452 -20.67 -32.78 -29.60
CA THR A 452 -19.83 -33.96 -29.82
C THR A 452 -20.67 -35.24 -29.72
N LYS A 453 -20.04 -36.34 -30.13
CA LYS A 453 -20.70 -37.62 -30.26
C LYS A 453 -21.13 -38.23 -28.93
N CYS A 454 -20.43 -37.91 -27.85
CA CYS A 454 -20.63 -38.68 -26.63
C CYS A 454 -21.89 -38.21 -25.89
N ARG A 455 -22.21 -38.94 -24.83
CA ARG A 455 -23.29 -38.59 -23.90
C ARG A 455 -22.97 -39.24 -22.56
N ARG A 456 -22.94 -38.43 -21.50
CA ARG A 456 -22.56 -38.94 -20.20
C ARG A 456 -23.73 -39.72 -19.59
N TYR A 457 -23.42 -40.88 -19.02
CA TYR A 457 -24.43 -41.73 -18.41
C TYR A 457 -24.88 -41.17 -17.07
N LEU B 1 5.08 -14.81 -12.62
CA LEU B 1 5.00 -16.16 -12.10
C LEU B 1 3.59 -16.48 -11.66
N GLY B 2 2.91 -17.33 -12.43
CA GLY B 2 1.70 -17.96 -11.94
C GLY B 2 1.94 -19.44 -11.67
N ALA B 3 2.68 -20.07 -12.59
CA ALA B 3 3.10 -21.48 -12.51
C ALA B 3 1.92 -22.44 -12.35
N LEU B 4 0.76 -22.07 -12.89
CA LEU B 4 -0.45 -22.84 -12.62
C LEU B 4 -1.27 -23.09 -13.88
N PHE B 5 -1.12 -22.21 -14.86
CA PHE B 5 -1.89 -22.28 -16.11
C PHE B 5 -1.59 -23.39 -17.11
N LEU B 6 -2.64 -23.79 -17.82
CA LEU B 6 -2.56 -24.81 -18.86
C LEU B 6 -2.97 -24.17 -20.18
N GLY B 7 -2.63 -24.82 -21.29
CA GLY B 7 -3.08 -24.30 -22.56
C GLY B 7 -2.23 -23.16 -23.09
N PHE B 8 -1.00 -23.46 -23.48
CA PHE B 8 -0.09 -22.41 -23.95
C PHE B 8 -0.31 -22.09 -25.44
N LEU B 9 -1.48 -22.48 -25.97
CA LEU B 9 -2.14 -21.93 -27.16
C LEU B 9 -1.36 -22.14 -28.45
N GLY B 10 -0.41 -23.08 -28.44
CA GLY B 10 0.50 -23.22 -29.56
C GLY B 10 -0.18 -23.74 -30.82
N ALA B 11 -0.99 -24.78 -30.68
CA ALA B 11 -1.64 -25.41 -31.81
C ALA B 11 -2.98 -24.77 -32.16
N ALA B 12 -3.17 -23.50 -31.82
CA ALA B 12 -4.45 -22.82 -32.04
C ALA B 12 -4.74 -22.63 -33.51
N GLY B 13 -3.71 -22.42 -34.32
CA GLY B 13 -3.92 -22.25 -35.75
C GLY B 13 -4.28 -23.53 -36.46
N SER B 14 -4.02 -24.68 -35.85
CA SER B 14 -4.42 -25.94 -36.45
C SER B 14 -5.92 -26.15 -36.32
N THR B 15 -6.39 -27.25 -36.90
CA THR B 15 -7.82 -27.55 -36.91
C THR B 15 -8.26 -27.97 -35.51
N MET B 16 -9.44 -27.46 -35.12
CA MET B 16 -9.99 -27.67 -33.78
C MET B 16 -10.20 -29.15 -33.47
N GLY B 17 -10.59 -29.94 -34.48
CA GLY B 17 -10.85 -31.35 -34.26
C GLY B 17 -9.62 -32.19 -33.97
N ALA B 18 -8.43 -31.67 -34.28
CA ALA B 18 -7.19 -32.45 -34.13
C ALA B 18 -6.22 -31.85 -33.12
N ALA B 19 -6.62 -30.81 -32.38
CA ALA B 19 -5.75 -30.27 -31.34
C ALA B 19 -5.72 -31.19 -30.13
N SER B 20 -6.89 -31.43 -29.55
CA SER B 20 -7.30 -32.58 -28.76
C SER B 20 -6.79 -32.68 -27.32
N VAL B 21 -5.76 -31.92 -26.91
CA VAL B 21 -5.63 -31.06 -25.70
C VAL B 21 -4.18 -30.58 -25.69
N VAL B 22 -3.92 -29.33 -25.28
CA VAL B 22 -2.56 -28.92 -24.96
C VAL B 22 -2.10 -29.62 -23.69
N LEU B 23 -0.96 -30.32 -23.78
CA LEU B 23 -0.40 -31.21 -22.74
C LEU B 23 -1.41 -32.28 -22.34
N SER B 55 7.00 0.18 -3.77
CA SER B 55 7.57 0.30 -5.11
C SER B 55 6.49 0.15 -6.17
N VAL B 56 6.92 0.14 -7.43
CA VAL B 56 5.97 0.03 -8.54
C VAL B 56 5.61 -1.42 -8.80
N TRP B 57 6.63 -2.23 -9.13
CA TRP B 57 6.37 -3.60 -9.55
C TRP B 57 5.95 -4.49 -8.40
N GLY B 58 6.21 -4.10 -7.15
CA GLY B 58 5.68 -4.85 -6.02
C GLY B 58 4.16 -4.74 -5.93
N ILE B 59 3.62 -3.53 -6.13
CA ILE B 59 2.18 -3.36 -6.20
C ILE B 59 1.62 -4.03 -7.45
N LYS B 60 2.39 -4.03 -8.54
CA LYS B 60 1.99 -4.77 -9.75
C LYS B 60 1.86 -6.27 -9.49
N GLN B 61 2.81 -6.84 -8.76
CA GLN B 61 2.75 -8.25 -8.37
C GLN B 61 1.56 -8.51 -7.47
N LEU B 62 1.39 -7.69 -6.44
CA LEU B 62 0.34 -7.93 -5.44
C LEU B 62 -1.05 -7.68 -6.01
N GLN B 63 -1.16 -6.97 -7.13
CA GLN B 63 -2.44 -6.90 -7.84
C GLN B 63 -2.63 -8.06 -8.82
N ALA B 64 -1.61 -8.35 -9.63
CA ALA B 64 -1.75 -9.31 -10.72
C ALA B 64 -1.89 -10.74 -10.21
N ARG B 65 -1.21 -11.08 -9.10
CA ARG B 65 -1.36 -12.41 -8.54
C ARG B 65 -2.79 -12.65 -8.07
N VAL B 66 -3.39 -11.65 -7.41
CA VAL B 66 -4.75 -11.78 -6.90
C VAL B 66 -5.75 -11.85 -8.05
N LEU B 67 -5.50 -11.05 -9.11
CA LEU B 67 -6.35 -11.10 -10.29
C LEU B 67 -6.31 -12.47 -10.97
N ALA B 68 -5.11 -13.04 -11.12
CA ALA B 68 -4.98 -14.35 -11.75
C ALA B 68 -5.59 -15.45 -10.90
N VAL B 69 -5.43 -15.38 -9.57
CA VAL B 69 -5.98 -16.38 -8.68
C VAL B 69 -7.49 -16.36 -8.71
N GLU B 70 -8.10 -15.17 -8.67
CA GLU B 70 -9.56 -15.10 -8.70
C GLU B 70 -10.10 -15.50 -10.06
N ARG B 71 -9.40 -15.14 -11.14
CA ARG B 71 -9.85 -15.53 -12.46
C ARG B 71 -9.75 -17.04 -12.66
N TYR B 72 -8.77 -17.67 -12.03
CA TYR B 72 -8.72 -19.13 -12.09
C TYR B 72 -9.84 -19.76 -11.28
N LEU B 73 -10.12 -19.21 -10.09
CA LEU B 73 -11.15 -19.81 -9.26
C LEU B 73 -12.54 -19.65 -9.85
N ARG B 74 -12.76 -18.62 -10.67
CA ARG B 74 -14.05 -18.52 -11.36
C ARG B 74 -14.23 -19.64 -12.36
N ASP B 75 -13.16 -20.01 -13.06
CA ASP B 75 -13.21 -21.15 -13.97
C ASP B 75 -13.43 -22.45 -13.20
N GLN B 76 -12.82 -22.56 -12.01
CA GLN B 76 -13.10 -23.73 -11.19
C GLN B 76 -14.53 -23.75 -10.66
N GLN B 77 -15.16 -22.60 -10.53
CA GLN B 77 -16.55 -22.61 -10.09
C GLN B 77 -17.49 -22.99 -11.22
N LEU B 78 -17.24 -22.50 -12.42
CA LEU B 78 -18.06 -22.96 -13.55
C LEU B 78 -17.80 -24.43 -13.86
N LEU B 79 -16.60 -24.92 -13.59
CA LEU B 79 -16.33 -26.33 -13.80
C LEU B 79 -16.85 -27.19 -12.65
N GLY B 80 -17.01 -26.61 -11.47
CA GLY B 80 -17.40 -27.35 -10.30
C GLY B 80 -18.86 -27.72 -10.29
N LEU B 81 -19.70 -26.80 -10.75
CA LEU B 81 -21.14 -27.04 -10.74
C LEU B 81 -21.60 -27.92 -11.88
N TRP B 82 -20.70 -28.38 -12.74
CA TRP B 82 -21.07 -29.24 -13.85
C TRP B 82 -20.68 -30.69 -13.61
N GLY B 83 -20.21 -31.00 -12.41
CA GLY B 83 -19.73 -32.34 -12.11
C GLY B 83 -18.47 -32.69 -12.86
N CYS B 84 -17.52 -31.77 -12.93
CA CYS B 84 -16.33 -31.97 -13.75
C CYS B 84 -15.07 -31.46 -13.06
N THR B 85 -15.06 -31.42 -11.74
CA THR B 85 -13.86 -30.96 -11.04
C THR B 85 -12.77 -32.00 -11.15
N GLY B 86 -11.68 -31.63 -11.82
CA GLY B 86 -10.56 -32.51 -12.03
C GLY B 86 -10.44 -33.07 -13.43
N LYS B 87 -11.52 -33.04 -14.20
CA LYS B 87 -11.46 -33.52 -15.57
C LYS B 87 -11.08 -32.38 -16.51
N THR B 88 -10.57 -32.76 -17.67
CA THR B 88 -10.31 -31.83 -18.76
C THR B 88 -11.36 -31.91 -19.85
N ILE B 89 -11.87 -33.11 -20.12
CA ILE B 89 -12.91 -33.33 -21.12
C ILE B 89 -14.09 -34.00 -20.41
N CYS B 90 -15.27 -33.44 -20.59
CA CYS B 90 -16.48 -34.03 -20.03
C CYS B 90 -17.52 -34.26 -21.12
N CYS B 91 -18.44 -35.16 -20.81
CA CYS B 91 -19.71 -35.26 -21.51
C CYS B 91 -20.81 -34.81 -20.56
N THR B 92 -22.02 -34.70 -21.07
CA THR B 92 -23.16 -34.41 -20.21
C THR B 92 -24.40 -35.04 -20.82
N ALA B 93 -25.56 -34.74 -20.24
CA ALA B 93 -26.83 -35.24 -20.74
C ALA B 93 -27.62 -34.20 -21.52
N VAL B 94 -27.10 -32.97 -21.63
CA VAL B 94 -27.86 -31.89 -22.25
C VAL B 94 -27.76 -32.01 -23.76
N ARG B 95 -28.92 -32.06 -24.42
CA ARG B 95 -28.95 -32.08 -25.88
C ARG B 95 -28.55 -30.72 -26.44
N TRP B 96 -28.06 -30.74 -27.66
CA TRP B 96 -27.63 -29.55 -28.37
C TRP B 96 -28.76 -29.06 -29.24
N ASN B 97 -29.25 -27.86 -28.97
CA ASN B 97 -30.32 -27.31 -29.79
C ASN B 97 -29.79 -26.89 -31.14
N LYS B 98 -30.62 -27.07 -32.17
CA LYS B 98 -30.27 -26.65 -33.51
C LYS B 98 -30.49 -25.16 -33.75
N THR B 99 -30.97 -24.43 -32.74
CA THR B 99 -30.94 -22.98 -32.78
C THR B 99 -29.70 -22.42 -32.11
N TRP B 100 -28.95 -23.24 -31.37
CA TRP B 100 -27.76 -22.79 -30.69
C TRP B 100 -26.63 -22.59 -31.68
N GLY B 101 -26.59 -21.41 -32.27
CA GLY B 101 -25.63 -21.13 -33.31
C GLY B 101 -26.14 -21.58 -34.65
N ASN B 102 -25.33 -21.32 -35.68
CA ASN B 102 -25.74 -21.64 -37.03
C ASN B 102 -25.38 -23.10 -37.27
N ILE B 103 -26.40 -23.94 -37.38
CA ILE B 103 -26.22 -25.38 -37.30
C ILE B 103 -26.27 -26.00 -38.68
N SER B 104 -25.26 -26.80 -38.97
CA SER B 104 -25.11 -27.54 -40.22
C SER B 104 -24.62 -28.92 -39.82
N ASP B 105 -24.02 -29.64 -40.76
CA ASP B 105 -23.30 -30.87 -40.42
C ASP B 105 -22.19 -30.55 -39.43
N TYR B 106 -22.23 -31.23 -38.27
CA TYR B 106 -21.29 -30.95 -37.20
C TYR B 106 -19.88 -31.42 -37.52
N GLN B 107 -19.76 -32.38 -38.44
CA GLN B 107 -18.44 -32.85 -38.84
C GLN B 107 -17.70 -31.77 -39.61
N VAL B 108 -18.45 -30.92 -40.33
CA VAL B 108 -17.88 -29.74 -40.96
C VAL B 108 -17.40 -28.75 -39.90
N ILE B 109 -18.13 -28.66 -38.78
CA ILE B 109 -17.74 -27.79 -37.69
C ILE B 109 -16.42 -28.25 -37.06
N TRP B 110 -16.24 -29.57 -36.94
CA TRP B 110 -14.97 -30.06 -36.44
C TRP B 110 -13.85 -29.93 -37.47
N ASN B 111 -14.16 -30.11 -38.75
CA ASN B 111 -13.09 -30.20 -39.75
C ASN B 111 -12.66 -28.86 -40.32
N ASN B 112 -13.50 -27.82 -40.26
CA ASN B 112 -13.25 -26.60 -41.01
C ASN B 112 -13.19 -25.36 -40.14
N TYR B 113 -13.24 -25.49 -38.83
CA TYR B 113 -13.19 -24.35 -37.94
C TYR B 113 -11.96 -24.42 -37.04
N THR B 114 -11.68 -23.29 -36.40
CA THR B 114 -10.79 -23.20 -35.26
C THR B 114 -11.59 -22.63 -34.09
N TRP B 115 -10.93 -22.50 -32.95
CA TRP B 115 -11.62 -22.02 -31.75
C TRP B 115 -12.02 -20.55 -31.88
N GLN B 116 -11.20 -19.75 -32.54
CA GLN B 116 -11.55 -18.36 -32.78
C GLN B 116 -12.75 -18.24 -33.71
N GLN B 117 -12.90 -19.17 -34.65
CA GLN B 117 -14.05 -19.12 -35.53
C GLN B 117 -15.30 -19.62 -34.84
N TRP B 118 -15.17 -20.67 -34.03
CA TRP B 118 -16.35 -21.23 -33.37
C TRP B 118 -16.81 -20.37 -32.21
N ASP B 119 -15.90 -19.60 -31.60
CA ASP B 119 -16.25 -18.80 -30.43
C ASP B 119 -17.16 -17.64 -30.78
N ARG B 120 -17.13 -17.18 -32.03
CA ARG B 120 -18.10 -16.19 -32.47
C ARG B 120 -19.51 -16.77 -32.46
N GLU B 121 -19.65 -18.03 -32.83
CA GLU B 121 -20.96 -18.65 -32.86
C GLU B 121 -21.37 -19.16 -31.48
N VAL B 122 -20.41 -19.28 -30.56
CA VAL B 122 -20.72 -19.66 -29.18
C VAL B 122 -21.55 -18.58 -28.49
N ASN B 123 -21.22 -17.31 -28.72
CA ASN B 123 -21.88 -16.19 -28.05
C ASN B 123 -23.36 -16.10 -28.44
N ASN B 124 -24.10 -15.35 -27.62
CA ASN B 124 -25.56 -15.24 -27.46
C ASN B 124 -26.15 -16.48 -26.78
N TYR B 125 -25.33 -17.49 -26.49
CA TYR B 125 -25.81 -18.75 -25.92
C TYR B 125 -25.03 -19.09 -24.66
N THR B 126 -24.41 -18.09 -24.04
CA THR B 126 -23.52 -18.32 -22.92
C THR B 126 -24.30 -18.68 -21.67
N GLY B 127 -25.15 -17.75 -21.20
CA GLY B 127 -25.84 -17.94 -19.94
C GLY B 127 -26.89 -19.03 -19.97
N LEU B 128 -27.49 -19.26 -21.14
CA LEU B 128 -28.50 -20.30 -21.28
C LEU B 128 -27.92 -21.69 -21.05
N ILE B 129 -26.83 -22.00 -21.76
CA ILE B 129 -26.18 -23.30 -21.58
C ILE B 129 -25.52 -23.37 -20.21
N TYR B 130 -24.98 -22.25 -19.72
CA TYR B 130 -24.32 -22.29 -18.43
C TYR B 130 -25.30 -22.36 -17.26
N THR B 131 -26.59 -22.15 -17.51
CA THR B 131 -27.60 -22.44 -16.51
C THR B 131 -28.19 -23.84 -16.70
N LEU B 132 -28.33 -24.30 -17.95
CA LEU B 132 -28.88 -25.62 -18.21
C LEU B 132 -27.96 -26.73 -17.71
N LEU B 133 -26.65 -26.53 -17.79
CA LEU B 133 -25.72 -27.53 -17.27
C LEU B 133 -25.81 -27.62 -15.75
N GLU B 134 -25.89 -26.48 -15.08
CA GLU B 134 -25.98 -26.48 -13.62
C GLU B 134 -27.31 -27.03 -13.15
N GLU B 135 -28.36 -26.90 -13.95
CA GLU B 135 -29.60 -27.55 -13.60
C GLU B 135 -29.52 -29.05 -13.84
N ALA B 136 -28.95 -29.46 -14.98
CA ALA B 136 -29.01 -30.86 -15.36
C ALA B 136 -27.99 -31.74 -14.64
N ASN B 137 -26.98 -31.17 -13.98
CA ASN B 137 -26.08 -31.98 -13.19
C ASN B 137 -26.46 -32.04 -11.72
N THR B 138 -26.45 -30.89 -11.03
CA THR B 138 -26.58 -30.91 -9.58
C THR B 138 -27.99 -31.19 -9.10
N GLN B 139 -28.98 -31.10 -9.99
CA GLN B 139 -30.36 -31.38 -9.63
C GLN B 139 -30.89 -32.64 -10.27
N GLN B 140 -30.59 -32.86 -11.55
CA GLN B 140 -31.18 -34.01 -12.24
C GLN B 140 -30.47 -35.30 -11.87
N GLU B 141 -29.16 -35.25 -11.64
CA GLU B 141 -28.45 -36.47 -11.28
C GLU B 141 -28.52 -36.74 -9.78
N LYS B 142 -28.40 -35.69 -8.95
CA LYS B 142 -28.30 -35.90 -7.51
C LYS B 142 -29.61 -36.35 -6.90
N ASN B 143 -30.73 -35.82 -7.40
CA ASN B 143 -32.04 -36.25 -6.92
C ASN B 143 -32.30 -37.71 -7.29
N GLU B 144 -31.96 -38.10 -8.52
CA GLU B 144 -32.11 -39.48 -8.92
C GLU B 144 -31.08 -40.39 -8.25
N LYS B 145 -30.00 -39.82 -7.74
CA LYS B 145 -29.06 -40.63 -6.97
C LYS B 145 -29.57 -40.86 -5.55
N GLU B 146 -30.15 -39.84 -4.93
CA GLU B 146 -30.54 -39.96 -3.54
C GLU B 146 -31.95 -40.51 -3.34
N LEU B 147 -32.87 -40.25 -4.27
CA LEU B 147 -34.25 -40.66 -4.08
C LEU B 147 -34.61 -41.96 -4.80
N LEU B 148 -34.18 -42.13 -6.05
CA LEU B 148 -34.44 -43.38 -6.75
C LEU B 148 -33.64 -44.52 -6.14
N GLU B 149 -32.39 -44.26 -5.79
CA GLU B 149 -31.59 -45.19 -5.02
C GLU B 149 -31.64 -44.76 -3.56
N LEU B 150 -32.24 -45.59 -2.71
CA LEU B 150 -32.51 -45.25 -1.32
C LEU B 150 -31.25 -45.06 -0.50
N ASP B 151 -30.12 -45.58 -0.96
CA ASP B 151 -28.90 -45.55 -0.18
C ASP B 151 -27.78 -44.91 -0.99
N GLU C 1 8.18 -56.88 -10.68
CA GLU C 1 7.66 -55.80 -11.50
C GLU C 1 8.21 -54.45 -11.08
N ASN C 2 8.16 -53.50 -12.01
CA ASN C 2 8.43 -52.11 -11.68
C ASN C 2 7.28 -51.58 -10.85
N TRP C 3 7.54 -51.27 -9.59
CA TRP C 3 6.48 -50.82 -8.70
C TRP C 3 6.05 -49.42 -9.08
N TRP C 4 4.79 -49.28 -9.49
CA TRP C 4 4.31 -48.09 -10.18
C TRP C 4 4.29 -46.86 -9.26
N VAL C 5 4.15 -45.71 -9.88
CA VAL C 5 4.30 -44.44 -9.20
C VAL C 5 3.07 -44.16 -8.35
N THR C 6 3.28 -43.80 -7.09
CA THR C 6 2.24 -43.22 -6.27
C THR C 6 2.58 -41.77 -5.94
N VAL C 7 1.54 -41.00 -5.68
CA VAL C 7 1.66 -39.60 -5.31
C VAL C 7 0.90 -39.43 -4.01
N TYR C 8 1.63 -39.21 -2.92
CA TYR C 8 0.99 -38.89 -1.65
C TYR C 8 0.69 -37.40 -1.61
N TYR C 9 0.12 -36.93 -0.50
CA TYR C 9 0.02 -35.49 -0.32
C TYR C 9 0.36 -35.02 1.08
N GLY C 10 0.22 -35.84 2.12
CA GLY C 10 0.64 -35.45 3.46
C GLY C 10 2.11 -35.72 3.65
N VAL C 11 2.96 -34.92 3.02
CA VAL C 11 4.36 -35.28 2.85
C VAL C 11 5.25 -34.30 3.61
N PRO C 12 5.91 -34.73 4.68
CA PRO C 12 6.84 -33.84 5.40
C PRO C 12 8.23 -33.75 4.80
N VAL C 13 8.44 -32.86 3.84
CA VAL C 13 9.75 -32.63 3.24
C VAL C 13 10.16 -31.19 3.47
N TRP C 14 11.39 -31.00 3.95
CA TRP C 14 11.94 -29.69 4.28
C TRP C 14 12.76 -29.12 3.14
N ARG C 15 12.66 -27.80 2.98
CA ARG C 15 13.64 -27.03 2.23
C ARG C 15 13.91 -25.75 3.00
N GLU C 16 15.19 -25.40 3.13
CA GLU C 16 15.53 -24.14 3.77
C GLU C 16 15.19 -22.99 2.85
N ALA C 17 14.45 -22.01 3.37
CA ALA C 17 14.02 -20.88 2.55
C ALA C 17 13.97 -19.63 3.42
N LYS C 18 13.73 -18.51 2.77
CA LYS C 18 13.60 -17.23 3.43
C LYS C 18 12.24 -16.63 3.08
N THR C 19 11.55 -16.12 4.09
CA THR C 19 10.22 -15.55 3.89
C THR C 19 9.96 -14.53 4.98
N THR C 20 8.74 -13.99 4.98
CA THR C 20 8.35 -12.93 5.90
C THR C 20 7.57 -13.52 7.07
N LEU C 21 7.98 -13.18 8.29
CA LEU C 21 7.30 -13.63 9.49
C LEU C 21 6.24 -12.61 9.88
N PHE C 22 5.59 -12.80 11.03
CA PHE C 22 4.57 -11.85 11.47
C PHE C 22 4.42 -11.91 13.00
N CYS C 23 3.55 -11.02 13.51
CA CYS C 23 3.40 -10.74 14.92
C CYS C 23 2.66 -11.83 15.67
N ALA C 24 2.93 -11.92 16.98
CA ALA C 24 1.99 -12.47 17.95
C ALA C 24 2.24 -11.73 19.25
N SER C 25 1.26 -10.97 19.70
CA SER C 25 1.40 -10.17 20.90
C SER C 25 0.40 -10.64 21.95
N ASP C 26 0.78 -10.46 23.22
CA ASP C 26 -0.16 -10.70 24.30
C ASP C 26 -1.21 -9.60 24.31
N ALA C 27 -2.39 -9.93 24.82
CA ALA C 27 -3.54 -9.02 24.77
C ALA C 27 -3.45 -8.00 25.90
N LYS C 28 -2.47 -7.09 25.77
CA LYS C 28 -2.27 -5.99 26.70
C LYS C 28 -2.17 -4.72 25.84
N SER C 29 -3.32 -4.14 25.52
CA SER C 29 -3.40 -3.00 24.63
C SER C 29 -4.21 -1.89 25.30
N TYR C 30 -3.53 -0.86 25.78
CA TYR C 30 -4.18 0.27 26.41
C TYR C 30 -3.28 1.50 26.39
N HIS C 35 1.06 5.82 23.43
CA HIS C 35 0.73 4.65 22.65
C HIS C 35 1.76 3.53 22.69
N ASN C 36 2.84 3.72 23.47
CA ASN C 36 3.80 2.67 23.80
C ASN C 36 4.47 2.06 22.57
N ILE C 37 5.46 2.76 21.99
CA ILE C 37 5.88 2.82 20.59
C ILE C 37 5.62 1.57 19.76
N TRP C 38 5.93 0.40 20.30
CA TRP C 38 5.63 -0.86 19.62
C TRP C 38 4.13 -1.15 19.55
N ALA C 39 3.33 -0.43 20.34
CA ALA C 39 1.93 -0.06 20.12
C ALA C 39 0.88 -1.14 20.33
N THR C 40 1.29 -2.42 20.39
CA THR C 40 0.43 -3.59 20.50
C THR C 40 -0.76 -3.47 19.53
N GLN C 41 -0.49 -3.02 18.31
CA GLN C 41 -1.56 -2.51 17.45
C GLN C 41 -1.17 -2.80 16.01
N ALA C 42 -2.18 -3.18 15.21
CA ALA C 42 -2.02 -3.86 13.92
C ALA C 42 -1.07 -5.04 14.06
N CYS C 43 -1.25 -5.81 15.14
CA CYS C 43 -0.32 -6.84 15.55
C CYS C 43 -1.21 -7.99 16.01
N VAL C 44 -0.91 -9.19 15.53
CA VAL C 44 -1.82 -10.33 15.68
C VAL C 44 -1.89 -10.74 17.14
N PRO C 45 -3.07 -10.97 17.71
CA PRO C 45 -3.16 -11.49 19.07
C PRO C 45 -2.71 -12.94 19.12
N THR C 46 -2.13 -13.31 20.27
CA THR C 46 -1.51 -14.61 20.41
C THR C 46 -2.57 -15.72 20.48
N ASP C 47 -2.11 -16.94 20.21
CA ASP C 47 -2.97 -18.08 20.48
C ASP C 47 -2.76 -18.54 21.92
N PRO C 48 -3.85 -18.86 22.63
CA PRO C 48 -3.71 -19.29 24.03
C PRO C 48 -3.00 -20.62 24.21
N THR C 49 -2.96 -21.46 23.19
CA THR C 49 -2.28 -22.74 23.28
C THR C 49 -0.94 -22.65 22.56
N PRO C 50 0.19 -22.76 23.27
CA PRO C 50 1.48 -22.85 22.57
C PRO C 50 1.62 -24.20 21.89
N GLN C 51 1.50 -24.22 20.57
CA GLN C 51 1.42 -25.46 19.81
C GLN C 51 2.80 -25.82 19.30
N GLU C 52 3.37 -26.88 19.86
CA GLU C 52 4.61 -27.45 19.35
C GLU C 52 4.44 -28.95 19.21
N VAL C 53 5.30 -29.56 18.40
CA VAL C 53 5.34 -31.01 18.19
C VAL C 53 6.79 -31.44 18.19
N LEU C 54 7.10 -32.46 19.00
CA LEU C 54 8.44 -33.02 19.05
C LEU C 54 8.77 -33.75 17.74
N LEU C 55 10.06 -33.91 17.47
CA LEU C 55 10.52 -34.57 16.24
C LEU C 55 11.69 -35.48 16.56
N PRO C 56 11.42 -36.73 16.95
CA PRO C 56 12.50 -37.67 17.24
C PRO C 56 13.16 -38.17 15.96
N ASN C 57 14.37 -38.73 16.13
CA ASN C 57 15.23 -39.20 15.03
C ASN C 57 15.46 -38.14 13.95
N VAL C 58 15.65 -36.90 14.38
CA VAL C 58 15.86 -35.79 13.45
C VAL C 58 17.24 -35.21 13.71
N THR C 59 18.08 -35.19 12.69
CA THR C 59 19.40 -34.60 12.77
C THR C 59 19.43 -33.42 11.82
N GLU C 60 19.34 -32.21 12.38
CA GLU C 60 19.20 -31.00 11.60
C GLU C 60 20.30 -30.00 11.96
N GLU C 61 20.96 -29.47 10.95
CA GLU C 61 21.96 -28.42 11.10
C GLU C 61 21.34 -27.07 10.76
N PHE C 62 21.63 -26.07 11.58
CA PHE C 62 21.20 -24.70 11.30
C PHE C 62 22.22 -23.73 11.89
N ASN C 63 22.46 -22.65 11.17
CA ASN C 63 23.55 -21.73 11.47
C ASN C 63 23.00 -20.50 12.18
N MET C 64 23.61 -20.16 13.32
CA MET C 64 23.25 -18.93 14.01
C MET C 64 23.72 -17.70 13.27
N TRP C 65 24.93 -17.73 12.72
CA TRP C 65 25.52 -16.52 12.17
C TRP C 65 25.05 -16.19 10.76
N GLU C 66 24.04 -16.89 10.24
CA GLU C 66 23.44 -16.56 8.95
C GLU C 66 21.92 -16.51 9.04
N ASN C 67 21.39 -16.26 10.24
CA ASN C 67 19.97 -16.38 10.48
C ASN C 67 19.25 -15.18 9.91
N TYR C 68 18.29 -15.44 9.02
CA TYR C 68 17.57 -14.38 8.33
C TYR C 68 16.58 -13.65 9.24
N MET C 69 16.13 -14.32 10.31
CA MET C 69 15.17 -13.73 11.22
C MET C 69 15.73 -12.52 11.94
N VAL C 70 17.05 -12.47 12.13
CA VAL C 70 17.68 -11.36 12.83
C VAL C 70 17.58 -10.09 11.98
N ASP C 71 17.93 -10.19 10.70
CA ASP C 71 17.83 -9.03 9.83
C ASP C 71 16.39 -8.64 9.58
N GLN C 72 15.49 -9.64 9.54
CA GLN C 72 14.05 -9.36 9.46
C GLN C 72 13.59 -8.52 10.64
N MET C 73 14.00 -8.89 11.85
CA MET C 73 13.49 -8.19 13.01
C MET C 73 14.19 -6.85 13.21
N GLN C 74 15.44 -6.72 12.76
CA GLN C 74 16.08 -5.40 12.77
C GLN C 74 15.36 -4.44 11.83
N GLU C 75 15.01 -4.90 10.63
CA GLU C 75 14.27 -4.04 9.72
C GLU C 75 12.89 -3.71 10.24
N ASP C 76 12.25 -4.65 10.95
CA ASP C 76 10.97 -4.38 11.57
C ASP C 76 11.07 -3.29 12.63
N ILE C 77 12.09 -3.37 13.50
CA ILE C 77 12.24 -2.38 14.57
C ILE C 77 12.59 -1.01 13.99
N ILE C 78 13.41 -0.97 12.94
CA ILE C 78 13.79 0.32 12.35
C ILE C 78 12.58 0.96 11.67
N SER C 79 11.79 0.18 10.93
CA SER C 79 10.62 0.76 10.28
C SER C 79 9.55 1.17 11.28
N LEU C 80 9.43 0.44 12.38
CA LEU C 80 8.48 0.80 13.42
C LEU C 80 8.90 2.09 14.14
N TRP C 81 10.19 2.20 14.44
CA TRP C 81 10.73 3.42 15.05
C TRP C 81 10.57 4.62 14.13
N GLU C 82 10.70 4.40 12.83
CA GLU C 82 10.51 5.50 11.90
C GLU C 82 9.04 5.91 11.79
N GLN C 83 8.14 4.92 11.79
CA GLN C 83 6.71 5.24 11.73
C GLN C 83 6.24 5.96 12.98
N SER C 84 6.79 5.60 14.14
CA SER C 84 6.31 6.17 15.39
C SER C 84 6.73 7.62 15.58
N LEU C 85 7.78 8.08 14.93
CA LEU C 85 8.18 9.47 15.01
C LEU C 85 7.64 10.32 13.88
N LYS C 86 6.83 9.74 12.98
CA LYS C 86 6.27 10.52 11.89
C LYS C 86 5.25 11.58 12.33
N PRO C 87 4.20 11.28 13.12
CA PRO C 87 3.22 12.34 13.38
C PRO C 87 3.67 13.36 14.42
N CYS C 88 4.80 13.15 15.09
CA CYS C 88 5.26 14.12 16.06
C CYS C 88 5.86 15.34 15.36
N VAL C 89 6.07 16.39 16.14
CA VAL C 89 6.48 17.67 15.59
C VAL C 89 7.98 17.66 15.29
N LYS C 90 8.37 18.36 14.23
CA LYS C 90 9.79 18.61 14.03
C LYS C 90 10.30 19.64 15.01
N LEU C 91 11.61 19.70 15.16
CA LEU C 91 12.25 20.65 16.05
C LEU C 91 13.27 21.46 15.26
N THR C 92 12.89 21.84 14.04
CA THR C 92 13.80 22.60 13.19
C THR C 92 14.05 24.03 13.68
N PRO C 93 13.05 24.86 14.02
CA PRO C 93 13.38 26.27 14.33
C PRO C 93 14.08 26.48 15.66
N LEU C 94 14.36 25.43 16.43
CA LEU C 94 15.05 25.61 17.69
C LEU C 94 16.55 25.86 17.50
N CYS C 95 17.10 25.50 16.34
CA CYS C 95 18.51 25.78 16.04
C CYS C 95 18.72 27.28 15.94
N VAL C 96 19.36 27.86 16.97
CA VAL C 96 19.51 29.30 17.08
C VAL C 96 20.67 29.54 18.04
N THR C 97 21.26 30.73 17.96
CA THR C 97 22.34 31.10 18.87
C THR C 97 21.79 31.20 20.29
N LEU C 98 22.48 30.56 21.22
CA LEU C 98 22.00 30.41 22.59
C LEU C 98 22.87 31.24 23.53
N THR C 99 22.24 32.13 24.28
CA THR C 99 22.93 32.88 25.32
C THR C 99 22.80 32.10 26.61
N CYS C 100 23.89 31.48 27.06
CA CYS C 100 23.82 30.55 28.17
C CYS C 100 24.75 31.00 29.30
N ASN C 101 24.50 30.44 30.49
CA ASN C 101 25.35 30.64 31.64
C ASN C 101 25.07 29.51 32.64
N ASN C 102 25.74 29.57 33.78
CA ASN C 102 25.40 28.69 34.89
C ASN C 102 24.02 29.07 35.43
N PRO C 103 23.23 28.08 35.87
CA PRO C 103 21.85 28.39 36.30
C PRO C 103 21.74 29.32 37.50
N THR C 104 22.24 28.89 38.67
CA THR C 104 22.46 29.59 39.94
C THR C 104 23.09 28.60 40.92
N ASN C 105 23.83 29.15 41.88
CA ASN C 105 24.33 28.39 43.02
C ASN C 105 24.36 29.30 44.24
N THR C 112 29.91 18.73 44.46
CA THR C 112 29.99 17.30 44.21
C THR C 112 28.59 16.70 44.21
N ASP C 113 28.30 15.90 43.18
CA ASP C 113 27.01 15.22 42.98
C ASP C 113 25.87 16.23 42.91
N ASP C 114 25.94 17.09 41.89
CA ASP C 114 24.97 18.14 41.69
C ASP C 114 24.55 18.11 40.23
N ARG C 115 23.26 17.90 39.97
CA ARG C 115 22.77 17.88 38.60
C ARG C 115 22.80 19.26 37.97
N LEU C 116 22.69 20.32 38.78
CA LEU C 116 22.71 21.67 38.24
C LEU C 116 24.08 22.06 37.71
N GLY C 117 25.14 21.42 38.19
CA GLY C 117 26.46 21.65 37.63
C GLY C 117 26.61 21.10 36.23
N ASP C 118 25.82 20.09 35.88
CA ASP C 118 25.81 19.55 34.53
C ASP C 118 24.64 20.08 33.71
N MET C 119 24.05 21.18 34.13
CA MET C 119 22.99 21.82 33.37
C MET C 119 23.32 23.29 33.16
N ARG C 120 22.88 23.82 32.03
CA ARG C 120 23.10 25.20 31.66
C ARG C 120 21.78 25.90 31.46
N ASN C 121 21.73 27.17 31.83
CA ASN C 121 20.55 27.99 31.64
C ASN C 121 20.74 28.83 30.38
N CYS C 122 19.89 28.60 29.38
CA CYS C 122 20.08 29.17 28.05
C CYS C 122 18.83 29.96 27.65
N SER C 123 19.00 31.25 27.42
CA SER C 123 17.95 32.09 26.88
C SER C 123 18.21 32.34 25.40
N PHE C 124 17.14 32.46 24.63
CA PHE C 124 17.26 32.60 23.18
C PHE C 124 15.98 33.19 22.61
N ASN C 125 16.11 33.76 21.41
CA ASN C 125 14.97 34.28 20.68
C ASN C 125 14.34 33.19 19.84
N VAL C 126 13.02 33.03 19.98
CA VAL C 126 12.25 32.08 19.19
C VAL C 126 11.15 32.84 18.47
N THR C 127 10.83 32.40 17.26
CA THR C 127 9.72 32.99 16.52
C THR C 127 8.41 32.50 17.10
N THR C 128 7.50 33.43 17.36
CA THR C 128 6.18 33.08 17.88
C THR C 128 5.27 32.64 16.74
N GLU C 129 3.97 32.57 17.04
CA GLU C 129 2.94 32.23 16.08
C GLU C 129 2.62 33.38 15.13
N LEU C 130 3.22 34.56 15.31
CA LEU C 130 2.93 35.72 14.48
C LEU C 130 3.88 35.89 13.32
N ARG C 131 4.96 35.09 13.25
CA ARG C 131 5.98 35.08 12.19
C ARG C 131 6.78 36.38 12.07
N ASP C 132 6.54 37.36 12.92
CA ASP C 132 7.34 38.56 12.98
C ASP C 132 7.89 38.83 14.37
N LYS C 133 7.08 38.66 15.41
CA LYS C 133 7.46 39.09 16.75
C LYS C 133 8.21 37.96 17.43
N LYS C 134 9.52 37.97 17.30
CA LYS C 134 10.34 37.07 18.07
C LYS C 134 10.38 37.52 19.53
N ARG C 135 10.36 36.58 20.45
CA ARG C 135 10.44 36.90 21.86
C ARG C 135 11.53 36.06 22.51
N LYS C 136 11.95 36.51 23.69
CA LYS C 136 13.03 35.85 24.44
C LYS C 136 12.43 34.86 25.42
N VAL C 137 12.69 33.59 25.22
CA VAL C 137 12.33 32.57 26.18
C VAL C 137 13.62 31.99 26.75
N TYR C 138 13.50 31.08 27.71
CA TYR C 138 14.67 30.48 28.33
C TYR C 138 14.41 29.01 28.56
N SER C 139 15.49 28.28 28.82
CA SER C 139 15.41 26.84 28.94
C SER C 139 16.60 26.36 29.77
N LEU C 140 16.55 25.08 30.12
CA LEU C 140 17.67 24.40 30.73
C LEU C 140 18.07 23.24 29.82
N PHE C 141 19.37 23.00 29.71
CA PHE C 141 19.86 21.89 28.91
C PHE C 141 21.06 21.25 29.57
N TYR C 142 21.22 19.96 29.32
CA TYR C 142 22.41 19.26 29.78
C TYR C 142 23.60 19.63 28.90
N VAL C 143 24.78 19.62 29.51
CA VAL C 143 25.97 20.19 28.87
C VAL C 143 26.41 19.33 27.68
N GLU C 144 26.13 18.04 27.70
CA GLU C 144 26.50 17.18 26.59
C GLU C 144 25.56 17.28 25.39
N ASP C 145 24.69 18.29 25.32
CA ASP C 145 23.91 18.59 24.13
C ASP C 145 24.16 19.99 23.60
N ILE C 146 25.26 20.61 24.00
CA ILE C 146 25.56 22.00 23.67
C ILE C 146 27.06 22.13 23.40
N THR C 147 27.41 22.74 22.27
CA THR C 147 28.80 23.08 21.96
C THR C 147 28.95 24.58 21.75
N ALA C 148 30.19 25.02 21.57
CA ALA C 148 30.56 26.43 21.65
C ALA C 148 30.73 27.04 20.26
N ILE C 149 30.69 28.38 20.24
CA ILE C 149 31.00 29.14 19.03
C ILE C 149 32.16 30.08 19.32
N GLY C 150 31.93 31.04 20.22
CA GLY C 150 32.81 32.16 20.41
C GLY C 150 33.51 32.13 21.75
N ASN C 151 34.01 33.29 22.15
CA ASN C 151 34.82 33.40 23.36
C ASN C 151 34.00 33.74 24.59
N ASN C 152 32.72 34.01 24.43
CA ASN C 152 31.77 34.09 25.54
C ASN C 152 30.56 33.28 25.09
N SER C 153 29.43 33.47 25.79
CA SER C 153 28.36 32.50 25.98
C SER C 153 27.92 31.68 24.77
N THR C 154 27.30 32.33 23.79
CA THR C 154 27.28 32.03 22.34
C THR C 154 27.31 30.53 22.01
N TYR C 155 26.27 29.83 22.44
CA TYR C 155 26.24 28.39 22.35
C TYR C 155 25.36 27.87 21.22
N ARG C 156 25.73 26.71 20.68
CA ARG C 156 24.96 26.00 19.67
C ARG C 156 24.27 24.81 20.29
N LEU C 157 23.00 24.65 19.96
CA LEU C 157 22.33 23.38 20.18
C LEU C 157 22.96 22.36 19.24
N ILE C 158 23.30 21.18 19.77
CA ILE C 158 24.04 20.18 19.00
C ILE C 158 23.14 19.58 17.92
N ASN C 159 23.79 19.05 16.88
CA ASN C 159 23.13 18.39 15.75
C ASN C 159 22.26 19.34 14.97
N CYS C 160 22.73 20.57 14.80
CA CYS C 160 22.14 21.47 13.82
C CYS C 160 22.89 21.48 12.51
N ASN C 161 24.07 20.85 12.45
CA ASN C 161 24.75 20.65 11.18
C ASN C 161 24.73 19.22 10.68
N THR C 162 24.42 18.25 11.54
CA THR C 162 24.46 16.84 11.14
C THR C 162 23.14 16.36 10.56
N THR C 163 22.06 16.43 11.36
CA THR C 163 20.82 15.82 10.96
C THR C 163 19.65 16.55 11.61
N ALA C 164 18.47 16.34 11.06
CA ALA C 164 17.27 16.97 11.60
C ALA C 164 16.84 16.26 12.88
N ILE C 165 16.22 17.03 13.78
CA ILE C 165 15.83 16.56 15.09
C ILE C 165 14.32 16.72 15.22
N THR C 166 13.63 15.65 15.61
CA THR C 166 12.22 15.70 15.93
C THR C 166 12.02 15.21 17.35
N GLN C 167 11.23 15.94 18.13
CA GLN C 167 10.99 15.42 19.47
C GLN C 167 9.91 14.35 19.42
N ALA C 168 9.87 13.54 20.47
CA ALA C 168 8.86 12.51 20.56
C ALA C 168 7.59 13.07 21.15
N CYS C 169 6.47 12.46 20.80
CA CYS C 169 5.21 12.83 21.41
C CYS C 169 5.18 12.31 22.85
N PRO C 170 4.76 13.12 23.81
CA PRO C 170 4.94 12.75 25.22
C PRO C 170 4.04 11.62 25.68
N LYS C 171 2.96 11.33 24.98
CA LYS C 171 2.05 10.27 25.37
C LYS C 171 2.60 8.89 25.07
N THR C 172 3.63 8.79 24.23
CA THR C 172 4.21 7.51 23.91
C THR C 172 5.07 7.01 25.05
N SER C 173 5.30 5.70 25.07
CA SER C 173 6.16 5.07 26.05
C SER C 173 7.20 4.23 25.32
N PHE C 174 8.40 4.18 25.88
CA PHE C 174 9.49 3.41 25.29
C PHE C 174 9.58 2.02 25.89
N GLU C 175 8.50 1.53 26.48
CA GLU C 175 8.56 0.28 27.22
C GLU C 175 8.61 -0.91 26.27
N PRO C 176 9.58 -1.80 26.42
CA PRO C 176 9.65 -2.98 25.55
C PRO C 176 8.57 -3.99 25.87
N ILE C 177 7.59 -4.12 24.98
CA ILE C 177 6.56 -5.14 25.13
C ILE C 177 7.14 -6.45 24.60
N PRO C 178 6.63 -7.61 25.01
CA PRO C 178 7.08 -8.85 24.38
C PRO C 178 6.40 -9.04 23.03
N ILE C 179 7.18 -9.55 22.07
CA ILE C 179 6.69 -9.84 20.73
C ILE C 179 7.08 -11.26 20.38
N HIS C 180 6.10 -12.09 20.03
CA HIS C 180 6.38 -13.40 19.45
C HIS C 180 6.41 -13.27 17.94
N TYR C 181 7.26 -14.08 17.31
CA TYR C 181 7.26 -14.25 15.87
C TYR C 181 6.70 -15.60 15.48
N CYS C 182 5.86 -15.60 14.43
CA CYS C 182 5.23 -16.81 13.94
C CYS C 182 5.43 -16.89 12.43
N ALA C 183 5.42 -18.08 11.92
CA ALA C 183 5.54 -18.28 10.48
C ALA C 183 4.15 -18.35 9.84
N PRO C 184 4.01 -17.87 8.62
CA PRO C 184 2.74 -18.05 7.91
C PRO C 184 2.49 -19.51 7.59
N ALA C 185 1.23 -19.80 7.27
CA ALA C 185 0.84 -21.16 6.94
C ALA C 185 1.49 -21.57 5.62
N GLY C 186 2.17 -22.70 5.65
CA GLY C 186 3.06 -23.09 4.57
C GLY C 186 4.52 -22.99 4.93
N PHE C 187 4.85 -22.60 6.16
CA PHE C 187 6.21 -22.60 6.64
C PHE C 187 6.22 -23.09 8.09
N ALA C 188 7.36 -23.61 8.51
CA ALA C 188 7.49 -24.14 9.86
C ALA C 188 8.75 -23.58 10.51
N LEU C 189 8.76 -23.58 11.84
CA LEU C 189 9.85 -23.02 12.62
C LEU C 189 10.49 -24.15 13.42
N LEU C 190 11.71 -24.51 13.06
CA LEU C 190 12.43 -25.54 13.79
C LEU C 190 13.13 -24.93 15.00
N LYS C 191 13.02 -25.60 16.14
CA LYS C 191 13.56 -25.12 17.40
C LYS C 191 14.45 -26.20 18.01
N CYS C 192 15.68 -25.84 18.34
CA CYS C 192 16.51 -26.78 19.07
C CYS C 192 16.17 -26.74 20.55
N ASN C 193 16.48 -27.84 21.24
CA ASN C 193 16.19 -27.96 22.67
C ASN C 193 17.38 -28.51 23.44
N ASP C 194 18.57 -28.49 22.86
CA ASP C 194 19.75 -28.91 23.60
C ASP C 194 20.07 -27.93 24.71
N ILE C 195 20.73 -28.44 25.75
CA ILE C 195 21.02 -27.61 26.91
C ILE C 195 22.16 -26.63 26.62
N ASP C 196 22.93 -26.87 25.57
CA ASP C 196 23.96 -25.97 25.10
C ASP C 196 23.95 -26.03 23.59
N TYR C 197 24.43 -24.96 22.96
CA TYR C 197 24.52 -24.95 21.50
C TYR C 197 25.74 -24.14 21.11
N LYS C 198 26.69 -24.79 20.42
CA LYS C 198 27.96 -24.17 20.06
C LYS C 198 27.78 -23.01 19.08
N GLY C 199 26.70 -23.02 18.31
CA GLY C 199 26.47 -21.96 17.36
C GLY C 199 26.26 -22.47 15.96
N ASN C 200 27.05 -23.47 15.54
CA ASN C 200 26.93 -23.91 14.16
C ASN C 200 27.27 -25.40 14.05
N GLU C 201 26.28 -26.24 14.36
CA GLU C 201 26.42 -27.68 14.31
C GLU C 201 25.03 -28.28 14.17
N THR C 202 24.92 -29.58 14.44
CA THR C 202 23.67 -30.31 14.29
C THR C 202 23.03 -30.51 15.65
N CYS C 203 21.79 -30.05 15.79
CA CYS C 203 21.04 -30.29 17.01
C CYS C 203 20.44 -31.69 16.99
N LYS C 204 20.03 -32.18 18.15
CA LYS C 204 19.44 -33.50 18.28
C LYS C 204 17.98 -33.44 18.68
N ASN C 205 17.67 -32.85 19.83
CA ASN C 205 16.29 -32.74 20.28
C ASN C 205 15.68 -31.53 19.59
N VAL C 206 15.07 -31.77 18.44
CA VAL C 206 14.51 -30.72 17.61
C VAL C 206 12.99 -30.84 17.66
N SER C 207 12.31 -29.70 17.78
CA SER C 207 10.86 -29.70 17.74
C SER C 207 10.39 -28.53 16.90
N THR C 208 9.32 -28.73 16.14
CA THR C 208 8.71 -27.64 15.41
C THR C 208 7.74 -26.89 16.31
N VAL C 209 7.52 -25.62 15.99
CA VAL C 209 6.61 -24.78 16.77
C VAL C 209 6.04 -23.73 15.84
N HIS C 210 4.81 -23.32 16.11
CA HIS C 210 4.16 -22.34 15.26
C HIS C 210 4.65 -20.93 15.57
N CYS C 211 5.07 -20.67 16.80
CA CYS C 211 5.43 -19.32 17.23
C CYS C 211 6.63 -19.36 18.15
N THR C 212 7.49 -18.36 18.04
CA THR C 212 8.63 -18.23 18.92
C THR C 212 8.19 -17.74 20.31
N HIS C 213 9.12 -17.75 21.25
CA HIS C 213 8.83 -17.16 22.54
C HIS C 213 8.94 -15.65 22.45
N GLY C 214 8.56 -14.99 23.54
CA GLY C 214 8.45 -13.53 23.51
C GLY C 214 9.82 -12.88 23.51
N ILE C 215 10.00 -11.91 22.63
CA ILE C 215 11.23 -11.14 22.55
C ILE C 215 10.90 -9.69 22.86
N LYS C 216 11.56 -9.14 23.87
CA LYS C 216 11.42 -7.73 24.17
C LYS C 216 12.51 -6.97 23.43
N PRO C 217 12.18 -6.08 22.50
CA PRO C 217 13.22 -5.33 21.79
C PRO C 217 13.88 -4.29 22.67
N VAL C 218 14.82 -4.73 23.50
CA VAL C 218 15.49 -3.84 24.45
C VAL C 218 16.77 -3.36 23.77
N ALA C 219 16.74 -2.14 23.26
CA ALA C 219 17.89 -1.56 22.59
C ALA C 219 18.90 -1.09 23.63
N THR C 220 20.09 -1.66 23.59
CA THR C 220 21.13 -1.35 24.56
C THR C 220 22.49 -1.75 24.02
N THR C 221 23.51 -1.62 24.86
CA THR C 221 24.86 -2.06 24.55
C THR C 221 25.59 -2.24 25.86
N GLN C 222 26.75 -2.93 25.77
CA GLN C 222 27.65 -3.37 26.84
C GLN C 222 27.08 -4.50 27.71
N LEU C 223 25.79 -4.73 27.65
CA LEU C 223 25.07 -5.59 28.58
C LEU C 223 23.69 -5.84 27.98
N ILE C 224 23.22 -7.08 28.06
CA ILE C 224 21.94 -7.46 27.51
C ILE C 224 20.94 -7.54 28.65
N LEU C 225 19.79 -6.89 28.49
CA LEU C 225 18.87 -6.66 29.58
C LEU C 225 17.54 -7.35 29.31
N ASN C 226 16.96 -7.90 30.39
CA ASN C 226 15.68 -8.63 30.35
C ASN C 226 15.68 -9.76 29.32
N GLY C 227 16.81 -10.47 29.22
CA GLY C 227 16.99 -11.49 28.21
C GLY C 227 16.77 -12.89 28.75
N SER C 228 17.03 -13.86 27.87
CA SER C 228 16.89 -15.26 28.21
C SER C 228 18.19 -15.79 28.77
N THR C 229 18.08 -16.61 29.82
CA THR C 229 19.25 -17.14 30.51
C THR C 229 19.48 -18.58 30.10
N ALA C 230 20.73 -18.99 30.12
CA ALA C 230 21.06 -20.40 29.89
C ALA C 230 20.69 -21.22 31.11
N ASP C 231 20.60 -22.54 30.91
CA ASP C 231 19.99 -23.39 31.92
C ASP C 231 20.93 -24.40 32.57
N ASN C 232 22.13 -24.62 32.06
CA ASN C 232 23.12 -25.39 32.80
C ASN C 232 24.30 -24.51 33.19
N GLN C 233 24.97 -23.91 32.23
CA GLN C 233 26.14 -23.06 32.51
C GLN C 233 26.12 -21.86 31.58
N THR C 234 26.89 -20.85 31.97
CA THR C 234 27.09 -19.68 31.13
C THR C 234 27.83 -20.08 29.85
N VAL C 235 27.34 -19.63 28.72
CA VAL C 235 27.82 -20.06 27.42
C VAL C 235 28.43 -18.90 26.67
N ALA C 236 29.29 -19.22 25.72
CA ALA C 236 30.04 -18.23 24.95
C ALA C 236 29.86 -18.53 23.47
N ARG C 237 28.89 -17.87 22.85
CA ARG C 237 28.64 -18.03 21.42
C ARG C 237 29.58 -17.08 20.70
N ILE C 238 30.49 -17.62 19.91
CA ILE C 238 31.59 -16.84 19.35
C ILE C 238 31.43 -16.79 17.83
N ASP C 239 31.69 -15.61 17.26
CA ASP C 239 31.81 -15.47 15.82
C ASP C 239 33.11 -16.17 15.42
N PRO C 240 33.31 -16.55 14.13
CA PRO C 240 34.56 -17.24 13.78
C PRO C 240 35.82 -16.37 13.89
N SER C 241 36.19 -16.07 15.15
CA SER C 241 37.26 -15.14 15.53
C SER C 241 37.16 -13.81 14.81
N GLU C 242 35.93 -13.36 14.54
CA GLU C 242 35.76 -12.23 13.62
C GLU C 242 35.97 -10.92 14.35
N ASN C 243 35.04 -10.57 15.24
CA ASN C 243 35.24 -9.41 16.09
C ASN C 243 34.83 -9.64 17.54
N LEU C 244 33.72 -10.36 17.76
CA LEU C 244 33.06 -10.32 19.06
C LEU C 244 32.59 -11.71 19.45
N ALA C 245 31.99 -11.79 20.63
CA ALA C 245 31.42 -13.03 21.14
C ALA C 245 30.34 -12.68 22.15
N ILE C 246 29.21 -13.36 22.04
CA ILE C 246 28.07 -13.11 22.91
C ILE C 246 28.17 -14.04 24.12
N ILE C 247 28.17 -13.47 25.31
CA ILE C 247 28.14 -14.23 26.54
C ILE C 247 26.70 -14.25 27.02
N GLN C 248 26.19 -15.43 27.36
CA GLN C 248 24.87 -15.56 27.95
C GLN C 248 25.02 -16.19 29.32
N LEU C 249 24.73 -15.41 30.36
CA LEU C 249 24.89 -15.89 31.73
C LEU C 249 23.79 -16.89 32.10
N LYS C 250 24.03 -17.60 33.19
CA LYS C 250 22.98 -18.40 33.81
C LYS C 250 22.24 -17.60 34.87
N ASP C 251 22.99 -16.91 35.74
CA ASP C 251 22.41 -16.21 36.87
C ASP C 251 22.00 -14.81 36.43
N PRO C 252 20.72 -14.46 36.51
CA PRO C 252 20.33 -13.07 36.26
C PRO C 252 20.82 -12.18 37.40
N VAL C 253 21.48 -11.09 37.04
CA VAL C 253 22.07 -10.17 38.01
C VAL C 253 21.19 -8.93 38.07
N LYS C 254 20.71 -8.62 39.27
CA LYS C 254 19.81 -7.49 39.44
C LYS C 254 20.56 -6.18 39.29
N ILE C 255 19.93 -5.23 38.62
CA ILE C 255 20.48 -3.89 38.45
C ILE C 255 19.35 -2.88 38.65
N THR C 256 19.60 -1.87 39.47
CA THR C 256 18.66 -0.79 39.69
C THR C 256 19.30 0.50 39.22
N CYS C 257 18.48 1.41 38.70
CA CYS C 257 18.95 2.71 38.25
C CYS C 257 17.97 3.78 38.70
N ARG C 258 18.50 4.93 39.11
CA ARG C 258 17.71 5.93 39.77
C ARG C 258 18.02 7.31 39.21
N ARG C 259 16.98 8.13 39.03
CA ARG C 259 17.14 9.57 38.90
C ARG C 259 16.17 10.22 39.87
N PRO C 260 16.65 10.80 40.97
CA PRO C 260 15.76 11.32 41.99
C PRO C 260 15.29 12.74 41.68
N GLY C 261 14.12 13.07 42.22
CA GLY C 261 13.61 14.42 42.15
C GLY C 261 12.62 14.63 41.01
N ASN C 262 11.94 15.75 41.08
CA ASN C 262 11.00 16.16 40.04
C ASN C 262 11.67 17.11 39.05
N ASN C 263 10.95 17.39 37.97
CA ASN C 263 11.38 18.38 37.00
C ASN C 263 10.15 19.20 36.62
N THR C 264 10.15 20.48 36.98
CA THR C 264 9.10 21.38 36.55
C THR C 264 9.19 21.57 35.04
N ARG C 265 8.07 21.39 34.36
CA ARG C 265 8.02 21.39 32.90
C ARG C 265 7.13 22.53 32.42
N GLY C 266 7.62 23.28 31.44
CA GLY C 266 6.85 24.34 30.81
C GLY C 266 6.49 24.03 29.38
N GLN C 267 5.89 25.01 28.73
CA GLN C 267 5.51 24.90 27.32
C GLN C 267 5.92 26.15 26.58
N ILE C 268 6.37 25.97 25.33
CA ILE C 268 6.74 27.07 24.47
C ILE C 268 6.13 26.80 23.09
N GLN C 269 5.34 27.74 22.60
CA GLN C 269 4.73 27.63 21.28
C GLN C 269 5.75 28.07 20.23
N ILE C 270 6.37 27.10 19.56
CA ILE C 270 7.25 27.43 18.44
C ILE C 270 6.42 27.91 17.25
N GLY C 271 5.42 27.13 16.88
CA GLY C 271 4.56 27.48 15.77
C GLY C 271 3.15 26.98 16.01
N PRO C 272 2.39 26.85 14.93
CA PRO C 272 1.03 26.31 15.05
C PRO C 272 1.05 24.84 15.43
N ALA C 273 0.58 24.55 16.65
CA ALA C 273 0.61 23.22 17.27
C ALA C 273 2.01 22.64 17.33
N MET C 274 3.02 23.49 17.44
CA MET C 274 4.42 23.08 17.55
C MET C 274 4.83 23.42 18.99
N THR C 275 4.52 22.49 19.88
CA THR C 275 4.56 22.76 21.32
C THR C 275 5.80 22.10 21.90
N PHE C 276 6.87 22.89 22.02
CA PHE C 276 8.09 22.41 22.64
C PHE C 276 7.90 22.26 24.14
N TYR C 277 8.46 21.21 24.70
CA TYR C 277 8.44 21.01 26.13
C TYR C 277 9.80 21.33 26.73
N ASN C 278 9.79 22.10 27.79
CA ASN C 278 10.99 22.70 28.35
C ASN C 278 11.22 22.18 29.75
N ILE C 279 12.47 21.83 30.04
CA ILE C 279 12.87 21.56 31.42
C ILE C 279 12.98 22.91 32.10
N GLU C 280 11.94 23.29 32.84
CA GLU C 280 11.92 24.62 33.44
C GLU C 280 12.78 24.69 34.69
N ASN C 281 12.66 23.72 35.59
CA ASN C 281 13.40 23.79 36.84
C ASN C 281 13.58 22.39 37.41
N VAL C 282 14.66 22.23 38.15
CA VAL C 282 14.92 21.02 38.93
C VAL C 282 14.58 21.33 40.39
N VAL C 283 13.72 20.50 40.98
CA VAL C 283 13.09 20.83 42.26
C VAL C 283 13.63 19.99 43.40
N GLY C 284 13.46 18.67 43.34
CA GLY C 284 13.59 17.82 44.51
C GLY C 284 14.99 17.63 45.07
N ASP C 285 15.83 16.91 44.35
CA ASP C 285 17.15 16.57 44.85
C ASP C 285 18.16 16.74 43.74
N THR C 286 19.37 17.11 44.12
CA THR C 286 20.43 17.44 43.18
C THR C 286 21.31 16.25 42.82
N ARG C 287 21.06 15.07 43.39
CA ARG C 287 21.94 13.93 43.20
C ARG C 287 21.87 13.42 41.76
N LYS C 288 23.04 13.07 41.22
CA LYS C 288 23.13 12.63 39.84
C LYS C 288 22.48 11.28 39.66
N ALA C 289 22.15 10.97 38.41
CA ALA C 289 21.55 9.68 38.10
C ALA C 289 22.59 8.58 38.23
N TYR C 290 22.24 7.52 38.95
CA TYR C 290 23.23 6.49 39.24
C TYR C 290 22.57 5.13 39.20
N CYS C 291 23.39 4.10 38.95
CA CYS C 291 22.95 2.73 38.93
C CYS C 291 23.70 1.94 40.00
N GLU C 292 23.08 0.84 40.42
CA GLU C 292 23.56 0.12 41.61
C GLU C 292 23.36 -1.37 41.40
N ILE C 293 24.44 -2.14 41.59
CA ILE C 293 24.41 -3.60 41.46
C ILE C 293 25.05 -4.23 42.68
N ASN C 294 24.71 -5.49 42.92
CA ASN C 294 25.35 -6.30 43.95
C ASN C 294 26.71 -6.75 43.43
N GLY C 295 27.74 -6.52 44.24
CA GLY C 295 29.10 -6.81 43.80
C GLY C 295 29.46 -8.27 43.80
N THR C 296 28.87 -9.06 44.71
CA THR C 296 29.22 -10.47 44.81
C THR C 296 28.68 -11.25 43.62
N GLN C 297 27.44 -10.95 43.21
CA GLN C 297 26.85 -11.58 42.04
C GLN C 297 27.64 -11.25 40.79
N TRP C 298 28.10 -10.00 40.69
CA TRP C 298 28.90 -9.60 39.53
C TRP C 298 30.28 -10.24 39.56
N ALA C 299 30.82 -10.46 40.77
CA ALA C 299 32.08 -11.19 40.91
C ALA C 299 31.95 -12.62 40.42
N LYS C 300 30.86 -13.29 40.83
CA LYS C 300 30.61 -14.66 40.37
C LYS C 300 30.40 -14.71 38.87
N ALA C 301 29.70 -13.71 38.31
CA ALA C 301 29.42 -13.70 36.88
C ALA C 301 30.70 -13.50 36.06
N LEU C 302 31.56 -12.57 36.48
CA LEU C 302 32.81 -12.36 35.76
C LEU C 302 33.75 -13.54 35.93
N ASN C 303 33.80 -14.12 37.12
CA ASN C 303 34.70 -15.24 37.35
C ASN C 303 34.23 -16.49 36.62
N GLU C 304 32.93 -16.58 36.34
CA GLU C 304 32.43 -17.64 35.48
C GLU C 304 32.75 -17.36 34.02
N THR C 305 32.59 -16.11 33.59
CA THR C 305 32.78 -15.74 32.19
C THR C 305 34.23 -15.90 31.76
N LYS C 306 35.17 -15.61 32.67
CA LYS C 306 36.59 -15.82 32.39
C LYS C 306 36.91 -17.28 32.08
N GLU C 307 36.35 -18.21 32.86
CA GLU C 307 36.64 -19.62 32.61
C GLU C 307 35.92 -20.13 31.37
N VAL C 308 34.71 -19.62 31.10
CA VAL C 308 33.97 -20.07 29.92
C VAL C 308 34.69 -19.61 28.65
N LEU C 309 35.27 -18.42 28.66
CA LEU C 309 36.09 -18.02 27.53
C LEU C 309 37.45 -18.72 27.54
N ARG C 310 37.95 -19.08 28.73
CA ARG C 310 39.30 -19.61 28.85
C ARG C 310 39.39 -21.03 28.32
N ASN C 311 38.36 -21.84 28.58
CA ASN C 311 38.38 -23.23 28.12
C ASN C 311 38.30 -23.33 26.61
N ILE C 312 37.67 -22.36 25.97
CA ILE C 312 37.48 -22.40 24.52
C ILE C 312 38.64 -21.74 23.79
N LEU C 313 39.05 -20.55 24.22
CA LEU C 313 40.14 -19.88 23.52
C LEU C 313 41.52 -20.27 24.03
N ARG C 314 41.60 -21.22 24.97
CA ARG C 314 42.81 -21.87 25.46
C ARG C 314 43.81 -20.90 26.09
N LYS C 315 43.42 -19.67 26.39
CA LYS C 315 44.34 -18.65 26.86
C LYS C 315 43.73 -17.98 28.07
N ASN C 316 44.60 -17.53 28.97
CA ASN C 316 44.16 -16.86 30.19
C ASN C 316 43.68 -15.44 29.89
N ILE C 317 42.61 -15.05 30.58
CA ILE C 317 41.72 -13.95 30.20
C ILE C 317 42.11 -12.68 30.92
N SER C 318 42.20 -11.57 30.17
CA SER C 318 42.35 -10.24 30.74
C SER C 318 41.18 -9.35 30.30
N PHE C 319 41.10 -8.17 30.92
CA PHE C 319 40.18 -7.13 30.50
C PHE C 319 40.94 -5.81 30.39
N MET C 320 40.45 -4.95 29.51
CA MET C 320 41.03 -3.63 29.34
C MET C 320 39.91 -2.60 29.26
N VAL C 321 40.14 -1.46 29.92
CA VAL C 321 39.24 -0.30 29.87
C VAL C 321 39.11 0.17 28.43
N PRO C 322 37.91 0.50 27.94
CA PRO C 322 37.78 0.97 26.56
C PRO C 322 38.49 2.30 26.33
N SER C 323 38.93 2.50 25.09
CA SER C 323 39.69 3.68 24.72
C SER C 323 38.77 4.89 24.61
N GLY C 324 39.38 6.06 24.39
CA GLY C 324 38.60 7.28 24.28
C GLY C 324 37.85 7.35 22.97
N GLY C 325 36.63 7.90 23.04
CA GLY C 325 35.85 8.06 21.83
C GLY C 325 34.35 8.16 22.05
N ASP C 326 33.61 7.40 21.26
CA ASP C 326 32.16 7.50 21.12
C ASP C 326 31.47 6.88 22.33
N PRO C 327 30.45 7.54 22.90
CA PRO C 327 29.60 6.88 23.90
C PRO C 327 28.76 5.71 23.37
N GLU C 328 28.79 5.45 22.05
CA GLU C 328 28.41 4.16 21.53
C GLU C 328 29.18 3.03 22.20
N VAL C 329 30.49 3.21 22.37
CA VAL C 329 31.35 2.15 22.84
C VAL C 329 31.93 2.42 24.22
N THR C 330 32.12 3.68 24.61
CA THR C 330 32.75 3.93 25.91
C THR C 330 31.78 3.70 27.07
N ASN C 331 30.49 3.88 26.83
CA ASN C 331 29.52 3.93 27.91
C ASN C 331 28.50 2.82 27.77
N HIS C 332 27.71 2.66 28.83
CA HIS C 332 26.49 1.87 28.77
C HIS C 332 25.38 2.75 28.22
N HIS C 333 24.34 2.11 27.66
CA HIS C 333 23.25 2.84 27.03
C HIS C 333 21.93 2.18 27.40
N PHE C 334 21.28 2.69 28.43
CA PHE C 334 19.98 2.20 28.85
C PHE C 334 18.87 2.77 27.98
N ASN C 335 17.64 2.45 28.38
CA ASN C 335 16.45 3.26 28.09
C ASN C 335 15.51 2.98 29.26
N CYS C 336 15.59 3.83 30.29
CA CYS C 336 14.91 3.52 31.55
C CYS C 336 13.42 3.82 31.48
N GLY C 337 13.07 5.08 31.33
CA GLY C 337 11.70 5.49 31.12
C GLY C 337 11.62 6.24 29.82
N GLY C 338 11.27 7.52 29.89
CA GLY C 338 11.40 8.38 28.74
C GLY C 338 12.73 9.11 28.74
N GLU C 339 13.76 8.47 29.29
CA GLU C 339 15.08 9.05 29.40
C GLU C 339 16.11 8.14 28.74
N PHE C 340 17.30 8.69 28.54
CA PHE C 340 18.40 7.95 27.95
C PHE C 340 19.60 8.09 28.87
N PHE C 341 20.05 6.99 29.46
CA PHE C 341 21.17 7.02 30.40
C PHE C 341 22.43 6.65 29.66
N TYR C 342 23.48 7.43 29.85
CA TYR C 342 24.82 7.03 29.46
C TYR C 342 25.62 6.79 30.73
N CYS C 343 26.03 5.54 30.95
CA CYS C 343 26.61 5.14 32.21
C CYS C 343 28.07 4.73 32.02
N ASN C 344 28.89 5.12 32.98
CA ASN C 344 30.34 4.94 32.90
C ASN C 344 30.71 3.62 33.58
N THR C 345 30.92 2.59 32.77
CA THR C 345 31.20 1.25 33.28
C THR C 345 32.68 0.93 33.31
N SER C 346 33.56 1.92 33.18
CA SER C 346 34.99 1.66 33.20
C SER C 346 35.51 1.31 34.58
N GLU C 347 34.73 1.53 35.62
CA GLU C 347 35.13 1.15 36.96
C GLU C 347 34.68 -0.25 37.33
N ILE C 348 33.55 -0.70 36.78
CA ILE C 348 32.93 -1.92 37.29
C ILE C 348 33.66 -3.19 36.83
N ILE C 349 34.49 -3.13 35.78
CA ILE C 349 35.26 -4.31 35.43
C ILE C 349 36.61 -4.24 36.15
N ASN C 350 36.57 -4.39 37.48
CA ASN C 350 37.78 -4.47 38.29
C ASN C 350 37.50 -5.22 39.59
N ILE C 351 36.67 -6.25 39.55
CA ILE C 351 35.89 -6.72 40.71
C ILE C 351 36.73 -7.21 41.90
N THR C 352 38.04 -7.40 41.72
CA THR C 352 38.93 -7.74 42.82
C THR C 352 38.96 -6.64 43.89
N LYS C 353 38.99 -5.39 43.46
CA LYS C 353 38.87 -4.28 44.40
C LYS C 353 37.43 -4.11 44.87
N ILE C 354 36.47 -4.38 43.98
CA ILE C 354 35.09 -3.95 44.18
C ILE C 354 34.38 -4.83 45.21
N ASN C 355 34.68 -6.13 45.21
CA ASN C 355 33.96 -7.07 46.07
C ASN C 355 34.33 -6.94 47.56
N LYS C 356 35.30 -6.10 47.90
CA LYS C 356 35.60 -5.85 49.31
C LYS C 356 34.46 -5.11 50.00
N THR C 357 33.91 -4.09 49.33
CA THR C 357 32.79 -3.32 49.89
C THR C 357 31.54 -4.17 49.88
N GLU C 358 31.11 -4.58 51.07
CA GLU C 358 29.93 -5.41 51.26
C GLU C 358 28.64 -4.60 51.29
N ASN C 359 28.69 -3.31 50.98
CA ASN C 359 27.53 -2.46 51.15
C ASN C 359 26.67 -2.43 49.89
N MET C 360 27.22 -1.88 48.79
CA MET C 360 26.90 -2.02 47.37
C MET C 360 27.86 -1.14 46.59
N THR C 361 27.79 -1.19 45.26
CA THR C 361 28.61 -0.33 44.43
C THR C 361 27.73 0.59 43.58
N ILE C 362 28.32 1.69 43.13
CA ILE C 362 27.61 2.76 42.46
C ILE C 362 28.28 3.05 41.13
N ILE C 363 27.49 3.04 40.06
CA ILE C 363 27.93 3.49 38.74
C ILE C 363 27.30 4.85 38.48
N PRO C 364 28.09 5.89 38.21
CA PRO C 364 27.49 7.18 37.86
C PRO C 364 27.00 7.19 36.42
N CYS C 365 25.92 7.94 36.20
CA CYS C 365 25.32 8.01 34.88
C CYS C 365 24.94 9.44 34.58
N ARG C 366 24.81 9.75 33.29
CA ARG C 366 24.44 11.08 32.83
C ARG C 366 23.20 11.00 31.94
N ILE C 367 22.45 12.07 31.95
CA ILE C 367 21.20 12.14 31.21
C ILE C 367 21.49 12.79 29.86
N ARG C 368 20.86 12.30 28.80
CA ARG C 368 20.96 12.90 27.49
C ARG C 368 19.58 13.16 26.93
N GLN C 369 19.39 14.36 26.40
CA GLN C 369 18.13 14.72 25.78
C GLN C 369 18.13 14.46 24.29
N ILE C 370 19.27 14.60 23.64
CA ILE C 370 19.37 14.52 22.18
C ILE C 370 20.12 13.26 21.83
N VAL C 371 19.46 12.37 21.09
CA VAL C 371 20.04 11.09 20.70
C VAL C 371 19.90 10.94 19.20
N ASN C 372 21.03 10.77 18.51
CA ASN C 372 21.02 10.24 17.16
C ASN C 372 20.83 8.72 17.29
N SER C 373 19.66 8.24 16.89
CA SER C 373 19.05 7.05 17.50
C SER C 373 19.85 5.79 17.21
N TRP C 374 20.35 5.19 18.28
CA TRP C 374 20.80 3.80 18.38
C TRP C 374 22.05 3.52 17.56
N MET C 375 22.70 4.56 17.05
CA MET C 375 23.98 4.55 16.32
C MET C 375 23.94 3.78 14.99
N ARG C 376 22.78 3.27 14.61
CA ARG C 376 22.54 2.64 13.32
C ARG C 376 21.35 3.24 12.61
N VAL C 377 20.31 3.61 13.34
CA VAL C 377 19.22 4.39 12.76
C VAL C 377 19.66 5.84 12.56
N GLY C 378 20.07 6.48 13.66
CA GLY C 378 20.53 7.85 13.60
C GLY C 378 19.45 8.89 13.43
N LYS C 379 18.18 8.50 13.47
CA LYS C 379 17.08 9.45 13.31
C LYS C 379 16.97 10.27 14.58
N GLY C 380 17.41 11.53 14.51
CA GLY C 380 17.60 12.37 15.69
C GLY C 380 16.35 12.65 16.48
N ILE C 381 16.26 12.03 17.65
CA ILE C 381 15.10 12.14 18.52
C ILE C 381 15.46 13.01 19.72
N PHE C 382 14.64 14.02 19.97
CA PHE C 382 14.77 14.84 21.16
C PHE C 382 13.90 14.21 22.24
N ALA C 383 14.51 13.88 23.37
CA ALA C 383 13.76 13.22 24.43
C ALA C 383 12.82 14.20 25.09
N PRO C 384 11.55 13.85 25.29
CA PRO C 384 10.67 14.71 26.06
C PRO C 384 11.03 14.66 27.53
N PRO C 385 10.88 15.76 28.26
CA PRO C 385 11.22 15.76 29.68
C PRO C 385 10.21 14.95 30.47
N ILE C 386 10.71 14.08 31.34
CA ILE C 386 9.86 13.27 32.21
C ILE C 386 9.75 13.96 33.55
N ARG C 387 8.57 14.45 33.85
CA ARG C 387 8.29 14.97 35.18
C ARG C 387 8.26 13.81 36.16
N GLY C 388 9.11 13.86 37.17
CA GLY C 388 8.94 12.88 38.22
C GLY C 388 10.19 12.16 38.68
N ASN C 389 10.21 11.92 39.99
CA ASN C 389 10.98 10.87 40.65
C ASN C 389 10.87 9.57 39.86
N ILE C 390 12.00 9.05 39.39
CA ILE C 390 11.98 7.93 38.46
C ILE C 390 13.08 6.93 38.83
N THR C 391 12.69 5.66 38.90
CA THR C 391 13.62 4.54 39.02
C THR C 391 13.19 3.47 38.04
N CYS C 392 14.11 2.55 37.76
CA CYS C 392 13.78 1.35 37.01
C CYS C 392 14.79 0.26 37.37
N THR C 393 14.31 -0.96 37.54
CA THR C 393 15.15 -2.11 37.78
C THR C 393 14.97 -3.12 36.66
N SER C 394 15.98 -3.96 36.48
CA SER C 394 16.00 -4.93 35.39
C SER C 394 17.01 -6.02 35.73
N ASN C 395 17.12 -6.99 34.84
CA ASN C 395 18.04 -8.10 34.98
C ASN C 395 19.20 -7.97 34.00
N ILE C 396 20.34 -8.50 34.40
CA ILE C 396 21.50 -8.63 33.54
C ILE C 396 21.60 -10.09 33.17
N THR C 397 21.40 -10.40 31.90
CA THR C 397 21.45 -11.78 31.44
C THR C 397 22.60 -12.05 30.48
N GLY C 398 23.05 -11.05 29.75
CA GLY C 398 24.05 -11.28 28.72
C GLY C 398 24.94 -10.08 28.52
N MET C 399 26.09 -10.34 27.91
CA MET C 399 27.06 -9.32 27.59
C MET C 399 27.51 -9.49 26.15
N LEU C 400 28.06 -8.42 25.57
CA LEU C 400 28.56 -8.47 24.20
C LEU C 400 30.05 -8.15 24.23
N LEU C 401 30.87 -9.16 24.52
CA LEU C 401 32.29 -8.92 24.60
C LEU C 401 32.93 -8.93 23.22
N GLU C 402 33.98 -8.14 23.06
CA GLU C 402 34.78 -8.10 21.85
C GLU C 402 36.02 -8.95 22.04
N ILE C 403 36.37 -9.72 21.00
CA ILE C 403 37.52 -10.61 21.05
C ILE C 403 38.79 -9.79 21.18
N HIS C 404 39.75 -10.32 21.94
CA HIS C 404 40.99 -9.60 22.18
C HIS C 404 41.80 -9.51 20.90
N LYS C 405 42.72 -8.56 20.88
CA LYS C 405 43.60 -8.40 19.73
C LYS C 405 44.73 -9.41 19.84
N ASN C 406 45.17 -9.91 18.69
CA ASN C 406 46.05 -11.07 18.62
C ASN C 406 47.46 -10.73 19.07
N ARG C 407 48.39 -11.69 18.96
CA ARG C 407 49.79 -11.49 19.29
C ARG C 407 50.56 -10.94 18.08
N GLU C 408 49.99 -9.89 17.50
CA GLU C 408 50.61 -9.09 16.44
C GLU C 408 50.41 -7.59 16.62
N ASP C 409 49.44 -7.15 17.42
CA ASP C 409 49.09 -5.75 17.54
C ASP C 409 49.49 -5.14 18.88
N GLN C 410 49.64 -5.94 19.93
CA GLN C 410 49.84 -5.43 21.27
C GLN C 410 51.30 -5.48 21.72
N GLY C 411 52.20 -6.05 20.91
CA GLY C 411 53.62 -6.05 21.24
C GLY C 411 54.02 -7.05 22.32
N GLU C 412 53.42 -6.93 23.50
CA GLU C 412 53.65 -7.87 24.58
C GLU C 412 52.94 -9.20 24.26
N ASP C 413 53.19 -10.21 25.09
CA ASP C 413 52.56 -11.52 24.95
C ASP C 413 51.05 -11.43 24.96
N GLN C 414 50.41 -12.24 24.12
CA GLN C 414 48.96 -12.38 24.14
C GLN C 414 48.50 -13.78 24.50
N ASP C 415 49.40 -14.75 24.57
CA ASP C 415 49.19 -15.85 25.50
C ASP C 415 49.13 -15.26 26.90
N GLN C 416 48.21 -15.79 27.71
CA GLN C 416 47.88 -15.43 29.09
C GLN C 416 47.50 -13.95 29.29
N ASN C 417 47.32 -13.18 28.22
CA ASN C 417 47.09 -11.74 28.32
C ASN C 417 46.02 -11.29 27.31
N ASN C 418 44.87 -11.94 27.33
CA ASN C 418 43.82 -11.68 26.33
C ASN C 418 43.27 -10.28 26.54
N THR C 419 43.79 -9.33 25.77
CA THR C 419 43.57 -7.91 25.98
C THR C 419 42.24 -7.51 25.34
N TYR C 420 41.17 -7.57 26.14
CA TYR C 420 39.85 -7.10 25.71
C TYR C 420 39.84 -5.57 25.76
N VAL C 421 40.34 -4.96 24.68
CA VAL C 421 40.50 -3.51 24.64
C VAL C 421 39.16 -2.80 24.63
N CYS C 422 38.09 -3.48 24.17
CA CYS C 422 36.74 -2.99 24.33
C CYS C 422 35.85 -4.16 24.71
N LEU C 423 34.64 -3.84 25.15
CA LEU C 423 33.66 -4.83 25.58
C LEU C 423 32.33 -4.60 24.89
N THR C 424 32.36 -4.14 23.65
CA THR C 424 31.21 -3.45 23.07
C THR C 424 30.64 -4.24 21.91
N GLY C 425 29.42 -3.85 21.55
CA GLY C 425 28.92 -4.04 20.21
C GLY C 425 28.02 -2.87 19.88
N GLY C 426 28.36 -2.13 18.83
CA GLY C 426 27.51 -1.01 18.45
C GLY C 426 26.25 -1.41 17.73
N ASN C 427 26.21 -2.63 17.21
CA ASN C 427 25.06 -3.11 16.47
C ASN C 427 23.93 -3.46 17.43
N MET C 428 22.73 -2.97 17.13
CA MET C 428 21.55 -3.48 17.82
C MET C 428 21.18 -4.87 17.32
N LYS C 429 21.72 -5.25 16.16
CA LYS C 429 21.49 -6.56 15.57
C LYS C 429 22.06 -7.69 16.42
N ASP C 430 23.17 -7.43 17.10
CA ASP C 430 23.87 -8.52 17.80
C ASP C 430 23.11 -8.98 19.05
N ILE C 431 22.33 -8.09 19.65
CA ILE C 431 21.40 -8.51 20.71
C ILE C 431 20.38 -9.48 20.13
N TRP C 432 19.89 -9.18 18.94
CA TRP C 432 18.86 -9.96 18.31
C TRP C 432 19.39 -11.27 17.77
N ARG C 433 20.70 -11.39 17.60
CA ARG C 433 21.31 -12.69 17.40
C ARG C 433 21.34 -13.51 18.68
N SER C 434 21.31 -12.87 19.84
CA SER C 434 21.37 -13.58 21.11
C SER C 434 20.01 -14.05 21.59
N GLU C 435 18.97 -13.89 20.79
CA GLU C 435 17.67 -14.43 21.12
C GLU C 435 17.08 -15.32 20.03
N LEU C 436 17.69 -15.34 18.85
CA LEU C 436 17.21 -16.16 17.74
C LEU C 436 18.29 -17.13 17.29
N TYR C 437 18.97 -17.74 18.25
CA TYR C 437 19.92 -18.80 17.98
C TYR C 437 19.26 -20.17 17.91
N LYS C 438 17.95 -20.23 18.09
CA LYS C 438 17.24 -21.50 18.15
C LYS C 438 16.39 -21.79 16.93
N TYR C 439 16.06 -20.78 16.14
CA TYR C 439 14.96 -20.88 15.21
C TYR C 439 15.42 -20.87 13.76
N LYS C 440 14.83 -21.74 12.96
CA LYS C 440 15.10 -21.84 11.53
C LYS C 440 13.78 -21.85 10.79
N ILE C 441 13.72 -21.15 9.67
CA ILE C 441 12.54 -21.14 8.81
C ILE C 441 12.71 -22.20 7.74
N VAL C 442 11.75 -23.12 7.65
CA VAL C 442 11.76 -24.14 6.61
C VAL C 442 10.45 -24.10 5.84
N GLU C 443 10.52 -24.61 4.61
CA GLU C 443 9.38 -24.67 3.72
C GLU C 443 9.01 -26.12 3.49
N ILE C 444 7.71 -26.41 3.56
CA ILE C 444 7.22 -27.77 3.40
C ILE C 444 7.02 -28.06 1.93
N GLN C 445 7.50 -29.21 1.47
CA GLN C 445 7.28 -29.69 0.11
C GLN C 445 6.33 -30.88 0.19
N PRO C 446 5.03 -30.68 0.05
CA PRO C 446 4.08 -31.76 0.32
C PRO C 446 3.76 -32.65 -0.87
N LEU C 447 4.57 -32.64 -1.94
CA LEU C 447 4.17 -33.38 -3.13
C LEU C 447 4.49 -34.87 -3.01
N GLY C 448 5.76 -35.24 -3.03
CA GLY C 448 6.14 -36.62 -2.85
C GLY C 448 5.92 -37.53 -4.05
N VAL C 449 6.89 -38.40 -4.33
CA VAL C 449 6.82 -39.38 -5.41
C VAL C 449 7.48 -40.66 -4.91
N ALA C 450 6.77 -41.78 -5.00
CA ALA C 450 7.30 -43.04 -4.52
C ALA C 450 6.90 -44.17 -5.47
N PRO C 451 7.66 -45.26 -5.46
CA PRO C 451 7.18 -46.50 -6.09
C PRO C 451 6.40 -47.37 -5.12
N THR C 452 5.40 -48.09 -5.66
CA THR C 452 4.50 -48.87 -4.81
C THR C 452 3.87 -50.01 -5.59
N LYS C 453 3.22 -50.89 -4.83
CA LYS C 453 2.70 -52.14 -5.38
C LYS C 453 1.53 -51.94 -6.33
N CYS C 454 0.76 -50.86 -6.17
CA CYS C 454 -0.50 -50.78 -6.89
C CYS C 454 -0.30 -50.35 -8.34
N ARG C 455 -1.39 -50.36 -9.08
CA ARG C 455 -1.46 -49.87 -10.44
C ARG C 455 -2.89 -49.48 -10.74
N ARG C 456 -3.10 -48.23 -11.17
CA ARG C 456 -4.44 -47.74 -11.40
C ARG C 456 -5.00 -48.30 -12.70
N TYR C 457 -6.25 -48.76 -12.66
CA TYR C 457 -6.90 -49.32 -13.84
C TYR C 457 -7.30 -48.25 -14.82
N LEU D 1 -2.70 -16.97 10.04
CA LEU D 1 -3.92 -17.72 9.75
C LEU D 1 -3.97 -18.12 8.29
N GLY D 2 -3.78 -19.40 8.02
CA GLY D 2 -4.12 -19.94 6.72
C GLY D 2 -5.35 -20.83 6.83
N ALA D 3 -5.39 -21.63 7.91
CA ALA D 3 -6.50 -22.53 8.25
C ALA D 3 -6.85 -23.50 7.12
N LEU D 4 -5.86 -23.89 6.31
CA LEU D 4 -6.16 -24.65 5.11
C LEU D 4 -5.19 -25.83 4.92
N PHE D 5 -3.99 -25.69 5.48
CA PHE D 5 -2.94 -26.69 5.33
C PHE D 5 -3.09 -28.03 6.05
N LEU D 6 -2.52 -29.07 5.42
CA LEU D 6 -2.51 -30.42 5.94
C LEU D 6 -1.06 -30.83 6.15
N GLY D 7 -0.84 -31.88 6.95
CA GLY D 7 0.51 -32.36 7.10
C GLY D 7 1.35 -31.56 8.08
N PHE D 8 1.01 -31.66 9.37
CA PHE D 8 1.72 -30.88 10.38
C PHE D 8 3.01 -31.58 10.83
N LEU D 9 3.51 -32.52 10.02
CA LEU D 9 4.89 -33.00 9.94
C LEU D 9 5.38 -33.68 11.22
N GLY D 10 4.45 -34.12 12.07
CA GLY D 10 4.82 -34.62 13.37
C GLY D 10 5.55 -35.95 13.32
N ALA D 11 5.05 -36.89 12.53
CA ALA D 11 5.62 -38.22 12.45
C ALA D 11 6.71 -38.33 11.39
N ALA D 12 7.38 -37.21 11.06
CA ALA D 12 8.38 -37.20 10.01
C ALA D 12 9.61 -38.01 10.38
N GLY D 13 9.97 -38.03 11.66
CA GLY D 13 11.12 -38.80 12.09
C GLY D 13 10.89 -40.30 12.09
N SER D 14 9.63 -40.73 12.06
CA SER D 14 9.34 -42.15 11.99
C SER D 14 9.61 -42.67 10.58
N THR D 15 9.44 -43.98 10.42
CA THR D 15 9.71 -44.63 9.14
C THR D 15 8.63 -44.24 8.13
N MET D 16 9.08 -43.97 6.89
CA MET D 16 8.21 -43.51 5.81
C MET D 16 7.10 -44.50 5.49
N GLY D 17 7.40 -45.80 5.60
CA GLY D 17 6.40 -46.81 5.27
C GLY D 17 5.26 -46.91 6.25
N ALA D 18 5.42 -46.36 7.47
CA ALA D 18 4.41 -46.51 8.50
C ALA D 18 3.79 -45.18 8.94
N ALA D 19 4.10 -44.07 8.24
CA ALA D 19 3.46 -42.79 8.57
C ALA D 19 2.02 -42.77 8.07
N SER D 20 1.86 -42.96 6.77
CA SER D 20 0.69 -43.48 6.06
C SER D 20 -0.52 -42.57 5.89
N VAL D 21 -0.63 -41.44 6.64
CA VAL D 21 -0.94 -40.06 6.22
C VAL D 21 -1.10 -39.26 7.51
N VAL D 22 -0.65 -38.00 7.55
CA VAL D 22 -1.04 -37.11 8.64
C VAL D 22 -2.52 -36.77 8.51
N LEU D 23 -3.29 -37.01 9.57
CA LEU D 23 -4.76 -36.90 9.62
C LEU D 23 -5.40 -37.77 8.55
N SER D 55 0.46 0.09 7.82
CA SER D 55 1.26 -0.43 8.92
C SER D 55 2.24 -1.48 8.42
N VAL D 56 2.97 -2.11 9.34
CA VAL D 56 3.95 -3.11 8.97
C VAL D 56 3.30 -4.47 8.78
N TRP D 57 2.65 -4.98 9.83
CA TRP D 57 2.13 -6.33 9.80
C TRP D 57 0.90 -6.46 8.92
N GLY D 58 0.21 -5.35 8.61
CA GLY D 58 -0.86 -5.41 7.64
C GLY D 58 -0.37 -5.72 6.24
N ILE D 59 0.74 -5.08 5.83
CA ILE D 59 1.38 -5.40 4.57
C ILE D 59 1.97 -6.81 4.62
N LYS D 60 2.46 -7.24 5.79
CA LYS D 60 2.93 -8.61 5.96
C LYS D 60 1.82 -9.62 5.73
N GLN D 61 0.63 -9.35 6.27
CA GLN D 61 -0.54 -10.20 6.05
C GLN D 61 -0.93 -10.22 4.58
N LEU D 62 -1.04 -9.03 3.98
CA LEU D 62 -1.53 -8.95 2.61
C LEU D 62 -0.53 -9.49 1.60
N GLN D 63 0.73 -9.65 1.98
CA GLN D 63 1.68 -10.38 1.15
C GLN D 63 1.65 -11.88 1.41
N ALA D 64 1.67 -12.29 2.69
CA ALA D 64 1.84 -13.69 3.04
C ALA D 64 0.60 -14.51 2.71
N ARG D 65 -0.59 -13.93 2.83
CA ARG D 65 -1.81 -14.64 2.45
C ARG D 65 -1.81 -14.96 0.96
N VAL D 66 -1.41 -13.99 0.13
CA VAL D 66 -1.40 -14.18 -1.32
C VAL D 66 -0.33 -15.20 -1.70
N LEU D 67 0.83 -15.15 -1.03
CA LEU D 67 1.88 -16.13 -1.27
C LEU D 67 1.42 -17.55 -0.94
N ALA D 68 0.76 -17.72 0.21
CA ALA D 68 0.30 -19.04 0.61
C ALA D 68 -0.80 -19.56 -0.30
N VAL D 69 -1.71 -18.67 -0.73
CA VAL D 69 -2.80 -19.06 -1.62
C VAL D 69 -2.27 -19.52 -2.97
N GLU D 70 -1.32 -18.76 -3.54
CA GLU D 70 -0.78 -19.15 -4.83
C GLU D 70 0.07 -20.41 -4.74
N ARG D 71 0.81 -20.56 -3.62
CA ARG D 71 1.61 -21.76 -3.45
C ARG D 71 0.73 -23.00 -3.27
N TYR D 72 -0.44 -22.82 -2.66
CA TYR D 72 -1.38 -23.94 -2.58
C TYR D 72 -1.98 -24.26 -3.93
N LEU D 73 -2.34 -23.23 -4.71
CA LEU D 73 -2.96 -23.49 -6.00
C LEU D 73 -1.99 -24.13 -6.99
N ARG D 74 -0.69 -23.89 -6.84
CA ARG D 74 0.27 -24.58 -7.70
C ARG D 74 0.28 -26.08 -7.41
N ASP D 75 0.16 -26.47 -6.13
CA ASP D 75 0.05 -27.87 -5.78
C ASP D 75 -1.26 -28.46 -6.31
N GLN D 76 -2.33 -27.67 -6.28
CA GLN D 76 -3.57 -28.16 -6.88
C GLN D 76 -3.48 -28.27 -8.40
N GLN D 77 -2.60 -27.51 -9.04
CA GLN D 77 -2.46 -27.67 -10.48
C GLN D 77 -1.63 -28.89 -10.83
N LEU D 78 -0.57 -29.16 -10.08
CA LEU D 78 0.16 -30.40 -10.31
C LEU D 78 -0.67 -31.61 -9.94
N LEU D 79 -1.57 -31.49 -8.98
CA LEU D 79 -2.43 -32.60 -8.64
C LEU D 79 -3.61 -32.72 -9.59
N GLY D 80 -3.98 -31.63 -10.26
CA GLY D 80 -5.15 -31.62 -11.12
C GLY D 80 -4.91 -32.32 -12.44
N LEU D 81 -3.72 -32.13 -13.00
CA LEU D 81 -3.42 -32.72 -14.29
C LEU D 81 -3.06 -34.19 -14.21
N TRP D 82 -3.08 -34.78 -13.02
CA TRP D 82 -2.76 -36.19 -12.86
C TRP D 82 -4.00 -37.02 -12.60
N GLY D 83 -5.18 -36.43 -12.72
CA GLY D 83 -6.41 -37.13 -12.40
C GLY D 83 -6.55 -37.47 -10.94
N CYS D 84 -6.21 -36.54 -10.05
CA CYS D 84 -6.18 -36.82 -8.63
C CYS D 84 -6.71 -35.67 -7.79
N THR D 85 -7.59 -34.86 -8.36
CA THR D 85 -8.16 -33.75 -7.61
C THR D 85 -9.13 -34.28 -6.56
N GLY D 86 -8.78 -34.10 -5.30
CA GLY D 86 -9.58 -34.55 -4.18
C GLY D 86 -9.03 -35.76 -3.47
N LYS D 87 -8.14 -36.50 -4.10
CA LYS D 87 -7.54 -37.65 -3.44
C LYS D 87 -6.28 -37.23 -2.69
N THR D 88 -5.89 -38.05 -1.72
CA THR D 88 -4.64 -37.91 -1.02
C THR D 88 -3.60 -38.92 -1.49
N ILE D 89 -4.04 -40.13 -1.83
CA ILE D 89 -3.17 -41.19 -2.33
C ILE D 89 -3.69 -41.62 -3.68
N CYS D 90 -2.82 -41.64 -4.68
CA CYS D 90 -3.18 -42.11 -6.00
C CYS D 90 -2.27 -43.23 -6.46
N CYS D 91 -2.76 -43.98 -7.43
CA CYS D 91 -1.94 -44.85 -8.26
C CYS D 91 -1.94 -44.26 -9.66
N THR D 92 -1.12 -44.84 -10.54
CA THR D 92 -1.13 -44.44 -11.93
C THR D 92 -0.72 -45.63 -12.79
N ALA D 93 -0.54 -45.41 -14.08
CA ALA D 93 -0.11 -46.45 -15.00
C ALA D 93 1.36 -46.34 -15.37
N VAL D 94 2.07 -45.33 -14.86
CA VAL D 94 3.45 -45.10 -15.27
C VAL D 94 4.36 -46.05 -14.53
N ARG D 95 5.16 -46.81 -15.28
CA ARG D 95 6.15 -47.69 -14.67
C ARG D 95 7.29 -46.87 -14.08
N TRP D 96 7.95 -47.48 -13.10
CA TRP D 96 9.07 -46.86 -12.40
C TRP D 96 10.36 -47.34 -13.04
N ASN D 97 11.12 -46.41 -13.61
CA ASN D 97 12.38 -46.78 -14.23
C ASN D 97 13.41 -47.10 -13.15
N LYS D 98 14.27 -48.08 -13.45
CA LYS D 98 15.33 -48.46 -12.54
C LYS D 98 16.54 -47.54 -12.65
N THR D 99 16.50 -46.53 -13.52
CA THR D 99 17.47 -45.45 -13.49
C THR D 99 16.97 -44.26 -12.67
N TRP D 100 15.69 -44.24 -12.32
CA TRP D 100 15.12 -43.15 -11.55
C TRP D 100 15.56 -43.25 -10.10
N GLY D 101 16.72 -42.70 -9.81
CA GLY D 101 17.28 -42.82 -8.48
C GLY D 101 18.08 -44.10 -8.35
N ASN D 102 18.68 -44.26 -7.19
CA ASN D 102 19.54 -45.43 -6.96
C ASN D 102 18.62 -46.56 -6.53
N ILE D 103 18.48 -47.56 -7.38
CA ILE D 103 17.42 -48.55 -7.27
C ILE D 103 17.97 -49.84 -6.69
N SER D 104 17.31 -50.32 -5.64
CA SER D 104 17.63 -51.58 -4.98
C SER D 104 16.29 -52.23 -4.69
N ASP D 105 16.27 -53.17 -3.74
CA ASP D 105 15.00 -53.68 -3.23
C ASP D 105 14.16 -52.54 -2.67
N TYR D 106 12.95 -52.38 -3.22
CA TYR D 106 12.10 -51.26 -2.84
C TYR D 106 11.55 -51.41 -1.44
N GLN D 107 11.49 -52.63 -0.91
CA GLN D 107 11.03 -52.83 0.45
C GLN D 107 12.03 -52.26 1.45
N VAL D 108 13.32 -52.26 1.09
CA VAL D 108 14.33 -51.57 1.87
C VAL D 108 14.09 -50.06 1.83
N ILE D 109 13.63 -49.55 0.68
CA ILE D 109 13.33 -48.12 0.55
C ILE D 109 12.18 -47.73 1.46
N TRP D 110 11.16 -48.60 1.58
CA TRP D 110 10.08 -48.32 2.52
C TRP D 110 10.51 -48.49 3.96
N ASN D 111 11.37 -49.47 4.25
CA ASN D 111 11.63 -49.81 5.64
C ASN D 111 12.77 -49.02 6.27
N ASN D 112 13.67 -48.44 5.48
CA ASN D 112 14.90 -47.88 6.03
C ASN D 112 15.11 -46.42 5.70
N TYR D 113 14.14 -45.76 5.08
CA TYR D 113 14.27 -44.36 4.74
C TYR D 113 13.20 -43.53 5.45
N THR D 114 13.42 -42.23 5.42
CA THR D 114 12.41 -41.22 5.71
C THR D 114 12.25 -40.34 4.48
N TRP D 115 11.34 -39.37 4.58
CA TRP D 115 11.07 -38.52 3.42
C TRP D 115 12.24 -37.60 3.12
N GLN D 116 12.95 -37.14 4.15
CA GLN D 116 14.14 -36.33 3.92
C GLN D 116 15.24 -37.14 3.25
N GLN D 117 15.32 -38.43 3.53
CA GLN D 117 16.33 -39.24 2.89
C GLN D 117 15.94 -39.58 1.45
N TRP D 118 14.66 -39.86 1.22
CA TRP D 118 14.23 -40.24 -0.12
C TRP D 118 14.16 -39.03 -1.05
N ASP D 119 13.95 -37.84 -0.49
CA ASP D 119 13.78 -36.64 -1.32
C ASP D 119 15.09 -36.24 -2.01
N ARG D 120 16.23 -36.62 -1.43
CA ARG D 120 17.50 -36.42 -2.12
C ARG D 120 17.56 -37.25 -3.39
N GLU D 121 17.04 -38.46 -3.34
CA GLU D 121 17.09 -39.33 -4.51
C GLU D 121 15.95 -39.02 -5.47
N VAL D 122 14.92 -38.29 -5.01
CA VAL D 122 13.84 -37.85 -5.90
C VAL D 122 14.35 -36.87 -6.94
N ASN D 123 15.24 -35.96 -6.55
CA ASN D 123 15.72 -34.92 -7.45
C ASN D 123 16.53 -35.50 -8.59
N ASN D 124 16.71 -34.67 -9.64
CA ASN D 124 17.15 -34.92 -11.02
C ASN D 124 16.06 -35.62 -11.85
N TYR D 125 14.94 -35.98 -11.23
CA TYR D 125 13.89 -36.73 -11.90
C TYR D 125 12.54 -36.02 -11.75
N THR D 126 12.58 -34.73 -11.46
CA THR D 126 11.37 -33.98 -11.16
C THR D 126 10.54 -33.74 -12.41
N GLY D 127 11.10 -33.01 -13.37
CA GLY D 127 10.34 -32.62 -14.54
C GLY D 127 10.00 -33.76 -15.47
N LEU D 128 10.85 -34.79 -15.50
CA LEU D 128 10.59 -35.96 -16.34
C LEU D 128 9.33 -36.70 -15.91
N ILE D 129 9.26 -37.04 -14.62
CA ILE D 129 8.07 -37.73 -14.10
C ILE D 129 6.87 -36.78 -14.11
N TYR D 130 7.10 -35.50 -13.85
CA TYR D 130 5.98 -34.57 -13.82
C TYR D 130 5.46 -34.23 -15.21
N THR D 131 6.18 -34.58 -16.26
CA THR D 131 5.64 -34.52 -17.61
C THR D 131 5.05 -35.85 -18.05
N LEU D 132 5.65 -36.98 -17.62
CA LEU D 132 5.14 -38.29 -18.00
C LEU D 132 3.77 -38.57 -17.38
N LEU D 133 3.53 -38.08 -16.17
CA LEU D 133 2.21 -38.26 -15.56
C LEU D 133 1.14 -37.46 -16.30
N GLU D 134 1.46 -36.23 -16.67
CA GLU D 134 0.50 -35.39 -17.39
C GLU D 134 0.26 -35.92 -18.79
N GLU D 135 1.23 -36.59 -19.37
CA GLU D 135 0.97 -37.25 -20.66
C GLU D 135 0.12 -38.50 -20.47
N ALA D 136 0.44 -39.32 -19.46
CA ALA D 136 -0.20 -40.61 -19.33
C ALA D 136 -1.59 -40.55 -18.72
N ASN D 137 -1.99 -39.44 -18.11
CA ASN D 137 -3.37 -39.33 -17.64
C ASN D 137 -4.28 -38.61 -18.63
N THR D 138 -4.01 -37.35 -18.91
CA THR D 138 -4.96 -36.54 -19.67
C THR D 138 -5.00 -36.88 -21.15
N GLN D 139 -4.03 -37.62 -21.66
CA GLN D 139 -4.00 -38.02 -23.05
C GLN D 139 -4.21 -39.52 -23.24
N GLN D 140 -3.58 -40.35 -22.42
CA GLN D 140 -3.67 -41.78 -22.63
C GLN D 140 -4.99 -42.34 -22.14
N GLU D 141 -5.55 -41.79 -21.07
CA GLU D 141 -6.83 -42.28 -20.59
C GLU D 141 -8.00 -41.62 -21.30
N LYS D 142 -7.92 -40.31 -21.57
CA LYS D 142 -9.08 -39.59 -22.10
C LYS D 142 -9.36 -39.96 -23.55
N ASN D 143 -8.30 -40.19 -24.34
CA ASN D 143 -8.48 -40.60 -25.72
C ASN D 143 -9.09 -42.00 -25.78
N GLU D 144 -8.62 -42.91 -24.94
CA GLU D 144 -9.21 -44.24 -24.89
C GLU D 144 -10.60 -44.24 -24.26
N LYS D 145 -10.94 -43.19 -23.51
CA LYS D 145 -12.29 -43.08 -23.00
C LYS D 145 -13.25 -42.57 -24.07
N GLU D 146 -12.80 -41.61 -24.87
CA GLU D 146 -13.70 -40.98 -25.84
C GLU D 146 -13.73 -41.68 -27.18
N LEU D 147 -12.64 -42.31 -27.60
CA LEU D 147 -12.57 -42.92 -28.93
C LEU D 147 -12.83 -44.40 -28.93
N LEU D 148 -12.23 -45.15 -28.00
CA LEU D 148 -12.48 -46.58 -27.92
C LEU D 148 -13.90 -46.86 -27.45
N GLU D 149 -14.38 -46.08 -26.48
CA GLU D 149 -15.78 -46.11 -26.10
C GLU D 149 -16.47 -44.94 -26.78
N LEU D 150 -17.40 -45.25 -27.69
CA LEU D 150 -18.03 -44.25 -28.54
C LEU D 150 -18.88 -43.25 -27.78
N ASP D 151 -19.28 -43.59 -26.56
CA ASP D 151 -20.19 -42.76 -25.80
C ASP D 151 -19.59 -42.43 -24.43
N GLU E 1 -32.60 -46.91 12.32
CA GLU E 1 -31.17 -46.72 12.20
C GLU E 1 -30.74 -45.31 12.51
N ASN E 2 -29.48 -45.14 12.86
CA ASN E 2 -28.88 -43.82 12.96
C ASN E 2 -28.72 -43.26 11.55
N TRP E 3 -29.47 -42.21 11.24
CA TRP E 3 -29.45 -41.66 9.90
C TRP E 3 -28.12 -40.94 9.67
N TRP E 4 -27.34 -41.44 8.71
CA TRP E 4 -25.94 -41.09 8.57
C TRP E 4 -25.75 -39.63 8.15
N VAL E 5 -24.53 -39.16 8.28
CA VAL E 5 -24.21 -37.75 8.12
C VAL E 5 -24.22 -37.39 6.63
N THR E 6 -24.90 -36.31 6.29
CA THR E 6 -24.75 -35.70 4.99
C THR E 6 -24.14 -34.31 5.14
N VAL E 7 -23.47 -33.87 4.08
CA VAL E 7 -22.86 -32.57 4.03
C VAL E 7 -23.38 -31.88 2.78
N TYR E 8 -24.22 -30.87 2.96
CA TYR E 8 -24.66 -30.06 1.84
C TYR E 8 -23.62 -28.99 1.54
N TYR E 9 -23.89 -28.16 0.55
CA TYR E 9 -23.04 -26.98 0.37
C TYR E 9 -23.79 -25.70 0.06
N GLY E 10 -24.99 -25.76 -0.50
CA GLY E 10 -25.78 -24.56 -0.70
C GLY E 10 -26.58 -24.23 0.54
N VAL E 11 -25.89 -23.75 1.57
CA VAL E 11 -26.46 -23.71 2.91
C VAL E 11 -26.62 -22.27 3.38
N PRO E 12 -27.85 -21.78 3.52
CA PRO E 12 -28.06 -20.42 4.03
C PRO E 12 -28.05 -20.31 5.55
N VAL E 13 -26.87 -20.14 6.15
CA VAL E 13 -26.74 -19.95 7.59
C VAL E 13 -26.08 -18.60 7.86
N TRP E 14 -26.70 -17.82 8.75
CA TRP E 14 -26.23 -16.48 9.10
C TRP E 14 -25.34 -16.47 10.32
N ARG E 15 -24.33 -15.61 10.30
CA ARG E 15 -23.63 -15.19 11.50
C ARG E 15 -23.42 -13.69 11.41
N GLU E 16 -23.68 -12.99 12.50
CA GLU E 16 -23.42 -11.55 12.53
C GLU E 16 -21.91 -11.33 12.61
N ALA E 17 -21.39 -10.50 11.72
CA ALA E 17 -19.96 -10.24 11.67
C ALA E 17 -19.72 -8.81 11.25
N LYS E 18 -18.45 -8.41 11.30
CA LYS E 18 -18.02 -7.08 10.90
C LYS E 18 -16.96 -7.23 9.81
N THR E 19 -17.08 -6.44 8.76
CA THR E 19 -16.16 -6.52 7.64
C THR E 19 -16.14 -5.18 6.93
N THR E 20 -15.40 -5.12 5.83
CA THR E 20 -15.20 -3.90 5.07
C THR E 20 -16.14 -3.88 3.86
N LEU E 21 -16.88 -2.78 3.71
CA LEU E 21 -17.77 -2.60 2.57
C LEU E 21 -17.02 -1.90 1.44
N PHE E 22 -17.72 -1.56 0.37
CA PHE E 22 -17.08 -0.88 -0.75
C PHE E 22 -18.10 -0.07 -1.55
N CYS E 23 -17.59 0.65 -2.55
CA CYS E 23 -18.32 1.66 -3.31
C CYS E 23 -19.32 1.06 -4.30
N ALA E 24 -20.35 1.84 -4.60
CA ALA E 24 -21.07 1.73 -5.88
C ALA E 24 -21.56 3.12 -6.21
N SER E 25 -21.04 3.69 -7.30
CA SER E 25 -21.39 5.03 -7.70
C SER E 25 -22.09 5.02 -9.05
N ASP E 26 -22.96 5.99 -9.26
CA ASP E 26 -23.56 6.19 -10.57
C ASP E 26 -22.50 6.73 -11.53
N ALA E 27 -22.68 6.44 -12.82
CA ALA E 27 -21.68 6.77 -13.83
C ALA E 27 -21.82 8.24 -14.24
N LYS E 28 -21.45 9.12 -13.31
CA LYS E 28 -21.42 10.56 -13.53
C LYS E 28 -20.04 11.03 -13.09
N SER E 29 -19.07 10.95 -13.99
CA SER E 29 -17.68 11.28 -13.67
C SER E 29 -17.16 12.26 -14.70
N TYR E 30 -17.04 13.52 -14.30
CA TYR E 30 -16.50 14.57 -15.17
C TYR E 30 -15.98 15.75 -14.35
N HIS E 35 -12.54 18.52 -9.19
CA HIS E 35 -12.66 17.06 -9.14
C HIS E 35 -13.75 16.55 -8.22
N ASN E 36 -14.51 17.46 -7.58
CA ASN E 36 -15.74 17.14 -6.85
C ASN E 36 -15.52 16.15 -5.71
N ILE E 37 -14.98 16.62 -4.58
CA ILE E 37 -14.11 15.96 -3.59
C ILE E 37 -14.27 14.45 -3.46
N TRP E 38 -15.52 13.96 -3.41
CA TRP E 38 -15.78 12.52 -3.38
C TRP E 38 -15.44 11.84 -4.70
N ALA E 39 -15.25 12.62 -5.76
CA ALA E 39 -14.41 12.38 -6.93
C ALA E 39 -14.93 11.39 -7.97
N THR E 40 -15.93 10.57 -7.61
CA THR E 40 -16.49 9.49 -8.44
C THR E 40 -15.36 8.67 -9.10
N GLN E 41 -14.32 8.37 -8.33
CA GLN E 41 -13.06 7.94 -8.91
C GLN E 41 -12.39 6.98 -7.94
N ALA E 42 -11.77 5.94 -8.51
CA ALA E 42 -11.39 4.72 -7.80
C ALA E 42 -12.56 4.18 -7.00
N CYS E 43 -13.73 4.18 -7.62
CA CYS E 43 -15.00 3.91 -6.96
C CYS E 43 -15.77 3.06 -7.95
N VAL E 44 -16.34 1.95 -7.47
CA VAL E 44 -16.89 0.91 -8.34
C VAL E 44 -18.14 1.44 -9.03
N PRO E 45 -18.28 1.28 -10.34
CA PRO E 45 -19.53 1.66 -11.00
C PRO E 45 -20.66 0.72 -10.61
N THR E 46 -21.87 1.28 -10.59
CA THR E 46 -23.02 0.55 -10.09
C THR E 46 -23.46 -0.54 -11.06
N ASP E 47 -24.21 -1.48 -10.53
CA ASP E 47 -24.87 -2.44 -11.41
C ASP E 47 -26.22 -1.88 -11.85
N PRO E 48 -26.56 -2.02 -13.13
CA PRO E 48 -27.84 -1.47 -13.61
C PRO E 48 -29.06 -2.17 -13.05
N THR E 49 -28.93 -3.41 -12.56
CA THR E 49 -30.06 -4.11 -11.98
C THR E 49 -29.94 -4.09 -10.47
N PRO E 50 -30.86 -3.44 -9.75
CA PRO E 50 -30.86 -3.55 -8.28
C PRO E 50 -31.32 -4.92 -7.85
N GLN E 51 -30.38 -5.75 -7.39
CA GLN E 51 -30.66 -7.16 -7.13
C GLN E 51 -31.00 -7.34 -5.66
N GLU E 52 -32.26 -7.63 -5.38
CA GLU E 52 -32.68 -8.02 -4.04
C GLU E 52 -33.52 -9.28 -4.13
N VAL E 53 -33.64 -9.97 -3.00
CA VAL E 53 -34.46 -11.17 -2.87
C VAL E 53 -35.22 -11.09 -1.55
N LEU E 54 -36.53 -11.30 -1.61
CA LEU E 54 -37.36 -11.31 -0.42
C LEU E 54 -37.06 -12.54 0.44
N LEU E 55 -37.40 -12.45 1.72
CA LEU E 55 -37.14 -13.53 2.67
C LEU E 55 -38.33 -13.70 3.59
N PRO E 56 -39.31 -14.49 3.19
CA PRO E 56 -40.49 -14.72 4.05
C PRO E 56 -40.15 -15.66 5.20
N ASN E 57 -41.02 -15.64 6.21
CA ASN E 57 -40.86 -16.39 7.47
C ASN E 57 -39.51 -16.16 8.13
N VAL E 58 -39.05 -14.92 8.11
CA VAL E 58 -37.75 -14.57 8.70
C VAL E 58 -38.01 -13.57 9.82
N THR E 59 -37.56 -13.92 11.02
CA THR E 59 -37.66 -13.05 12.19
C THR E 59 -36.24 -12.70 12.62
N GLU E 60 -35.80 -11.49 12.28
CA GLU E 60 -34.43 -11.08 12.49
C GLU E 60 -34.39 -9.80 13.32
N GLU E 61 -33.55 -9.80 14.35
CA GLU E 61 -33.30 -8.62 15.17
C GLU E 61 -31.99 -7.98 14.75
N PHE E 62 -31.99 -6.66 14.65
CA PHE E 62 -30.76 -5.92 14.40
C PHE E 62 -30.85 -4.55 15.03
N ASN E 63 -29.73 -4.09 15.57
CA ASN E 63 -29.69 -2.90 16.41
C ASN E 63 -29.18 -1.71 15.60
N MET E 64 -29.94 -0.61 15.67
CA MET E 64 -29.50 0.63 15.03
C MET E 64 -28.32 1.25 15.77
N TRP E 65 -28.36 1.25 17.10
CA TRP E 65 -27.40 2.01 17.86
C TRP E 65 -26.06 1.30 18.04
N GLU E 66 -25.84 0.18 17.36
CA GLU E 66 -24.54 -0.50 17.38
C GLU E 66 -24.09 -0.85 15.97
N ASN E 67 -24.56 -0.11 14.97
CA ASN E 67 -24.35 -0.46 13.58
C ASN E 67 -22.93 -0.10 13.17
N TYR E 68 -22.18 -1.10 12.69
CA TYR E 68 -20.79 -0.90 12.34
C TYR E 68 -20.62 -0.10 11.06
N MET E 69 -21.63 -0.12 10.19
CA MET E 69 -21.57 0.59 8.92
C MET E 69 -21.45 2.10 9.11
N VAL E 70 -21.97 2.62 10.22
CA VAL E 70 -21.92 4.05 10.48
C VAL E 70 -20.49 4.49 10.75
N ASP E 71 -19.79 3.76 11.62
CA ASP E 71 -18.39 4.09 11.90
C ASP E 71 -17.51 3.83 10.70
N GLN E 72 -17.83 2.79 9.91
CA GLN E 72 -17.15 2.55 8.66
C GLN E 72 -17.25 3.74 7.73
N MET E 73 -18.44 4.28 7.57
CA MET E 73 -18.62 5.36 6.61
C MET E 73 -18.11 6.68 7.14
N GLN E 74 -18.11 6.88 8.46
CA GLN E 74 -17.46 8.05 9.03
C GLN E 74 -15.95 8.04 8.79
N GLU E 75 -15.32 6.88 8.99
CA GLU E 75 -13.90 6.78 8.72
C GLU E 75 -13.59 6.93 7.23
N ASP E 76 -14.49 6.46 6.37
CA ASP E 76 -14.32 6.67 4.93
C ASP E 76 -14.36 8.15 4.56
N ILE E 77 -15.34 8.88 5.10
CA ILE E 77 -15.47 10.30 4.78
C ILE E 77 -14.29 11.10 5.33
N ILE E 78 -13.82 10.75 6.53
CA ILE E 78 -12.69 11.48 7.11
C ILE E 78 -11.41 11.22 6.32
N SER E 79 -11.16 9.96 5.93
CA SER E 79 -9.96 9.68 5.15
C SER E 79 -10.03 10.27 3.75
N LEU E 80 -11.22 10.34 3.17
CA LEU E 80 -11.37 10.96 1.86
C LEU E 80 -11.16 12.46 1.92
N TRP E 81 -11.72 13.11 2.95
CA TRP E 81 -11.52 14.53 3.17
C TRP E 81 -10.05 14.85 3.42
N GLU E 82 -9.34 13.96 4.10
CA GLU E 82 -7.92 14.19 4.33
C GLU E 82 -7.11 14.01 3.05
N GLN E 83 -7.46 13.02 2.23
CA GLN E 83 -6.75 12.80 0.98
C GLN E 83 -6.99 13.95 0.00
N SER E 84 -8.19 14.52 -0.01
CA SER E 84 -8.52 15.55 -0.97
C SER E 84 -7.82 16.88 -0.69
N LEU E 85 -7.42 17.13 0.54
CA LEU E 85 -6.70 18.36 0.87
C LEU E 85 -5.19 18.18 0.85
N LYS E 86 -4.70 16.98 0.52
CA LYS E 86 -3.26 16.77 0.48
C LYS E 86 -2.55 17.54 -0.64
N PRO E 87 -2.93 17.45 -1.92
CA PRO E 87 -2.11 18.15 -2.93
C PRO E 87 -2.28 19.65 -2.98
N CYS E 88 -3.24 20.21 -2.24
CA CYS E 88 -3.42 21.65 -2.26
C CYS E 88 -2.34 22.33 -1.42
N VAL E 89 -2.25 23.64 -1.57
CA VAL E 89 -1.17 24.41 -0.97
C VAL E 89 -1.46 24.66 0.51
N LYS E 90 -0.41 24.67 1.32
CA LYS E 90 -0.56 25.14 2.68
C LYS E 90 -0.73 26.66 2.71
N LEU E 91 -1.21 27.16 3.83
CA LEU E 91 -1.40 28.59 4.01
C LEU E 91 -0.67 29.02 5.27
N THR E 92 0.54 28.49 5.45
CA THR E 92 1.33 28.82 6.64
C THR E 92 1.85 30.26 6.65
N PRO E 93 2.49 30.80 5.60
CA PRO E 93 3.08 32.14 5.75
C PRO E 93 2.09 33.29 5.81
N LEU E 94 0.79 33.02 5.74
CA LEU E 94 -0.18 34.10 5.81
C LEU E 94 -0.37 34.61 7.23
N CYS E 95 0.01 33.82 8.24
CA CYS E 95 -0.06 34.25 9.64
C CYS E 95 0.92 35.40 9.86
N VAL E 96 0.39 36.61 9.99
CA VAL E 96 1.21 37.81 10.07
C VAL E 96 0.35 38.89 10.70
N THR E 97 0.98 39.91 11.27
CA THR E 97 0.25 41.04 11.84
C THR E 97 -0.48 41.80 10.74
N LEU E 98 -1.76 42.05 10.95
CA LEU E 98 -2.63 42.60 9.93
C LEU E 98 -3.01 44.03 10.30
N THR E 99 -2.74 44.97 9.41
CA THR E 99 -3.18 46.35 9.57
C THR E 99 -4.53 46.49 8.90
N CYS E 100 -5.60 46.59 9.69
CA CYS E 100 -6.94 46.53 9.16
C CYS E 100 -7.72 47.79 9.50
N ASN E 101 -8.81 48.00 8.78
CA ASN E 101 -9.76 49.07 9.03
C ASN E 101 -11.08 48.73 8.35
N ASN E 102 -12.03 49.64 8.45
CA ASN E 102 -13.26 49.51 7.69
C ASN E 102 -12.94 49.73 6.21
N PRO E 103 -13.62 49.02 5.30
CA PRO E 103 -13.28 49.12 3.88
C PRO E 103 -13.45 50.50 3.26
N THR E 104 -14.69 50.99 3.20
CA THR E 104 -15.17 52.34 2.85
C THR E 104 -16.69 52.34 2.98
N ASN E 105 -17.22 53.53 3.26
CA ASN E 105 -18.65 53.78 3.20
C ASN E 105 -18.91 55.20 2.69
N THR E 112 -27.78 48.92 7.67
CA THR E 112 -28.57 47.72 7.86
C THR E 112 -28.52 46.87 6.60
N ASP E 113 -28.24 45.57 6.79
CA ASP E 113 -28.13 44.56 5.73
C ASP E 113 -27.05 44.96 4.71
N ASP E 114 -25.82 45.04 5.21
CA ASP E 114 -24.67 45.43 4.41
C ASP E 114 -23.55 44.44 4.67
N ARG E 115 -23.11 43.75 3.62
CA ARG E 115 -22.02 42.78 3.77
C ARG E 115 -20.70 43.47 4.06
N LEU E 116 -20.52 44.70 3.60
CA LEU E 116 -19.28 45.42 3.84
C LEU E 116 -19.10 45.79 5.32
N GLY E 117 -20.20 45.90 6.07
CA GLY E 117 -20.08 46.13 7.50
C GLY E 117 -19.53 44.92 8.23
N ASP E 118 -19.71 43.73 7.68
CA ASP E 118 -19.14 42.52 8.25
C ASP E 118 -17.85 42.10 7.56
N MET E 119 -17.22 43.02 6.83
CA MET E 119 -15.94 42.74 6.20
C MET E 119 -14.94 43.82 6.59
N ARG E 120 -13.68 43.42 6.68
CA ARG E 120 -12.60 44.32 7.03
C ARG E 120 -11.57 44.35 5.91
N ASN E 121 -10.98 45.52 5.71
CA ASN E 121 -9.92 45.68 4.72
C ASN E 121 -8.59 45.64 5.43
N CYS E 122 -7.78 44.64 5.11
CA CYS E 122 -6.55 44.33 5.84
C CYS E 122 -5.36 44.34 4.89
N SER E 123 -4.41 45.22 5.14
CA SER E 123 -3.16 45.23 4.41
C SER E 123 -2.06 44.63 5.29
N PHE E 124 -1.11 43.97 4.65
CA PHE E 124 -0.08 43.25 5.39
C PHE E 124 1.12 42.99 4.49
N ASN E 125 2.27 42.76 5.12
CA ASN E 125 3.48 42.39 4.39
C ASN E 125 3.55 40.88 4.20
N VAL E 126 3.78 40.48 2.95
CA VAL E 126 3.94 39.08 2.60
C VAL E 126 5.28 38.91 1.91
N THR E 127 5.92 37.77 2.15
CA THR E 127 7.17 37.45 1.47
C THR E 127 6.89 37.05 0.04
N THR E 128 7.61 37.65 -0.91
CA THR E 128 7.45 37.31 -2.31
C THR E 128 8.24 36.05 -2.64
N GLU E 129 8.40 35.79 -3.94
CA GLU E 129 9.17 34.68 -4.46
C GLU E 129 10.68 34.90 -4.34
N LEU E 130 11.13 36.07 -3.88
CA LEU E 130 12.55 36.38 -3.79
C LEU E 130 13.15 36.09 -2.42
N ARG E 131 12.33 35.76 -1.42
CA ARG E 131 12.70 35.42 -0.05
C ARG E 131 13.39 36.55 0.72
N ASP E 132 13.52 37.72 0.12
CA ASP E 132 14.01 38.91 0.81
C ASP E 132 13.06 40.08 0.71
N LYS E 133 12.50 40.34 -0.47
CA LYS E 133 11.75 41.56 -0.71
C LYS E 133 10.30 41.32 -0.32
N LYS E 134 9.96 41.63 0.92
CA LYS E 134 8.58 41.64 1.34
C LYS E 134 7.88 42.85 0.74
N ARG E 135 6.63 42.67 0.32
CA ARG E 135 5.85 43.77 -0.22
C ARG E 135 4.51 43.83 0.50
N LYS E 136 3.85 44.98 0.35
CA LYS E 136 2.58 45.23 1.01
C LYS E 136 1.45 44.90 0.05
N VAL E 137 0.67 43.88 0.39
CA VAL E 137 -0.55 43.58 -0.35
C VAL E 137 -1.73 43.85 0.56
N TYR E 138 -2.94 43.69 0.05
CA TYR E 138 -4.13 43.94 0.84
C TYR E 138 -5.17 42.89 0.51
N SER E 139 -6.17 42.79 1.37
CA SER E 139 -7.18 41.75 1.27
C SER E 139 -8.45 42.21 1.98
N LEU E 140 -9.50 41.44 1.79
CA LEU E 140 -10.74 41.61 2.54
C LEU E 140 -11.00 40.33 3.30
N PHE E 141 -11.50 40.45 4.52
CA PHE E 141 -11.83 39.27 5.30
C PHE E 141 -13.09 39.53 6.11
N TYR E 142 -13.82 38.46 6.37
CA TYR E 142 -14.98 38.52 7.25
C TYR E 142 -14.52 38.63 8.70
N VAL E 143 -15.33 39.32 9.51
CA VAL E 143 -14.89 39.71 10.85
C VAL E 143 -14.79 38.50 11.77
N GLU E 144 -15.56 37.45 11.51
CA GLU E 144 -15.48 36.25 12.33
C GLU E 144 -14.29 35.35 12.00
N ASP E 145 -13.31 35.83 11.24
CA ASP E 145 -12.04 35.12 11.05
C ASP E 145 -10.84 35.95 11.49
N ILE E 146 -11.07 36.96 12.32
CA ILE E 146 -10.03 37.91 12.72
C ILE E 146 -10.25 38.27 14.18
N THR E 147 -9.19 38.17 14.99
CA THR E 147 -9.21 38.64 16.37
C THR E 147 -8.13 39.70 16.58
N ALA E 148 -8.13 40.28 17.78
CA ALA E 148 -7.37 41.49 18.08
C ALA E 148 -6.08 41.20 18.83
N ILE E 149 -5.17 42.17 18.79
CA ILE E 149 -3.96 42.14 19.59
C ILE E 149 -3.91 43.35 20.50
N GLY E 150 -3.81 44.53 19.90
CA GLY E 150 -3.50 45.75 20.61
C GLY E 150 -4.66 46.71 20.67
N ASN E 151 -4.34 47.98 20.94
CA ASN E 151 -5.35 49.00 21.14
C ASN E 151 -5.71 49.75 19.87
N ASN E 152 -4.99 49.49 18.77
CA ASN E 152 -5.41 49.92 17.45
C ASN E 152 -5.23 48.70 16.54
N SER E 153 -5.23 48.94 15.23
CA SER E 153 -5.64 48.00 14.18
C SER E 153 -5.21 46.54 14.31
N THR E 154 -3.90 46.28 14.17
CA THR E 154 -3.11 45.20 14.80
C THR E 154 -3.88 43.88 14.97
N TYR E 155 -4.28 43.31 13.85
CA TYR E 155 -5.17 42.15 13.86
C TYR E 155 -4.45 40.85 13.56
N ARG E 156 -4.95 39.76 14.15
CA ARG E 156 -4.49 38.42 13.87
C ARG E 156 -5.47 37.67 12.99
N LEU E 157 -4.93 36.99 11.99
CA LEU E 157 -5.70 35.97 11.31
C LEU E 157 -5.93 34.82 12.29
N ILE E 158 -7.18 34.34 12.36
CA ILE E 158 -7.54 33.36 13.37
C ILE E 158 -6.90 32.01 13.03
N ASN E 159 -6.76 31.17 14.06
CA ASN E 159 -6.21 29.81 13.98
C ASN E 159 -4.75 29.83 13.51
N CYS E 160 -4.00 30.80 14.01
CA CYS E 160 -2.55 30.73 13.89
C CYS E 160 -1.88 30.18 15.14
N ASN E 161 -2.65 30.00 16.23
CA ASN E 161 -2.13 29.30 17.40
C ASN E 161 -2.71 27.91 17.59
N THR E 162 -3.84 27.60 16.95
CA THR E 162 -4.50 26.32 17.17
C THR E 162 -3.99 25.24 16.22
N THR E 163 -4.14 25.45 14.92
CA THR E 163 -3.87 24.39 13.96
C THR E 163 -3.45 24.99 12.64
N ALA E 164 -2.83 24.16 11.80
CA ALA E 164 -2.41 24.62 10.49
C ALA E 164 -3.60 24.72 9.55
N ILE E 165 -3.50 25.65 8.61
CA ILE E 165 -4.59 25.94 7.68
C ILE E 165 -4.08 25.71 6.27
N THR E 166 -4.83 24.94 5.49
CA THR E 166 -4.55 24.76 4.07
C THR E 166 -5.78 25.17 3.28
N GLN E 167 -5.59 25.95 2.22
CA GLN E 167 -6.75 26.29 1.42
C GLN E 167 -7.07 25.14 0.48
N ALA E 168 -8.31 25.14 -0.01
CA ALA E 168 -8.73 24.11 -0.95
C ALA E 168 -8.34 24.52 -2.36
N CYS E 169 -8.14 23.53 -3.20
CA CYS E 169 -7.91 23.81 -4.61
C CYS E 169 -9.22 24.25 -5.25
N PRO E 170 -9.21 25.31 -6.06
CA PRO E 170 -10.48 25.92 -6.50
C PRO E 170 -11.25 25.07 -7.50
N LYS E 171 -10.59 24.13 -8.17
CA LYS E 171 -11.27 23.30 -9.16
C LYS E 171 -12.15 22.24 -8.52
N THR E 172 -11.97 21.97 -7.23
CA THR E 172 -12.77 20.98 -6.55
C THR E 172 -14.16 21.52 -6.27
N SER E 173 -15.10 20.60 -6.07
CA SER E 173 -16.46 20.94 -5.72
C SER E 173 -16.86 20.18 -4.46
N PHE E 174 -17.66 20.81 -3.62
CA PHE E 174 -18.11 20.20 -2.38
C PHE E 174 -19.46 19.53 -2.54
N GLU E 175 -19.84 19.20 -3.77
CA GLU E 175 -21.18 18.70 -4.03
C GLU E 175 -21.32 17.27 -3.56
N PRO E 176 -22.32 16.96 -2.75
CA PRO E 176 -22.52 15.58 -2.30
C PRO E 176 -23.06 14.68 -3.41
N ILE E 177 -22.22 13.78 -3.92
CA ILE E 177 -22.66 12.80 -4.90
C ILE E 177 -23.34 11.68 -4.14
N PRO E 178 -24.21 10.89 -4.77
CA PRO E 178 -24.73 9.71 -4.09
C PRO E 178 -23.73 8.57 -4.11
N ILE E 179 -23.65 7.84 -2.99
CA ILE E 179 -22.77 6.70 -2.87
C ILE E 179 -23.59 5.53 -2.34
N HIS E 180 -23.57 4.42 -3.07
CA HIS E 180 -24.13 3.17 -2.57
C HIS E 180 -23.02 2.39 -1.88
N TYR E 181 -23.40 1.64 -0.84
CA TYR E 181 -22.51 0.68 -0.22
C TYR E 181 -22.96 -0.74 -0.54
N CYS E 182 -21.97 -1.59 -0.84
CA CYS E 182 -22.21 -2.98 -1.20
C CYS E 182 -21.30 -3.87 -0.36
N ALA E 183 -21.74 -5.08 -0.14
CA ALA E 183 -20.92 -6.04 0.58
C ALA E 183 -20.09 -6.87 -0.39
N PRO E 184 -18.89 -7.27 0.01
CA PRO E 184 -18.11 -8.18 -0.83
C PRO E 184 -18.77 -9.54 -0.91
N ALA E 185 -18.32 -10.31 -1.90
CA ALA E 185 -18.86 -11.65 -2.11
C ALA E 185 -18.45 -12.55 -0.96
N GLY E 186 -19.43 -13.20 -0.34
CA GLY E 186 -19.24 -13.87 0.93
C GLY E 186 -19.89 -13.16 2.09
N PHE E 187 -20.58 -12.05 1.85
CA PHE E 187 -21.34 -11.38 2.87
C PHE E 187 -22.65 -10.89 2.26
N ALA E 188 -23.65 -10.70 3.10
CA ALA E 188 -24.97 -10.27 2.65
C ALA E 188 -25.45 -9.11 3.49
N LEU E 189 -26.36 -8.33 2.93
CA LEU E 189 -26.89 -7.13 3.57
C LEU E 189 -28.37 -7.33 3.81
N LEU E 190 -28.77 -7.46 5.07
CA LEU E 190 -30.17 -7.60 5.40
C LEU E 190 -30.81 -6.23 5.51
N LYS E 191 -32.00 -6.10 4.92
CA LYS E 191 -32.73 -4.84 4.86
C LYS E 191 -34.13 -5.04 5.40
N CYS E 192 -34.53 -4.22 6.37
CA CYS E 192 -35.91 -4.26 6.81
C CYS E 192 -36.78 -3.46 5.86
N ASN E 193 -38.08 -3.79 5.85
CA ASN E 193 -39.02 -3.13 4.97
C ASN E 193 -40.31 -2.75 5.71
N ASP E 194 -40.28 -2.73 7.03
CA ASP E 194 -41.43 -2.27 7.79
C ASP E 194 -41.66 -0.79 7.58
N ILE E 195 -42.92 -0.37 7.73
CA ILE E 195 -43.26 1.03 7.49
C ILE E 195 -42.79 1.92 8.63
N ASP E 196 -42.48 1.34 9.78
CA ASP E 196 -41.91 2.04 10.92
C ASP E 196 -40.90 1.10 11.57
N TYR E 197 -39.93 1.67 12.26
CA TYR E 197 -38.97 0.85 12.97
C TYR E 197 -38.56 1.59 14.24
N LYS E 198 -38.82 0.96 15.39
CA LYS E 198 -38.57 1.58 16.69
C LYS E 198 -37.09 1.83 16.95
N GLY E 199 -36.22 1.06 16.31
CA GLY E 199 -34.80 1.24 16.51
C GLY E 199 -34.12 -0.03 16.92
N ASN E 200 -34.73 -0.81 17.83
CA ASN E 200 -34.04 -1.99 18.31
C ASN E 200 -35.05 -3.09 18.68
N GLU E 201 -35.49 -3.82 17.66
CA GLU E 201 -36.45 -4.91 17.81
C GLU E 201 -36.30 -5.83 16.61
N THR E 202 -37.29 -6.69 16.40
CA THR E 202 -37.26 -7.69 15.35
C THR E 202 -38.12 -7.22 14.18
N CYS E 203 -37.52 -7.15 13.00
CA CYS E 203 -38.26 -6.83 11.79
C CYS E 203 -38.97 -8.08 11.27
N LYS E 204 -39.95 -7.87 10.41
CA LYS E 204 -40.72 -8.97 9.83
C LYS E 204 -40.48 -9.11 8.33
N ASN E 205 -40.77 -8.07 7.56
CA ASN E 205 -40.56 -8.12 6.12
C ASN E 205 -39.10 -7.79 5.86
N VAL E 206 -38.27 -8.82 5.82
CA VAL E 206 -36.83 -8.68 5.66
C VAL E 206 -36.46 -9.17 4.27
N SER E 207 -35.58 -8.44 3.60
CA SER E 207 -35.07 -8.87 2.30
C SER E 207 -33.58 -8.61 2.24
N THR E 208 -32.86 -9.52 1.60
CA THR E 208 -31.44 -9.31 1.36
C THR E 208 -31.25 -8.48 0.10
N VAL E 209 -30.14 -7.78 0.02
CA VAL E 209 -29.83 -6.95 -1.14
C VAL E 209 -28.31 -6.87 -1.25
N HIS E 210 -27.83 -6.75 -2.49
CA HIS E 210 -26.40 -6.69 -2.70
C HIS E 210 -25.85 -5.30 -2.41
N CYS E 211 -26.65 -4.26 -2.56
CA CYS E 211 -26.17 -2.89 -2.42
C CYS E 211 -27.23 -2.03 -1.74
N THR E 212 -26.77 -1.08 -0.93
CA THR E 212 -27.65 -0.14 -0.27
C THR E 212 -28.14 0.91 -1.27
N HIS E 213 -29.09 1.72 -0.84
CA HIS E 213 -29.49 2.84 -1.67
C HIS E 213 -28.48 3.97 -1.53
N GLY E 214 -28.66 5.01 -2.35
CA GLY E 214 -27.66 6.05 -2.45
C GLY E 214 -27.67 6.94 -1.22
N ILE E 215 -26.48 7.21 -0.68
CA ILE E 215 -26.32 8.10 0.47
C ILE E 215 -25.48 9.27 0.02
N LYS E 216 -26.02 10.47 0.17
CA LYS E 216 -25.26 11.69 -0.09
C LYS E 216 -24.62 12.14 1.21
N PRO E 217 -23.29 12.17 1.30
CA PRO E 217 -22.66 12.60 2.55
C PRO E 217 -22.78 14.10 2.77
N VAL E 218 -23.95 14.53 3.25
CA VAL E 218 -24.23 15.95 3.44
C VAL E 218 -23.87 16.29 4.88
N ALA E 219 -22.70 16.90 5.06
CA ALA E 219 -22.23 17.27 6.39
C ALA E 219 -22.97 18.52 6.85
N THR E 220 -23.70 18.41 7.96
CA THR E 220 -24.50 19.52 8.46
C THR E 220 -24.82 19.28 9.93
N THR E 221 -25.65 20.17 10.48
CA THR E 221 -26.16 20.05 11.83
C THR E 221 -27.42 20.89 11.93
N GLN E 222 -28.18 20.65 13.01
CA GLN E 222 -29.50 21.20 13.37
C GLN E 222 -30.64 20.70 12.49
N LEU E 223 -30.32 20.11 11.34
CA LEU E 223 -31.29 19.80 10.30
C LEU E 223 -30.60 18.87 9.31
N ILE E 224 -31.32 17.85 8.87
CA ILE E 224 -30.77 16.86 7.95
C ILE E 224 -31.28 17.19 6.55
N LEU E 225 -30.36 17.27 5.59
CA LEU E 225 -30.68 17.81 4.28
C LEU E 225 -30.51 16.75 3.20
N ASN E 226 -31.41 16.79 2.21
CA ASN E 226 -31.46 15.86 1.08
C ASN E 226 -31.49 14.40 1.54
N GLY E 227 -32.26 14.14 2.60
CA GLY E 227 -32.30 12.83 3.20
C GLY E 227 -33.51 12.00 2.79
N SER E 228 -33.62 10.83 3.40
CA SER E 228 -34.73 9.93 3.13
C SER E 228 -35.88 10.24 4.07
N THR E 229 -37.09 10.21 3.52
CA THR E 229 -38.29 10.54 4.27
C THR E 229 -39.03 9.28 4.67
N ALA E 230 -39.72 9.34 5.81
CA ALA E 230 -40.58 8.24 6.20
C ALA E 230 -41.84 8.23 5.34
N ASP E 231 -42.54 7.09 5.35
CA ASP E 231 -43.58 6.86 4.37
C ASP E 231 -44.99 6.75 4.94
N ASN E 232 -45.17 6.62 6.24
CA ASN E 232 -46.51 6.77 6.82
C ASN E 232 -46.59 8.00 7.72
N GLN E 233 -45.75 8.09 8.73
CA GLN E 233 -45.76 9.21 9.66
C GLN E 233 -44.33 9.57 10.03
N THR E 234 -44.18 10.79 10.55
CA THR E 234 -42.91 11.24 11.10
C THR E 234 -42.55 10.40 12.32
N VAL E 235 -41.31 9.93 12.36
CA VAL E 235 -40.88 8.97 13.36
C VAL E 235 -39.79 9.59 14.22
N ALA E 236 -39.64 9.04 15.43
CA ALA E 236 -38.70 9.55 16.43
C ALA E 236 -37.83 8.39 16.90
N ARG E 237 -36.66 8.25 16.29
CA ARG E 237 -35.71 7.21 16.68
C ARG E 237 -34.89 7.78 17.84
N ILE E 238 -35.00 7.17 19.00
CA ILE E 238 -34.46 7.73 20.23
C ILE E 238 -33.34 6.84 20.74
N ASP E 239 -32.27 7.47 21.21
CA ASP E 239 -31.23 6.76 21.95
C ASP E 239 -31.84 6.37 23.31
N PRO E 240 -31.28 5.38 24.03
CA PRO E 240 -31.88 5.01 25.33
C PRO E 240 -31.80 6.09 26.40
N SER E 241 -32.58 7.17 26.18
CA SER E 241 -32.59 8.40 26.98
C SER E 241 -31.18 8.96 27.20
N GLU E 242 -30.31 8.79 26.21
CA GLU E 242 -28.90 9.04 26.45
C GLU E 242 -28.59 10.53 26.32
N ASN E 243 -28.66 11.05 25.10
CA ASN E 243 -28.56 12.48 24.90
C ASN E 243 -29.57 13.03 23.90
N LEU E 244 -29.83 12.32 22.81
CA LEU E 244 -30.47 12.92 21.65
C LEU E 244 -31.50 11.97 21.07
N ALA E 245 -32.16 12.43 20.01
CA ALA E 245 -33.13 11.63 19.28
C ALA E 245 -33.25 12.17 17.87
N ILE E 246 -33.26 11.27 16.89
CA ILE E 246 -33.32 11.65 15.49
C ILE E 246 -34.78 11.67 15.07
N ILE E 247 -35.22 12.82 14.56
CA ILE E 247 -36.55 12.96 14.00
C ILE E 247 -36.43 12.81 12.49
N GLN E 248 -37.26 11.97 11.90
CA GLN E 248 -37.33 11.84 10.44
C GLN E 248 -38.73 12.22 10.00
N LEU E 249 -38.83 13.34 9.27
CA LEU E 249 -40.13 13.82 8.84
C LEU E 249 -40.68 12.98 7.69
N LYS E 250 -41.97 13.15 7.44
CA LYS E 250 -42.58 12.61 6.23
C LYS E 250 -42.55 13.62 5.10
N ASP E 251 -42.93 14.87 5.39
CA ASP E 251 -43.05 15.90 4.38
C ASP E 251 -41.70 16.57 4.18
N PRO E 252 -41.10 16.52 2.99
CA PRO E 252 -39.91 17.32 2.76
C PRO E 252 -40.26 18.80 2.69
N VAL E 253 -39.51 19.60 3.44
CA VAL E 253 -39.76 21.04 3.55
C VAL E 253 -38.71 21.75 2.71
N LYS E 254 -39.17 22.56 1.76
CA LYS E 254 -38.24 23.25 0.87
C LYS E 254 -37.53 24.38 1.61
N ILE E 255 -36.25 24.52 1.33
CA ILE E 255 -35.43 25.59 1.88
C ILE E 255 -34.54 26.14 0.78
N THR E 256 -34.52 27.46 0.64
CA THR E 256 -33.67 28.14 -0.31
C THR E 256 -32.70 29.02 0.46
N CYS E 257 -31.48 29.16 -0.05
CA CYS E 257 -30.48 30.02 0.56
C CYS E 257 -29.77 30.80 -0.52
N ARG E 258 -29.47 32.07 -0.23
CA ARG E 258 -29.01 33.00 -1.25
C ARG E 258 -27.82 33.79 -0.72
N ARG E 259 -26.83 34.00 -1.59
CA ARG E 259 -25.84 35.06 -1.40
C ARG E 259 -25.77 35.85 -2.68
N PRO E 260 -26.30 37.06 -2.73
CA PRO E 260 -26.36 37.82 -3.99
C PRO E 260 -25.07 38.57 -4.27
N GLY E 261 -24.85 38.80 -5.57
CA GLY E 261 -23.75 39.63 -6.01
C GLY E 261 -22.52 38.83 -6.41
N ASN E 262 -21.60 39.53 -7.05
CA ASN E 262 -20.33 38.96 -7.46
C ASN E 262 -19.25 39.28 -6.44
N ASN E 263 -18.09 38.66 -6.62
CA ASN E 263 -16.91 38.96 -5.82
C ASN E 263 -15.72 38.99 -6.76
N THR E 264 -15.13 40.18 -6.92
CA THR E 264 -13.90 40.29 -7.70
C THR E 264 -12.78 39.59 -6.96
N ARG E 265 -12.07 38.71 -7.67
CA ARG E 265 -11.06 37.86 -7.09
C ARG E 265 -9.70 38.17 -7.69
N GLY E 266 -8.69 38.30 -6.83
CA GLY E 266 -7.33 38.52 -7.26
C GLY E 266 -6.44 37.33 -6.95
N GLN E 267 -5.15 37.51 -7.23
CA GLN E 267 -4.14 36.50 -6.96
C GLN E 267 -2.94 37.12 -6.26
N ILE E 268 -2.37 36.39 -5.33
CA ILE E 268 -1.16 36.81 -4.62
C ILE E 268 -0.21 35.62 -4.58
N GLN E 269 1.00 35.82 -5.08
CA GLN E 269 2.03 34.78 -5.06
C GLN E 269 2.70 34.78 -3.70
N ILE E 270 2.33 33.84 -2.84
CA ILE E 270 3.03 33.69 -1.57
C ILE E 270 4.41 33.11 -1.79
N GLY E 271 4.48 32.01 -2.53
CA GLY E 271 5.74 31.38 -2.84
C GLY E 271 5.72 30.73 -4.20
N PRO E 272 6.62 29.78 -4.43
CA PRO E 272 6.62 29.06 -5.70
C PRO E 272 5.39 28.17 -5.83
N ALA E 273 4.52 28.53 -6.78
CA ALA E 273 3.21 27.91 -7.03
C ALA E 273 2.34 27.91 -5.78
N MET E 274 2.50 28.90 -4.92
CA MET E 274 1.70 29.06 -3.71
C MET E 274 0.80 30.27 -3.96
N THR E 275 -0.32 30.02 -4.62
CA THR E 275 -1.13 31.08 -5.21
C THR E 275 -2.36 31.28 -4.34
N PHE E 276 -2.27 32.23 -3.43
CA PHE E 276 -3.41 32.60 -2.59
C PHE E 276 -4.46 33.32 -3.41
N TYR E 277 -5.72 33.01 -3.14
CA TYR E 277 -6.83 33.69 -3.79
C TYR E 277 -7.46 34.67 -2.82
N ASN E 278 -7.67 35.89 -3.29
CA ASN E 278 -8.05 37.02 -2.45
C ASN E 278 -9.42 37.51 -2.84
N ILE E 279 -10.26 37.78 -1.84
CA ILE E 279 -11.51 38.50 -2.07
C ILE E 279 -11.12 39.95 -2.27
N GLU E 280 -11.04 40.37 -3.53
CA GLU E 280 -10.58 41.72 -3.83
C GLU E 280 -11.65 42.76 -3.59
N ASN E 281 -12.87 42.52 -4.07
CA ASN E 281 -13.92 43.52 -3.94
C ASN E 281 -15.28 42.86 -4.02
N VAL E 282 -16.25 43.48 -3.37
CA VAL E 282 -17.66 43.10 -3.47
C VAL E 282 -18.34 44.08 -4.40
N VAL E 283 -19.01 43.58 -5.43
CA VAL E 283 -19.46 44.39 -6.56
C VAL E 283 -20.98 44.58 -6.56
N GLY E 284 -21.73 43.49 -6.68
CA GLY E 284 -23.13 43.58 -7.06
C GLY E 284 -24.10 44.17 -6.05
N ASP E 285 -24.34 43.44 -4.96
CA ASP E 285 -25.33 43.86 -4.00
C ASP E 285 -24.78 43.62 -2.60
N THR E 286 -25.20 44.47 -1.67
CA THR E 286 -24.68 44.47 -0.32
C THR E 286 -25.50 43.62 0.64
N ARG E 287 -26.58 43.00 0.17
CA ARG E 287 -27.48 42.27 1.05
C ARG E 287 -26.81 41.02 1.62
N LYS E 288 -27.05 40.77 2.90
CA LYS E 288 -26.42 39.65 3.60
C LYS E 288 -26.98 38.33 3.08
N ALA E 289 -26.22 37.27 3.34
CA ALA E 289 -26.66 35.94 2.93
C ALA E 289 -27.80 35.49 3.81
N TYR E 290 -28.88 35.00 3.20
CA TYR E 290 -30.06 34.68 3.97
C TYR E 290 -30.73 33.44 3.40
N CYS E 291 -31.48 32.76 4.26
CA CYS E 291 -32.23 31.58 3.86
C CYS E 291 -33.72 31.83 4.08
N GLU E 292 -34.53 31.07 3.36
CA GLU E 292 -35.96 31.36 3.26
C GLU E 292 -36.74 30.05 3.19
N ILE E 293 -37.72 29.89 4.08
CA ILE E 293 -38.57 28.71 4.12
C ILE E 293 -40.03 29.13 4.18
N ASN E 294 -40.90 28.22 3.77
CA ASN E 294 -42.34 28.40 3.91
C ASN E 294 -42.73 28.14 5.37
N GLY E 295 -43.47 29.08 5.94
CA GLY E 295 -43.79 29.01 7.36
C GLY E 295 -44.87 28.00 7.70
N THR E 296 -45.81 27.77 6.77
CA THR E 296 -46.91 26.86 7.05
C THR E 296 -46.44 25.42 7.08
N GLN E 297 -45.56 25.05 6.15
CA GLN E 297 -44.98 23.71 6.11
C GLN E 297 -44.17 23.45 7.37
N TRP E 298 -43.44 24.46 7.83
CA TRP E 298 -42.64 24.33 9.04
C TRP E 298 -43.53 24.25 10.27
N ALA E 299 -44.67 24.95 10.24
CA ALA E 299 -45.64 24.85 11.32
C ALA E 299 -46.21 23.44 11.42
N LYS E 300 -46.57 22.86 10.27
CA LYS E 300 -47.08 21.49 10.25
C LYS E 300 -46.01 20.51 10.71
N ALA E 301 -44.76 20.73 10.31
CA ALA E 301 -43.68 19.81 10.69
C ALA E 301 -43.40 19.85 12.18
N LEU E 302 -43.36 21.04 12.77
CA LEU E 302 -43.14 21.13 14.22
C LEU E 302 -44.33 20.61 15.01
N ASN E 303 -45.55 20.89 14.52
CA ASN E 303 -46.72 20.44 15.24
C ASN E 303 -46.89 18.93 15.14
N GLU E 304 -46.34 18.32 14.10
CA GLU E 304 -46.28 16.87 14.02
C GLU E 304 -45.21 16.32 14.94
N THR E 305 -44.03 16.97 14.98
CA THR E 305 -42.90 16.47 15.75
C THR E 305 -43.19 16.51 17.25
N LYS E 306 -43.93 17.53 17.69
CA LYS E 306 -44.32 17.63 19.10
C LYS E 306 -45.17 16.44 19.52
N GLU E 307 -46.12 16.03 18.69
CA GLU E 307 -46.97 14.90 19.07
C GLU E 307 -46.23 13.57 18.95
N VAL E 308 -45.33 13.45 17.98
CA VAL E 308 -44.57 12.21 17.83
C VAL E 308 -43.64 12.00 19.02
N LEU E 309 -43.05 13.08 19.53
CA LEU E 309 -42.28 12.96 20.77
C LEU E 309 -43.19 12.83 21.99
N ARG E 310 -44.39 13.40 21.93
CA ARG E 310 -45.26 13.45 23.09
C ARG E 310 -45.86 12.09 23.41
N ASN E 311 -46.23 11.34 22.37
CA ASN E 311 -46.84 10.02 22.60
C ASN E 311 -45.85 9.04 23.18
N ILE E 312 -44.57 9.20 22.88
CA ILE E 312 -43.55 8.27 23.34
C ILE E 312 -42.99 8.67 24.69
N LEU E 313 -42.63 9.95 24.88
CA LEU E 313 -42.07 10.36 26.16
C LEU E 313 -43.13 10.75 27.18
N ARG E 314 -44.41 10.61 26.84
CA ARG E 314 -45.57 10.76 27.73
C ARG E 314 -45.68 12.14 28.36
N LYS E 315 -44.95 13.13 27.87
CA LYS E 315 -44.90 14.44 28.49
C LYS E 315 -45.09 15.50 27.42
N ASN E 316 -45.70 16.61 27.81
CA ASN E 316 -45.94 17.71 26.89
C ASN E 316 -44.66 18.47 26.57
N ILE E 317 -44.53 18.87 25.30
CA ILE E 317 -43.27 19.21 24.66
C ILE E 317 -43.05 20.72 24.70
N SER E 318 -41.84 21.13 25.08
CA SER E 318 -41.40 22.53 24.97
C SER E 318 -40.14 22.60 24.11
N PHE E 319 -39.78 23.82 23.76
CA PHE E 319 -38.51 24.11 23.10
C PHE E 319 -37.81 25.25 23.82
N MET E 320 -36.48 25.25 23.77
CA MET E 320 -35.70 26.32 24.36
C MET E 320 -34.60 26.73 23.38
N VAL E 321 -34.38 28.03 23.28
CA VAL E 321 -33.30 28.62 22.49
C VAL E 321 -31.96 28.09 22.99
N PRO E 322 -31.03 27.72 22.12
CA PRO E 322 -29.73 27.22 22.59
C PRO E 322 -28.93 28.29 23.33
N SER E 323 -28.10 27.84 24.27
CA SER E 323 -27.32 28.73 25.10
C SER E 323 -26.15 29.32 24.31
N GLY E 324 -25.44 30.24 24.95
CA GLY E 324 -24.31 30.89 24.29
C GLY E 324 -23.12 29.95 24.17
N GLY E 325 -22.41 30.05 23.06
CA GLY E 325 -21.23 29.24 22.85
C GLY E 325 -20.83 29.01 21.41
N ASP E 326 -20.55 27.77 21.09
CA ASP E 326 -19.92 27.34 19.85
C ASP E 326 -20.93 27.38 18.71
N PRO E 327 -20.56 27.93 17.54
CA PRO E 327 -21.40 27.77 16.34
C PRO E 327 -21.53 26.34 15.83
N GLU E 328 -20.81 25.38 16.42
CA GLU E 328 -21.18 23.98 16.31
C GLU E 328 -22.62 23.74 16.72
N VAL E 329 -23.04 24.36 17.83
CA VAL E 329 -24.34 24.08 18.40
C VAL E 329 -25.30 25.26 18.33
N THR E 330 -24.80 26.50 18.32
CA THR E 330 -25.72 27.63 18.33
C THR E 330 -26.34 27.86 16.96
N ASN E 331 -25.64 27.49 15.89
CA ASN E 331 -26.05 27.88 14.56
C ASN E 331 -26.34 26.67 13.69
N HIS E 332 -26.92 26.94 12.54
CA HIS E 332 -27.00 25.96 11.47
C HIS E 332 -25.68 25.99 10.69
N HIS E 333 -25.39 24.88 10.00
CA HIS E 333 -24.13 24.75 9.29
C HIS E 333 -24.38 24.09 7.94
N PHE E 334 -24.55 24.89 6.90
CA PHE E 334 -24.73 24.39 5.55
C PHE E 334 -23.40 24.00 4.92
N ASN E 335 -23.48 23.63 3.64
CA ASN E 335 -22.37 23.74 2.70
C ASN E 335 -23.05 23.95 1.34
N CYS E 336 -23.22 25.21 0.95
CA CYS E 336 -24.07 25.53 -0.19
C CYS E 336 -23.34 25.29 -1.51
N GLY E 337 -22.30 26.06 -1.77
CA GLY E 337 -21.45 25.84 -2.92
C GLY E 337 -20.04 25.62 -2.42
N GLY E 338 -19.14 26.52 -2.79
CA GLY E 338 -17.83 26.54 -2.17
C GLY E 338 -17.79 27.47 -0.98
N GLU E 339 -18.91 27.60 -0.28
CA GLU E 339 -19.03 28.50 0.86
C GLU E 339 -19.51 27.72 2.07
N PHE E 340 -19.40 28.35 3.24
CA PHE E 340 -19.84 27.76 4.49
C PHE E 340 -20.76 28.76 5.18
N PHE E 341 -22.03 28.40 5.33
CA PHE E 341 -23.01 29.28 5.93
C PHE E 341 -23.15 28.93 7.39
N TYR E 342 -23.12 29.94 8.26
CA TYR E 342 -23.55 29.78 9.64
C TYR E 342 -24.83 30.59 9.80
N CYS E 343 -25.92 29.89 10.08
CA CYS E 343 -27.25 30.49 10.06
C CYS E 343 -27.85 30.48 11.46
N ASN E 344 -28.53 31.59 11.79
CA ASN E 344 -29.05 31.82 13.12
C ASN E 344 -30.49 31.32 13.17
N THR E 345 -30.70 30.14 13.72
CA THR E 345 -32.01 29.51 13.76
C THR E 345 -32.72 29.70 15.09
N SER E 346 -32.26 30.63 15.92
CA SER E 346 -32.91 30.85 17.21
C SER E 346 -34.25 31.54 17.09
N GLU E 347 -34.57 32.10 15.93
CA GLU E 347 -35.85 32.73 15.71
C GLU E 347 -36.87 31.75 15.16
N ILE E 348 -36.44 30.76 14.37
CA ILE E 348 -37.39 29.97 13.60
C ILE E 348 -38.14 28.94 14.46
N ILE E 349 -37.65 28.60 15.66
CA ILE E 349 -38.42 27.73 16.52
C ILE E 349 -39.31 28.60 17.43
N ASN E 350 -40.30 29.25 16.82
CA ASN E 350 -41.31 30.01 17.56
C ASN E 350 -42.59 30.14 16.75
N ILE E 351 -42.97 29.08 16.02
CA ILE E 351 -43.82 29.20 14.82
C ILE E 351 -45.22 29.78 15.07
N THR E 352 -45.65 29.89 16.33
CA THR E 352 -46.92 30.55 16.65
C THR E 352 -46.94 32.00 16.21
N LYS E 353 -45.83 32.72 16.42
CA LYS E 353 -45.70 34.07 15.89
C LYS E 353 -45.45 34.05 14.39
N ILE E 354 -44.71 33.05 13.92
CA ILE E 354 -44.12 33.11 12.59
C ILE E 354 -45.17 32.85 11.51
N ASN E 355 -46.11 31.95 11.78
CA ASN E 355 -47.09 31.54 10.76
C ASN E 355 -48.13 32.62 10.45
N LYS E 356 -48.14 33.74 11.18
CA LYS E 356 -49.03 34.84 10.83
C LYS E 356 -48.64 35.48 9.50
N THR E 357 -47.34 35.69 9.28
CA THR E 357 -46.87 36.29 8.04
C THR E 357 -47.00 35.28 6.92
N GLU E 358 -47.94 35.54 6.02
CA GLU E 358 -48.23 34.69 4.87
C GLU E 358 -47.31 34.95 3.70
N ASN E 359 -46.27 35.75 3.87
CA ASN E 359 -45.45 36.17 2.74
C ASN E 359 -44.30 35.20 2.51
N MET E 360 -43.37 35.12 3.49
CA MET E 360 -42.38 34.09 3.80
C MET E 360 -41.58 34.57 5.01
N THR E 361 -40.69 33.74 5.51
CA THR E 361 -39.82 34.13 6.62
C THR E 361 -38.36 34.07 6.18
N ILE E 362 -37.52 34.80 6.91
CA ILE E 362 -36.12 35.02 6.54
C ILE E 362 -35.24 34.64 7.72
N ILE E 363 -34.26 33.78 7.47
CA ILE E 363 -33.21 33.47 8.44
C ILE E 363 -31.94 34.16 7.97
N PRO E 364 -31.33 35.02 8.79
CA PRO E 364 -30.06 35.62 8.40
C PRO E 364 -28.90 34.64 8.58
N CYS E 365 -27.91 34.76 7.71
CA CYS E 365 -26.77 33.86 7.72
C CYS E 365 -25.50 34.67 7.51
N ARG E 366 -24.38 34.09 7.94
CA ARG E 366 -23.07 34.72 7.81
C ARG E 366 -22.13 33.79 7.07
N ILE E 367 -21.18 34.38 6.38
CA ILE E 367 -20.22 33.64 5.58
C ILE E 367 -18.97 33.43 6.42
N ARG E 368 -18.38 32.25 6.31
CA ARG E 368 -17.11 31.96 6.97
C ARG E 368 -16.11 31.43 5.96
N GLN E 369 -14.91 31.99 6.01
CA GLN E 369 -13.84 31.51 5.14
C GLN E 369 -12.98 30.45 5.79
N ILE E 370 -12.82 30.49 7.10
CA ILE E 370 -11.91 29.61 7.82
C ILE E 370 -12.73 28.65 8.66
N VAL E 371 -12.61 27.36 8.39
CA VAL E 371 -13.36 26.33 9.09
C VAL E 371 -12.40 25.29 9.61
N ASN E 372 -12.39 25.08 10.92
CA ASN E 372 -11.82 23.88 11.50
C ASN E 372 -12.83 22.77 11.29
N SER E 373 -12.51 21.83 10.39
CA SER E 373 -13.50 21.12 9.60
C SER E 373 -14.39 20.21 10.45
N TRP E 374 -15.69 20.54 10.45
CA TRP E 374 -16.79 19.68 10.81
C TRP E 374 -16.83 19.33 12.29
N MET E 375 -16.00 20.01 13.10
CA MET E 375 -15.93 19.93 14.56
C MET E 375 -15.52 18.56 15.10
N ARG E 376 -15.21 17.62 14.22
CA ARG E 376 -14.67 16.32 14.57
C ARG E 376 -13.40 16.00 13.80
N VAL E 377 -13.32 16.43 12.55
CA VAL E 377 -12.06 16.36 11.81
C VAL E 377 -11.12 17.46 12.28
N GLY E 378 -11.58 18.71 12.18
CA GLY E 378 -10.79 19.85 12.61
C GLY E 378 -9.65 20.22 11.71
N LYS E 379 -9.52 19.57 10.55
CA LYS E 379 -8.44 19.90 9.63
C LYS E 379 -8.73 21.23 8.97
N GLY E 380 -8.00 22.26 9.38
CA GLY E 380 -8.31 23.64 9.05
C GLY E 380 -8.26 23.96 7.57
N ILE E 381 -9.44 24.16 6.98
CA ILE E 381 -9.59 24.42 5.56
C ILE E 381 -9.95 25.89 5.37
N PHE E 382 -9.18 26.57 4.51
CA PHE E 382 -9.51 27.93 4.11
C PHE E 382 -10.38 27.84 2.87
N ALA E 383 -11.56 28.43 2.92
CA ALA E 383 -12.49 28.33 1.80
C ALA E 383 -11.98 29.20 0.65
N PRO E 384 -11.95 28.68 -0.58
CA PRO E 384 -11.62 29.54 -1.70
C PRO E 384 -12.77 30.47 -2.01
N PRO E 385 -12.49 31.68 -2.47
CA PRO E 385 -13.58 32.61 -2.78
C PRO E 385 -14.33 32.18 -4.03
N ILE E 386 -15.65 32.18 -3.95
CA ILE E 386 -16.50 31.82 -5.08
C ILE E 386 -16.93 33.12 -5.76
N ARG E 387 -16.43 33.33 -6.97
CA ARG E 387 -16.91 34.42 -7.80
C ARG E 387 -18.33 34.11 -8.25
N GLY E 388 -19.26 34.98 -7.91
CA GLY E 388 -20.56 34.82 -8.50
C GLY E 388 -21.76 34.90 -7.58
N ASN E 389 -22.81 35.50 -8.12
CA ASN E 389 -24.19 35.31 -7.71
C ASN E 389 -24.47 33.83 -7.46
N ILE E 390 -24.86 33.49 -6.25
CA ILE E 390 -24.95 32.09 -5.85
C ILE E 390 -26.21 31.87 -5.01
N THR E 391 -26.98 30.84 -5.38
CA THR E 391 -28.09 30.33 -4.60
C THR E 391 -27.98 28.81 -4.55
N CYS E 392 -28.68 28.22 -3.59
CA CYS E 392 -28.86 26.78 -3.56
C CYS E 392 -30.13 26.45 -2.80
N THR E 393 -30.89 25.49 -3.31
CA THR E 393 -32.08 25.02 -2.64
C THR E 393 -31.93 23.54 -2.31
N SER E 394 -32.68 23.08 -1.32
CA SER E 394 -32.58 21.71 -0.84
C SER E 394 -33.85 21.38 -0.05
N ASN E 395 -33.91 20.15 0.44
CA ASN E 395 -35.04 19.67 1.21
C ASN E 395 -34.66 19.51 2.68
N ILE E 396 -35.65 19.68 3.53
CA ILE E 396 -35.52 19.40 4.95
C ILE E 396 -36.26 18.11 5.22
N THR E 397 -35.53 17.07 5.58
CA THR E 397 -36.13 15.78 5.84
C THR E 397 -36.02 15.34 7.28
N GLY E 398 -35.02 15.79 8.01
CA GLY E 398 -34.79 15.30 9.35
C GLY E 398 -34.15 16.34 10.23
N MET E 399 -34.27 16.12 11.54
CA MET E 399 -33.70 16.98 12.55
C MET E 399 -32.97 16.13 13.58
N LEU E 400 -32.06 16.75 14.32
CA LEU E 400 -31.31 16.05 15.36
C LEU E 400 -31.61 16.74 16.68
N LEU E 401 -32.72 16.38 17.30
CA LEU E 401 -33.10 17.02 18.56
C LEU E 401 -32.36 16.38 19.72
N GLU E 402 -32.09 17.19 20.74
CA GLU E 402 -31.48 16.73 21.98
C GLU E 402 -32.57 16.56 23.02
N ILE E 403 -32.48 15.46 23.79
CA ILE E 403 -33.47 15.15 24.81
C ILE E 403 -33.43 16.22 25.89
N HIS E 404 -34.61 16.54 26.43
CA HIS E 404 -34.70 17.58 27.45
C HIS E 404 -34.03 17.13 28.73
N LYS E 405 -33.69 18.09 29.57
CA LYS E 405 -33.09 17.78 30.84
C LYS E 405 -34.19 17.42 31.84
N ASN E 406 -33.87 16.49 32.73
CA ASN E 406 -34.88 15.81 33.55
C ASN E 406 -35.41 16.75 34.63
N ARG E 407 -36.26 16.22 35.51
CA ARG E 407 -36.81 16.98 36.63
C ARG E 407 -35.87 16.89 37.85
N GLU E 408 -34.60 17.19 37.58
CA GLU E 408 -33.57 17.34 38.59
C GLU E 408 -32.64 18.52 38.33
N ASP E 409 -32.58 19.04 37.11
CA ASP E 409 -31.63 20.09 36.73
C ASP E 409 -32.27 21.44 36.52
N GLN E 410 -33.56 21.49 36.19
CA GLN E 410 -34.22 22.74 35.80
C GLN E 410 -35.01 23.38 36.92
N GLY E 411 -35.13 22.72 38.08
CA GLY E 411 -35.82 23.33 39.22
C GLY E 411 -37.34 23.31 39.12
N GLU E 412 -37.88 23.93 38.07
CA GLU E 412 -39.31 23.93 37.81
C GLU E 412 -39.72 22.53 37.33
N ASP E 413 -41.04 22.33 37.19
CA ASP E 413 -41.59 21.07 36.69
C ASP E 413 -41.05 20.72 35.32
N GLN E 414 -40.80 19.43 35.11
CA GLN E 414 -40.44 18.91 33.80
C GLN E 414 -41.45 17.93 33.24
N ASP E 415 -42.43 17.50 34.03
CA ASP E 415 -43.72 17.16 33.44
C ASP E 415 -44.27 18.41 32.77
N GLN E 416 -44.86 18.22 31.60
CA GLN E 416 -45.47 19.22 30.70
C GLN E 416 -44.51 20.33 30.26
N ASN E 417 -43.22 20.24 30.56
CA ASN E 417 -42.27 21.32 30.30
C ASN E 417 -40.94 20.76 29.77
N ASN E 418 -41.00 19.94 28.72
CA ASN E 418 -39.82 19.26 28.22
C ASN E 418 -38.85 20.28 27.61
N THR E 419 -37.89 20.69 28.41
CA THR E 419 -37.02 21.83 28.12
C THR E 419 -35.90 21.38 27.19
N TYR E 420 -36.13 21.49 25.88
CA TYR E 420 -35.10 21.21 24.87
C TYR E 420 -34.14 22.39 24.83
N VAL E 421 -33.16 22.37 25.75
CA VAL E 421 -32.23 23.48 25.91
C VAL E 421 -31.33 23.62 24.69
N CYS E 422 -31.11 22.54 23.95
CA CYS E 422 -30.46 22.62 22.65
C CYS E 422 -31.20 21.70 21.69
N LEU E 423 -30.91 21.86 20.40
CA LEU E 423 -31.53 21.07 19.34
C LEU E 423 -30.47 20.47 18.43
N THR E 424 -29.33 20.10 18.99
CA THR E 424 -28.12 19.94 18.21
C THR E 424 -27.65 18.50 18.20
N GLY E 425 -26.76 18.23 17.26
CA GLY E 425 -25.81 17.16 17.38
C GLY E 425 -24.53 17.59 16.71
N GLY E 426 -23.43 17.63 17.46
CA GLY E 426 -22.17 18.00 16.85
C GLY E 426 -21.53 16.91 16.05
N ASN E 427 -21.96 15.68 16.23
CA ASN E 427 -21.40 14.55 15.51
C ASN E 427 -21.91 14.53 14.08
N MET E 428 -21.00 14.38 13.12
CA MET E 428 -21.43 14.05 11.77
C MET E 428 -21.87 12.61 11.66
N LYS E 429 -21.50 11.80 12.65
CA LYS E 429 -21.88 10.39 12.71
C LYS E 429 -23.38 10.19 12.86
N ASP E 430 -24.05 11.11 13.56
CA ASP E 430 -25.46 10.91 13.89
C ASP E 430 -26.36 11.08 12.68
N ILE E 431 -25.94 11.87 11.69
CA ILE E 431 -26.64 11.91 10.41
C ILE E 431 -26.55 10.55 9.74
N TRP E 432 -25.39 9.94 9.82
CA TRP E 432 -25.14 8.67 9.16
C TRP E 432 -25.79 7.52 9.88
N ARG E 433 -26.17 7.72 11.15
CA ARG E 433 -27.09 6.78 11.78
C ARG E 433 -28.50 6.92 11.26
N SER E 434 -28.87 8.08 10.73
CA SER E 434 -30.22 8.31 10.24
C SER E 434 -30.42 7.84 8.82
N GLU E 435 -29.43 7.20 8.22
CA GLU E 435 -29.59 6.61 6.90
C GLU E 435 -29.24 5.14 6.85
N LEU E 436 -28.64 4.59 7.90
CA LEU E 436 -28.27 3.19 7.96
C LEU E 436 -28.94 2.50 9.13
N TYR E 437 -30.22 2.79 9.33
CA TYR E 437 -31.03 2.10 10.31
C TYR E 437 -31.68 0.85 9.75
N LYS E 438 -31.41 0.52 8.49
CA LYS E 438 -32.05 -0.60 7.84
C LYS E 438 -31.14 -1.79 7.60
N TYR E 439 -29.83 -1.59 7.65
CA TYR E 439 -28.90 -2.52 7.04
C TYR E 439 -28.06 -3.23 8.10
N LYS E 440 -27.89 -4.53 7.91
CA LYS E 440 -27.07 -5.36 8.77
C LYS E 440 -26.13 -6.19 7.90
N ILE E 441 -24.89 -6.34 8.33
CA ILE E 441 -23.92 -7.18 7.64
C ILE E 441 -23.95 -8.56 8.26
N VAL E 442 -24.17 -9.59 7.44
CA VAL E 442 -24.13 -10.97 7.91
C VAL E 442 -23.16 -11.76 7.05
N GLU E 443 -22.67 -12.84 7.65
CA GLU E 443 -21.73 -13.75 7.00
C GLU E 443 -22.41 -15.09 6.77
N ILE E 444 -22.23 -15.63 5.59
CA ILE E 444 -22.85 -16.90 5.22
C ILE E 444 -21.96 -18.04 5.67
N GLN E 445 -22.56 -19.04 6.31
CA GLN E 445 -21.87 -20.28 6.70
C GLN E 445 -22.40 -21.40 5.81
N PRO E 446 -21.74 -21.70 4.71
CA PRO E 446 -22.33 -22.63 3.74
C PRO E 446 -22.00 -24.10 3.97
N LEU E 447 -21.54 -24.48 5.16
CA LEU E 447 -21.08 -25.86 5.31
C LEU E 447 -22.23 -26.83 5.56
N GLY E 448 -22.87 -26.75 6.72
CA GLY E 448 -24.03 -27.58 6.98
C GLY E 448 -23.73 -29.03 7.31
N VAL E 449 -24.42 -29.57 8.32
CA VAL E 449 -24.30 -30.98 8.73
C VAL E 449 -25.69 -31.46 9.10
N ALA E 450 -26.13 -32.57 8.52
CA ALA E 450 -27.46 -33.08 8.80
C ALA E 450 -27.43 -34.59 8.84
N PRO E 451 -28.39 -35.21 9.53
CA PRO E 451 -28.62 -36.66 9.38
C PRO E 451 -29.60 -36.97 8.28
N THR E 452 -29.37 -38.10 7.60
CA THR E 452 -30.17 -38.46 6.43
C THR E 452 -30.18 -39.95 6.20
N LYS E 453 -31.07 -40.37 5.30
CA LYS E 453 -31.35 -41.79 5.06
C LYS E 453 -30.18 -42.52 4.42
N CYS E 454 -29.34 -41.83 3.65
CA CYS E 454 -28.39 -42.56 2.82
C CYS E 454 -27.18 -43.03 3.63
N ARG E 455 -26.33 -43.79 2.96
CA ARG E 455 -25.05 -44.23 3.50
C ARG E 455 -24.14 -44.52 2.33
N ARG E 456 -22.96 -43.90 2.32
CA ARG E 456 -22.05 -44.05 1.20
C ARG E 456 -21.35 -45.40 1.27
N TYR E 457 -21.26 -46.08 0.13
CA TYR E 457 -20.63 -47.39 0.05
C TYR E 457 -19.11 -47.26 0.10
N LEU F 1 -17.26 -7.80 -6.73
CA LEU F 1 -17.16 -8.87 -7.71
C LEU F 1 -16.40 -10.05 -7.12
N GLY F 2 -17.10 -11.12 -6.82
CA GLY F 2 -16.46 -12.40 -6.58
C GLY F 2 -16.73 -13.35 -7.73
N ALA F 3 -17.98 -13.33 -8.21
CA ALA F 3 -18.46 -14.13 -9.35
C ALA F 3 -18.21 -15.63 -9.18
N LEU F 4 -18.21 -16.11 -7.94
CA LEU F 4 -17.79 -17.48 -7.68
C LEU F 4 -18.73 -18.21 -6.72
N PHE F 5 -19.40 -17.44 -5.87
CA PHE F 5 -20.28 -17.99 -4.84
C PHE F 5 -21.61 -18.63 -5.27
N LEU F 6 -22.02 -19.61 -4.47
CA LEU F 6 -23.27 -20.32 -4.67
C LEU F 6 -24.14 -20.10 -3.43
N GLY F 7 -25.43 -20.36 -3.56
CA GLY F 7 -26.28 -20.26 -2.39
C GLY F 7 -26.69 -18.84 -2.06
N PHE F 8 -27.54 -18.25 -2.90
CA PHE F 8 -27.95 -16.86 -2.70
C PHE F 8 -29.12 -16.77 -1.71
N LEU F 9 -29.33 -17.81 -0.90
CA LEU F 9 -30.02 -17.83 0.40
C LEU F 9 -31.50 -17.47 0.31
N GLY F 10 -32.07 -17.55 -0.90
CA GLY F 10 -33.43 -17.06 -1.10
C GLY F 10 -34.48 -17.89 -0.40
N ALA F 11 -34.39 -19.21 -0.51
CA ALA F 11 -35.39 -20.10 0.05
C ALA F 11 -35.06 -20.49 1.49
N ALA F 12 -34.32 -19.66 2.22
CA ALA F 12 -33.90 -19.99 3.58
C ALA F 12 -35.07 -20.03 4.55
N GLY F 13 -36.07 -19.19 4.33
CA GLY F 13 -37.24 -19.19 5.19
C GLY F 13 -38.14 -20.39 5.00
N SER F 14 -38.01 -21.09 3.89
CA SER F 14 -38.79 -22.30 3.67
C SER F 14 -38.24 -23.45 4.52
N THR F 15 -38.93 -24.58 4.44
CA THR F 15 -38.56 -25.75 5.24
C THR F 15 -37.27 -26.35 4.69
N MET F 16 -36.39 -26.75 5.61
CA MET F 16 -35.06 -27.28 5.27
C MET F 16 -35.15 -28.53 4.40
N GLY F 17 -36.16 -29.37 4.65
CA GLY F 17 -36.29 -30.61 3.90
C GLY F 17 -36.67 -30.43 2.45
N ALA F 18 -37.20 -29.27 2.07
CA ALA F 18 -37.69 -29.04 0.72
C ALA F 18 -36.94 -27.96 -0.03
N ALA F 19 -35.84 -27.44 0.52
CA ALA F 19 -35.02 -26.46 -0.21
C ALA F 19 -34.21 -27.15 -1.30
N SER F 20 -33.38 -28.10 -0.90
CA SER F 20 -32.87 -29.24 -1.66
C SER F 20 -31.78 -28.99 -2.69
N VAL F 21 -31.52 -27.73 -3.12
CA VAL F 21 -30.23 -27.02 -3.23
C VAL F 21 -30.56 -25.70 -3.94
N VAL F 22 -29.91 -24.60 -3.56
CA VAL F 22 -29.97 -23.39 -4.39
C VAL F 22 -29.18 -23.62 -5.68
N LEU F 23 -29.83 -23.40 -6.82
CA LEU F 23 -29.34 -23.71 -8.18
C LEU F 23 -28.96 -25.18 -8.30
N SER F 55 -5.57 4.73 -3.13
CA SER F 55 -6.92 5.20 -2.86
C SER F 55 -7.56 4.39 -1.75
N VAL F 56 -8.84 4.67 -1.48
CA VAL F 56 -9.55 3.97 -0.41
C VAL F 56 -10.10 2.64 -0.91
N TRP F 57 -10.96 2.70 -1.93
CA TRP F 57 -11.65 1.50 -2.38
C TRP F 57 -10.74 0.54 -3.12
N GLY F 58 -9.59 1.00 -3.62
CA GLY F 58 -8.62 0.08 -4.18
C GLY F 58 -8.02 -0.84 -3.14
N ILE F 59 -7.66 -0.28 -1.98
CA ILE F 59 -7.20 -1.08 -0.85
C ILE F 59 -8.33 -1.96 -0.33
N LYS F 60 -9.57 -1.44 -0.37
CA LYS F 60 -10.74 -2.25 0.00
C LYS F 60 -10.90 -3.48 -0.91
N GLN F 61 -10.72 -3.28 -2.21
CA GLN F 61 -10.76 -4.39 -3.17
C GLN F 61 -9.63 -5.38 -2.91
N LEU F 62 -8.41 -4.87 -2.76
CA LEU F 62 -7.25 -5.75 -2.64
C LEU F 62 -7.22 -6.47 -1.29
N GLN F 63 -7.99 -6.01 -0.30
CA GLN F 63 -8.18 -6.78 0.91
C GLN F 63 -9.34 -7.78 0.79
N ALA F 64 -10.48 -7.32 0.29
CA ALA F 64 -11.70 -8.14 0.31
C ALA F 64 -11.62 -9.31 -0.67
N ARG F 65 -10.96 -9.13 -1.81
CA ARG F 65 -10.77 -10.24 -2.75
C ARG F 65 -9.96 -11.35 -2.12
N VAL F 66 -8.87 -10.99 -1.42
CA VAL F 66 -8.01 -11.99 -0.79
C VAL F 66 -8.73 -12.68 0.35
N LEU F 67 -9.53 -11.93 1.12
CA LEU F 67 -10.34 -12.51 2.19
C LEU F 67 -11.34 -13.51 1.65
N ALA F 68 -12.04 -13.15 0.56
CA ALA F 68 -13.04 -14.05 -0.01
C ALA F 68 -12.39 -15.29 -0.62
N VAL F 69 -11.24 -15.13 -1.27
CA VAL F 69 -10.55 -16.26 -1.89
C VAL F 69 -10.07 -17.24 -0.82
N GLU F 70 -9.49 -16.74 0.27
CA GLU F 70 -9.01 -17.64 1.31
C GLU F 70 -10.17 -18.29 2.06
N ARG F 71 -11.27 -17.55 2.26
CA ARG F 71 -12.42 -18.12 2.92
C ARG F 71 -13.07 -19.20 2.06
N TYR F 72 -13.01 -19.05 0.74
CA TYR F 72 -13.51 -20.11 -0.13
C TYR F 72 -12.59 -21.33 -0.10
N LEU F 73 -11.28 -21.10 -0.10
CA LEU F 73 -10.36 -22.24 -0.12
C LEU F 73 -10.40 -23.03 1.18
N ARG F 74 -10.76 -22.39 2.29
CA ARG F 74 -10.91 -23.15 3.53
C ARG F 74 -12.09 -24.12 3.44
N ASP F 75 -13.18 -23.68 2.80
CA ASP F 75 -14.31 -24.57 2.56
C ASP F 75 -13.92 -25.70 1.61
N GLN F 76 -13.09 -25.40 0.62
CA GLN F 76 -12.61 -26.47 -0.25
C GLN F 76 -11.67 -27.41 0.48
N GLN F 77 -11.00 -26.96 1.53
CA GLN F 77 -10.15 -27.89 2.28
C GLN F 77 -10.97 -28.79 3.17
N LEU F 78 -11.99 -28.25 3.83
CA LEU F 78 -12.86 -29.12 4.61
C LEU F 78 -13.65 -30.06 3.72
N LEU F 79 -13.96 -29.64 2.48
CA LEU F 79 -14.65 -30.53 1.57
C LEU F 79 -13.70 -31.52 0.91
N GLY F 80 -12.41 -31.19 0.84
CA GLY F 80 -11.45 -32.02 0.15
C GLY F 80 -11.08 -33.26 0.93
N LEU F 81 -10.93 -33.11 2.24
CA LEU F 81 -10.52 -34.24 3.06
C LEU F 81 -11.65 -35.20 3.37
N TRP F 82 -12.86 -34.94 2.86
CA TRP F 82 -13.98 -35.83 3.10
C TRP F 82 -14.31 -36.67 1.88
N GLY F 83 -13.48 -36.61 0.85
CA GLY F 83 -13.77 -37.31 -0.39
C GLY F 83 -14.96 -36.74 -1.13
N CYS F 84 -15.07 -35.41 -1.19
CA CYS F 84 -16.24 -34.78 -1.77
C CYS F 84 -15.91 -33.58 -2.62
N THR F 85 -14.71 -33.54 -3.19
CA THR F 85 -14.33 -32.42 -4.04
C THR F 85 -15.09 -32.48 -5.35
N GLY F 86 -15.95 -31.50 -5.57
CA GLY F 86 -16.76 -31.42 -6.77
C GLY F 86 -18.22 -31.76 -6.55
N LYS F 87 -18.55 -32.45 -5.47
CA LYS F 87 -19.94 -32.74 -5.18
C LYS F 87 -20.58 -31.64 -4.36
N THR F 88 -21.90 -31.59 -4.42
CA THR F 88 -22.69 -30.70 -3.57
C THR F 88 -23.35 -31.45 -2.42
N ILE F 89 -23.76 -32.69 -2.66
CA ILE F 89 -24.38 -33.53 -1.65
C ILE F 89 -23.56 -34.81 -1.55
N CYS F 90 -23.17 -35.16 -0.33
CA CYS F 90 -22.44 -36.41 -0.11
C CYS F 90 -23.14 -37.25 0.94
N CYS F 91 -22.82 -38.53 0.91
CA CYS F 91 -23.07 -39.44 2.01
C CYS F 91 -21.71 -39.82 2.60
N THR F 92 -21.75 -40.55 3.71
CA THR F 92 -20.51 -41.07 4.29
C THR F 92 -20.84 -42.36 5.03
N ALA F 93 -19.85 -42.90 5.74
CA ALA F 93 -20.02 -44.10 6.52
C ALA F 93 -20.15 -43.82 8.02
N VAL F 94 -20.08 -42.57 8.43
CA VAL F 94 -20.07 -42.23 9.85
C VAL F 94 -21.49 -42.26 10.38
N ARG F 95 -21.72 -43.05 11.43
CA ARG F 95 -23.02 -43.08 12.08
C ARG F 95 -23.25 -41.79 12.86
N TRP F 96 -24.53 -41.48 13.05
CA TRP F 96 -24.95 -40.29 13.76
C TRP F 96 -25.23 -40.66 15.21
N ASN F 97 -24.46 -40.07 16.12
CA ASN F 97 -24.68 -40.36 17.53
C ASN F 97 -25.95 -39.68 18.02
N LYS F 98 -26.65 -40.36 18.93
CA LYS F 98 -27.85 -39.80 19.52
C LYS F 98 -27.56 -38.83 20.65
N THR F 99 -26.28 -38.59 20.96
CA THR F 99 -25.90 -37.48 21.81
C THR F 99 -25.55 -36.24 21.01
N TRP F 100 -25.37 -36.38 19.70
CA TRP F 100 -25.01 -35.26 18.84
C TRP F 100 -26.22 -34.36 18.63
N GLY F 101 -26.41 -33.44 19.56
CA GLY F 101 -27.58 -32.60 19.51
C GLY F 101 -28.75 -33.26 20.20
N ASN F 102 -29.86 -32.53 20.25
CA ASN F 102 -31.04 -33.03 20.94
C ASN F 102 -31.80 -33.89 19.95
N ILE F 103 -31.81 -35.20 20.19
CA ILE F 103 -32.21 -36.18 19.19
C ILE F 103 -33.62 -36.66 19.47
N SER F 104 -34.45 -36.60 18.43
CA SER F 104 -35.83 -37.06 18.45
C SER F 104 -36.04 -37.77 17.12
N ASP F 105 -37.30 -37.92 16.71
CA ASP F 105 -37.58 -38.38 15.36
C ASP F 105 -36.97 -37.42 14.35
N TYR F 106 -36.11 -37.97 13.48
CA TYR F 106 -35.37 -37.14 12.54
C TYR F 106 -36.26 -36.57 11.44
N GLN F 107 -37.41 -37.21 11.19
CA GLN F 107 -38.34 -36.70 10.19
C GLN F 107 -38.96 -35.39 10.67
N VAL F 108 -39.12 -35.24 11.99
CA VAL F 108 -39.51 -33.97 12.58
C VAL F 108 -38.43 -32.92 12.36
N ILE F 109 -37.16 -33.34 12.42
CA ILE F 109 -36.05 -32.42 12.18
C ILE F 109 -36.07 -31.91 10.74
N TRP F 110 -36.40 -32.78 9.79
CA TRP F 110 -36.52 -32.33 8.42
C TRP F 110 -37.77 -31.48 8.19
N ASN F 111 -38.87 -31.81 8.86
CA ASN F 111 -40.13 -31.19 8.52
C ASN F 111 -40.41 -29.89 9.27
N ASN F 112 -39.77 -29.66 10.42
CA ASN F 112 -40.17 -28.57 11.29
C ASN F 112 -39.04 -27.59 11.61
N TYR F 113 -37.89 -27.73 10.98
CA TYR F 113 -36.77 -26.83 11.22
C TYR F 113 -36.39 -26.10 9.95
N THR F 114 -35.59 -25.06 10.14
CA THR F 114 -34.82 -24.42 9.09
C THR F 114 -33.34 -24.52 9.45
N TRP F 115 -32.49 -23.99 8.58
CA TRP F 115 -31.06 -24.10 8.80
C TRP F 115 -30.61 -23.25 9.98
N GLN F 116 -31.23 -22.09 10.19
CA GLN F 116 -30.93 -21.27 11.36
C GLN F 116 -31.33 -21.97 12.65
N GLN F 117 -32.40 -22.75 12.62
CA GLN F 117 -32.80 -23.47 13.82
C GLN F 117 -31.91 -24.67 14.06
N TRP F 118 -31.53 -25.39 13.01
CA TRP F 118 -30.72 -26.59 13.19
C TRP F 118 -29.27 -26.24 13.50
N ASP F 119 -28.80 -25.07 13.06
CA ASP F 119 -27.41 -24.69 13.25
C ASP F 119 -27.08 -24.42 14.70
N ARG F 120 -28.07 -24.05 15.51
CA ARG F 120 -27.87 -23.94 16.95
C ARG F 120 -27.56 -25.30 17.56
N GLU F 121 -28.21 -26.34 17.07
CA GLU F 121 -27.98 -27.67 17.61
C GLU F 121 -26.76 -28.33 16.99
N VAL F 122 -26.29 -27.80 15.86
CA VAL F 122 -25.06 -28.29 15.24
C VAL F 122 -23.84 -28.02 16.13
N ASN F 123 -23.80 -26.84 16.76
CA ASN F 123 -22.65 -26.44 17.56
C ASN F 123 -22.49 -27.33 18.79
N ASN F 124 -21.28 -27.27 19.37
CA ASN F 124 -20.63 -28.14 20.36
C ASN F 124 -20.18 -29.47 19.73
N TYR F 125 -20.50 -29.69 18.46
CA TYR F 125 -20.19 -30.95 17.79
C TYR F 125 -19.41 -30.71 16.51
N THR F 126 -18.78 -29.55 16.40
CA THR F 126 -18.12 -29.15 15.17
C THR F 126 -16.85 -29.94 14.94
N GLY F 127 -15.88 -29.80 15.85
CA GLY F 127 -14.57 -30.40 15.64
C GLY F 127 -14.58 -31.91 15.74
N LEU F 128 -15.50 -32.47 16.53
CA LEU F 128 -15.59 -33.92 16.68
C LEU F 128 -15.99 -34.58 15.36
N ILE F 129 -17.06 -34.10 14.75
CA ILE F 129 -17.51 -34.66 13.47
C ILE F 129 -16.51 -34.29 12.37
N TYR F 130 -15.92 -33.09 12.45
CA TYR F 130 -14.99 -32.69 11.41
C TYR F 130 -13.64 -33.39 11.51
N THR F 131 -13.38 -34.09 12.62
CA THR F 131 -12.23 -34.98 12.70
C THR F 131 -12.62 -36.42 12.36
N LEU F 132 -13.83 -36.84 12.75
CA LEU F 132 -14.27 -38.20 12.45
C LEU F 132 -14.44 -38.44 10.97
N LEU F 133 -14.89 -37.42 10.22
CA LEU F 133 -15.02 -37.58 8.78
C LEU F 133 -13.66 -37.71 8.11
N GLU F 134 -12.69 -36.91 8.55
CA GLU F 134 -11.36 -36.97 7.96
C GLU F 134 -10.64 -38.26 8.33
N GLU F 135 -10.99 -38.84 9.47
CA GLU F 135 -10.46 -40.16 9.79
C GLU F 135 -11.14 -41.23 8.96
N ALA F 136 -12.46 -41.17 8.83
CA ALA F 136 -13.21 -42.26 8.21
C ALA F 136 -13.14 -42.25 6.69
N ASN F 137 -12.71 -41.16 6.06
CA ASN F 137 -12.54 -41.19 4.61
C ASN F 137 -11.11 -41.49 4.18
N THR F 138 -10.16 -40.63 4.54
CA THR F 138 -8.82 -40.73 3.98
C THR F 138 -8.01 -41.87 4.58
N GLN F 139 -8.45 -42.44 5.67
CA GLN F 139 -7.76 -43.57 6.29
C GLN F 139 -8.53 -44.86 6.20
N GLN F 140 -9.85 -44.83 6.44
CA GLN F 140 -10.60 -46.07 6.46
C GLN F 140 -10.89 -46.59 5.06
N GLU F 141 -11.09 -45.69 4.10
CA GLU F 141 -11.35 -46.15 2.74
C GLU F 141 -10.07 -46.40 1.97
N LYS F 142 -9.05 -45.54 2.14
CA LYS F 142 -7.85 -45.64 1.30
C LYS F 142 -7.01 -46.84 1.68
N ASN F 143 -6.94 -47.18 2.97
CA ASN F 143 -6.20 -48.36 3.38
C ASN F 143 -6.88 -49.63 2.87
N GLU F 144 -8.20 -49.68 2.96
CA GLU F 144 -8.92 -50.83 2.42
C GLU F 144 -8.92 -50.85 0.89
N LYS F 145 -8.64 -49.71 0.26
CA LYS F 145 -8.51 -49.71 -1.19
C LYS F 145 -7.14 -50.23 -1.61
N GLU F 146 -6.08 -49.84 -0.88
CA GLU F 146 -4.73 -50.19 -1.30
C GLU F 146 -4.26 -51.53 -0.75
N LEU F 147 -4.72 -51.94 0.43
CA LEU F 147 -4.22 -53.15 1.06
C LEU F 147 -5.11 -54.36 0.84
N LEU F 148 -6.43 -54.21 1.01
CA LEU F 148 -7.33 -55.32 0.76
C LEU F 148 -7.39 -55.65 -0.73
N GLU F 149 -7.41 -54.64 -1.57
CA GLU F 149 -7.26 -54.82 -3.01
C GLU F 149 -5.80 -54.53 -3.35
N LEU F 150 -5.09 -55.56 -3.82
CA LEU F 150 -3.65 -55.48 -4.04
C LEU F 150 -3.27 -54.53 -5.15
N ASP F 151 -4.20 -54.17 -6.01
CA ASP F 151 -3.90 -53.36 -7.17
C ASP F 151 -4.81 -52.14 -7.21
#